data_3L8Y
# 
_entry.id   3L8Y 
# 
_audit_conform.dict_name       mmcif_pdbx.dic 
_audit_conform.dict_version    5.380 
_audit_conform.dict_location   http://mmcif.pdb.org/dictionaries/ascii/mmcif_pdbx.dic 
# 
loop_
_database_2.database_id 
_database_2.database_code 
_database_2.pdbx_database_accession 
_database_2.pdbx_DOI 
PDB   3L8Y         pdb_00003l8y 10.2210/pdb3l8y/pdb 
RCSB  RCSB056982   ?            ?                   
WWPDB D_1000056982 ?            ?                   
# 
_pdbx_database_status.status_code                     REL 
_pdbx_database_status.entry_id                        3L8Y 
_pdbx_database_status.recvd_initial_deposition_date   2010-01-04 
_pdbx_database_status.deposit_site                    RCSB 
_pdbx_database_status.process_site                    PDBJ 
_pdbx_database_status.status_code_sf                  REL 
_pdbx_database_status.status_code_mr                  ? 
_pdbx_database_status.SG_entry                        ? 
_pdbx_database_status.status_code_cs                  ? 
_pdbx_database_status.pdb_format_compatible           Y 
_pdbx_database_status.methods_development_category    ? 
_pdbx_database_status.status_code_nmr_data            ? 
# 
loop_
_audit_author.name 
_audit_author.pdbx_ordinal 
'Rosnizeck, I.C.'  1  
'Graf, T.'         2  
'Spoerner, M.'     3  
'Traenkle, J.'     4  
'Filchtinski, D.'  5  
'Herrmann, C.'     6  
'Gremer, L.'       7  
'Vetter, I.R.'     8  
'Wittinghofer, A.' 9  
'Koenig, B.'       10 
'Kalbitzer, H.R.'  11 
# 
_citation.id                        primary 
_citation.title                     'Stabilizing a weak binding state for effectors in the human ras protein by cyclen complexes' 
_citation.journal_abbrev            Angew.Chem.Int.Ed.Engl. 
_citation.journal_volume            49 
_citation.page_first                3830 
_citation.page_last                 3833 
_citation.year                      2010 
_citation.journal_id_ASTM           ? 
_citation.country                   GE 
_citation.journal_id_ISSN           1433-7851 
_citation.journal_id_CSD            9999 
_citation.book_publisher            ? 
_citation.pdbx_database_id_PubMed   20401883 
_citation.pdbx_database_id_DOI      10.1002/anie.200907002 
# 
loop_
_citation_author.citation_id 
_citation_author.name 
_citation_author.ordinal 
_citation_author.identifier_ORCID 
primary 'Rosnizeck, I.C.'  1  ? 
primary 'Graf, T.'         2  ? 
primary 'Spoerner, M.'     3  ? 
primary 'Trankle, J.'      4  ? 
primary 'Filchtinski, D.'  5  ? 
primary 'Herrmann, C.'     6  ? 
primary 'Gremer, L.'       7  ? 
primary 'Vetter, I.R.'     8  ? 
primary 'Wittinghofer, A.' 9  ? 
primary 'Konig, B.'        10 ? 
primary 'Kalbitzer, H.R.'  11 ? 
# 
_cell.entry_id           3L8Y 
_cell.length_a           88.000 
_cell.length_b           88.000 
_cell.length_c           134.000 
_cell.angle_alpha        90.00 
_cell.angle_beta         90.00 
_cell.angle_gamma        120.00 
_cell.Z_PDB              18 
_cell.pdbx_unique_axis   ? 
_cell.length_a_esd       ? 
_cell.length_b_esd       ? 
_cell.length_c_esd       ? 
_cell.angle_alpha_esd    ? 
_cell.angle_beta_esd     ? 
_cell.angle_gamma_esd    ? 
# 
_symmetry.entry_id                         3L8Y 
_symmetry.space_group_name_H-M             'H 3 2' 
_symmetry.pdbx_full_space_group_name_H-M   ? 
_symmetry.cell_setting                     ? 
_symmetry.Int_Tables_number                155 
_symmetry.space_group_name_Hall            ? 
# 
loop_
_entity.id 
_entity.type 
_entity.src_method 
_entity.pdbx_description 
_entity.formula_weight 
_entity.pdbx_number_of_molecules 
_entity.pdbx_ec 
_entity.pdbx_mutation 
_entity.pdbx_fragment 
_entity.details 
1 polymer     man 'GTPase HRas'                                 18875.191 1   ? ? 'residues 1-166' ? 
2 non-polymer syn 'PHOSPHOAMINOPHOSPHONIC ACID-GUANYLATE ESTER' 522.196   1   ? ? ?                ? 
3 non-polymer syn 'MAGNESIUM ION'                               24.305    1   ? ? ?                ? 
4 non-polymer syn 'CALCIUM ION'                                 40.078    4   ? ? ?                ? 
5 non-polymer syn 1,4,7,10-tetraazacyclododecane                172.271   1   ? ? ?                ? 
6 non-polymer syn 'ZINC ION'                                    65.409    1   ? ? ?                ? 
7 water       nat water                                         18.015    142 ? ? ?                ? 
# 
_entity_name_com.entity_id   1 
_entity_name_com.name        'Transforming protein p21, p21ras, H-Ras-1, c-H-ras, Ha-Ras, GTPase HRas, N-terminally processed' 
# 
_entity_poly.entity_id                      1 
_entity_poly.type                           'polypeptide(L)' 
_entity_poly.nstd_linkage                   no 
_entity_poly.nstd_monomer                   no 
_entity_poly.pdbx_seq_one_letter_code       
;MTEYKLVVVGAGGVGKSALTIQLIQNHFVDEYDPTIEDSYRKQVVIDGETCLLDILDTAGQEEYSAMRDQYMRTGEGFLC
VFAINNTKSFEDIHQYREQIKRVKDSDDVPMVLVGNKCDLAARTVESRQAQDLARSYGIPYIETSAKTRQGVEDAFYTLV
REIRQH
;
_entity_poly.pdbx_seq_one_letter_code_can   
;MTEYKLVVVGAGGVGKSALTIQLIQNHFVDEYDPTIEDSYRKQVVIDGETCLLDILDTAGQEEYSAMRDQYMRTGEGFLC
VFAINNTKSFEDIHQYREQIKRVKDSDDVPMVLVGNKCDLAARTVESRQAQDLARSYGIPYIETSAKTRQGVEDAFYTLV
REIRQH
;
_entity_poly.pdbx_strand_id                 A 
_entity_poly.pdbx_target_identifier         ? 
# 
loop_
_entity_poly_seq.entity_id 
_entity_poly_seq.num 
_entity_poly_seq.mon_id 
_entity_poly_seq.hetero 
1 1   MET n 
1 2   THR n 
1 3   GLU n 
1 4   TYR n 
1 5   LYS n 
1 6   LEU n 
1 7   VAL n 
1 8   VAL n 
1 9   VAL n 
1 10  GLY n 
1 11  ALA n 
1 12  GLY n 
1 13  GLY n 
1 14  VAL n 
1 15  GLY n 
1 16  LYS n 
1 17  SER n 
1 18  ALA n 
1 19  LEU n 
1 20  THR n 
1 21  ILE n 
1 22  GLN n 
1 23  LEU n 
1 24  ILE n 
1 25  GLN n 
1 26  ASN n 
1 27  HIS n 
1 28  PHE n 
1 29  VAL n 
1 30  ASP n 
1 31  GLU n 
1 32  TYR n 
1 33  ASP n 
1 34  PRO n 
1 35  THR n 
1 36  ILE n 
1 37  GLU n 
1 38  ASP n 
1 39  SER n 
1 40  TYR n 
1 41  ARG n 
1 42  LYS n 
1 43  GLN n 
1 44  VAL n 
1 45  VAL n 
1 46  ILE n 
1 47  ASP n 
1 48  GLY n 
1 49  GLU n 
1 50  THR n 
1 51  CYS n 
1 52  LEU n 
1 53  LEU n 
1 54  ASP n 
1 55  ILE n 
1 56  LEU n 
1 57  ASP n 
1 58  THR n 
1 59  ALA n 
1 60  GLY n 
1 61  GLN n 
1 62  GLU n 
1 63  GLU n 
1 64  TYR n 
1 65  SER n 
1 66  ALA n 
1 67  MET n 
1 68  ARG n 
1 69  ASP n 
1 70  GLN n 
1 71  TYR n 
1 72  MET n 
1 73  ARG n 
1 74  THR n 
1 75  GLY n 
1 76  GLU n 
1 77  GLY n 
1 78  PHE n 
1 79  LEU n 
1 80  CYS n 
1 81  VAL n 
1 82  PHE n 
1 83  ALA n 
1 84  ILE n 
1 85  ASN n 
1 86  ASN n 
1 87  THR n 
1 88  LYS n 
1 89  SER n 
1 90  PHE n 
1 91  GLU n 
1 92  ASP n 
1 93  ILE n 
1 94  HIS n 
1 95  GLN n 
1 96  TYR n 
1 97  ARG n 
1 98  GLU n 
1 99  GLN n 
1 100 ILE n 
1 101 LYS n 
1 102 ARG n 
1 103 VAL n 
1 104 LYS n 
1 105 ASP n 
1 106 SER n 
1 107 ASP n 
1 108 ASP n 
1 109 VAL n 
1 110 PRO n 
1 111 MET n 
1 112 VAL n 
1 113 LEU n 
1 114 VAL n 
1 115 GLY n 
1 116 ASN n 
1 117 LYS n 
1 118 CYS n 
1 119 ASP n 
1 120 LEU n 
1 121 ALA n 
1 122 ALA n 
1 123 ARG n 
1 124 THR n 
1 125 VAL n 
1 126 GLU n 
1 127 SER n 
1 128 ARG n 
1 129 GLN n 
1 130 ALA n 
1 131 GLN n 
1 132 ASP n 
1 133 LEU n 
1 134 ALA n 
1 135 ARG n 
1 136 SER n 
1 137 TYR n 
1 138 GLY n 
1 139 ILE n 
1 140 PRO n 
1 141 TYR n 
1 142 ILE n 
1 143 GLU n 
1 144 THR n 
1 145 SER n 
1 146 ALA n 
1 147 LYS n 
1 148 THR n 
1 149 ARG n 
1 150 GLN n 
1 151 GLY n 
1 152 VAL n 
1 153 GLU n 
1 154 ASP n 
1 155 ALA n 
1 156 PHE n 
1 157 TYR n 
1 158 THR n 
1 159 LEU n 
1 160 VAL n 
1 161 ARG n 
1 162 GLU n 
1 163 ILE n 
1 164 ARG n 
1 165 GLN n 
1 166 HIS n 
# 
_entity_src_gen.entity_id                          1 
_entity_src_gen.pdbx_src_id                        1 
_entity_src_gen.pdbx_alt_source_flag               sample 
_entity_src_gen.pdbx_seq_type                      ? 
_entity_src_gen.pdbx_beg_seq_num                   ? 
_entity_src_gen.pdbx_end_seq_num                   ? 
_entity_src_gen.gene_src_common_name               human 
_entity_src_gen.gene_src_genus                     ? 
_entity_src_gen.pdbx_gene_src_gene                 'HRAS, HRAS1' 
_entity_src_gen.gene_src_species                   ? 
_entity_src_gen.gene_src_strain                    ? 
_entity_src_gen.gene_src_tissue                    ? 
_entity_src_gen.gene_src_tissue_fraction           ? 
_entity_src_gen.gene_src_details                   ? 
_entity_src_gen.pdbx_gene_src_fragment             ? 
_entity_src_gen.pdbx_gene_src_scientific_name      'Homo sapiens' 
_entity_src_gen.pdbx_gene_src_ncbi_taxonomy_id     9606 
_entity_src_gen.pdbx_gene_src_variant              ? 
_entity_src_gen.pdbx_gene_src_cell_line            ? 
_entity_src_gen.pdbx_gene_src_atcc                 ? 
_entity_src_gen.pdbx_gene_src_organ                ? 
_entity_src_gen.pdbx_gene_src_organelle            ? 
_entity_src_gen.pdbx_gene_src_cell                 ? 
_entity_src_gen.pdbx_gene_src_cellular_location    ? 
_entity_src_gen.host_org_common_name               ? 
_entity_src_gen.pdbx_host_org_scientific_name      'Escherichia coli' 
_entity_src_gen.pdbx_host_org_ncbi_taxonomy_id     562 
_entity_src_gen.host_org_genus                     ? 
_entity_src_gen.pdbx_host_org_gene                 ? 
_entity_src_gen.pdbx_host_org_organ                ? 
_entity_src_gen.host_org_species                   ? 
_entity_src_gen.pdbx_host_org_tissue               ? 
_entity_src_gen.pdbx_host_org_tissue_fraction      ? 
_entity_src_gen.pdbx_host_org_strain               ? 
_entity_src_gen.pdbx_host_org_variant              ? 
_entity_src_gen.pdbx_host_org_cell_line            ? 
_entity_src_gen.pdbx_host_org_atcc                 ? 
_entity_src_gen.pdbx_host_org_culture_collection   ? 
_entity_src_gen.pdbx_host_org_cell                 ? 
_entity_src_gen.pdbx_host_org_organelle            ? 
_entity_src_gen.pdbx_host_org_cellular_location    ? 
_entity_src_gen.pdbx_host_org_vector_type          ? 
_entity_src_gen.pdbx_host_org_vector               ? 
_entity_src_gen.host_org_details                   ? 
_entity_src_gen.expression_system_id               ? 
_entity_src_gen.plasmid_name                       ? 
_entity_src_gen.plasmid_details                    ? 
_entity_src_gen.pdbx_description                   ? 
# 
_struct_ref.id                         1 
_struct_ref.db_name                    UNP 
_struct_ref.db_code                    RASH_HUMAN 
_struct_ref.pdbx_db_accession          P01112 
_struct_ref.entity_id                  1 
_struct_ref.pdbx_seq_one_letter_code   
;MTEYKLVVVGAGGVGKSALTIQLIQNHFVDEYDPTIEDSYRKQVVIDGETCLLDILDTAGQEEYSAMRDQYMRTGEGFLC
VFAINNTKSFEDIHQYREQIKRVKDSDDVPMVLVGNKCDLAARTVESRQAQDLARSYGIPYIETSAKTRQGVEDAFYTLV
REIRQH
;
_struct_ref.pdbx_align_begin           1 
_struct_ref.pdbx_db_isoform            ? 
# 
_struct_ref_seq.align_id                      1 
_struct_ref_seq.ref_id                        1 
_struct_ref_seq.pdbx_PDB_id_code              3L8Y 
_struct_ref_seq.pdbx_strand_id                A 
_struct_ref_seq.seq_align_beg                 1 
_struct_ref_seq.pdbx_seq_align_beg_ins_code   ? 
_struct_ref_seq.seq_align_end                 166 
_struct_ref_seq.pdbx_seq_align_end_ins_code   ? 
_struct_ref_seq.pdbx_db_accession             P01112 
_struct_ref_seq.db_align_beg                  1 
_struct_ref_seq.pdbx_db_align_beg_ins_code    ? 
_struct_ref_seq.db_align_end                  166 
_struct_ref_seq.pdbx_db_align_end_ins_code    ? 
_struct_ref_seq.pdbx_auth_seq_align_beg       1 
_struct_ref_seq.pdbx_auth_seq_align_end       166 
# 
loop_
_chem_comp.id 
_chem_comp.type 
_chem_comp.mon_nstd_flag 
_chem_comp.name 
_chem_comp.pdbx_synonyms 
_chem_comp.formula 
_chem_comp.formula_weight 
ALA 'L-peptide linking' y ALANINE                                       ?      'C3 H7 N O2'        89.093  
ARG 'L-peptide linking' y ARGININE                                      ?      'C6 H15 N4 O2 1'    175.209 
ASN 'L-peptide linking' y ASPARAGINE                                    ?      'C4 H8 N2 O3'       132.118 
ASP 'L-peptide linking' y 'ASPARTIC ACID'                               ?      'C4 H7 N O4'        133.103 
CA  non-polymer         . 'CALCIUM ION'                                 ?      'Ca 2'              40.078  
CYS 'L-peptide linking' y CYSTEINE                                      ?      'C3 H7 N O2 S'      121.158 
GLN 'L-peptide linking' y GLUTAMINE                                     ?      'C5 H10 N2 O3'      146.144 
GLU 'L-peptide linking' y 'GLUTAMIC ACID'                               ?      'C5 H9 N O4'        147.129 
GLY 'peptide linking'   y GLYCINE                                       ?      'C2 H5 N O2'        75.067  
GNP non-polymer         . 'PHOSPHOAMINOPHOSPHONIC ACID-GUANYLATE ESTER' ?      'C10 H17 N6 O13 P3' 522.196 
HIS 'L-peptide linking' y HISTIDINE                                     ?      'C6 H10 N3 O2 1'    156.162 
HOH non-polymer         . WATER                                         ?      'H2 O'              18.015  
ILE 'L-peptide linking' y ISOLEUCINE                                    ?      'C6 H13 N O2'       131.173 
LEU 'L-peptide linking' y LEUCINE                                       ?      'C6 H13 N O2'       131.173 
LYS 'L-peptide linking' y LYSINE                                        ?      'C6 H15 N2 O2 1'    147.195 
MET 'L-peptide linking' y METHIONINE                                    ?      'C5 H11 N O2 S'     149.211 
MG  non-polymer         . 'MAGNESIUM ION'                               ?      'Mg 2'              24.305  
PHE 'L-peptide linking' y PHENYLALANINE                                 ?      'C9 H11 N O2'       165.189 
PRO 'L-peptide linking' y PROLINE                                       ?      'C5 H9 N O2'        115.130 
SER 'L-peptide linking' y SERINE                                        ?      'C3 H7 N O3'        105.093 
THR 'L-peptide linking' y THREONINE                                     ?      'C4 H9 N O3'        119.119 
TYR 'L-peptide linking' y TYROSINE                                      ?      'C9 H11 N O3'       181.189 
VAL 'L-peptide linking' y VALINE                                        ?      'C5 H11 N O2'       117.146 
YCN non-polymer         . 1,4,7,10-tetraazacyclododecane                Cyclen 'C8 H20 N4'         172.271 
ZN  non-polymer         . 'ZINC ION'                                    ?      'Zn 2'              65.409  
# 
_exptl.entry_id          3L8Y 
_exptl.method            'X-RAY DIFFRACTION' 
_exptl.crystals_number   1 
# 
_exptl_crystal.id                    1 
_exptl_crystal.density_meas          ? 
_exptl_crystal.density_Matthews      2.65 
_exptl_crystal.density_percent_sol   53.50 
_exptl_crystal.description           ? 
_exptl_crystal.F_000                 ? 
_exptl_crystal.preparation           ? 
# 
_exptl_crystal_grow.crystal_id      1 
_exptl_crystal_grow.method          'VAPOR DIFFUSION, HANGING DROP' 
_exptl_crystal_grow.temp            285 
_exptl_crystal_grow.temp_details    ? 
_exptl_crystal_grow.pH              7.5 
_exptl_crystal_grow.pdbx_details    
'17% PEG6000, 200mM CaCl2, 30mM TRIS/HCL, 5mM MgCl2, 2mM DTE, pH 7.5, VAPOR DIFFUSION, HANGING DROP, temperature 285K' 
_exptl_crystal_grow.pdbx_pH_range   . 
# 
_diffrn.id                     1 
_diffrn.ambient_temp           100 
_diffrn.ambient_temp_details   ? 
_diffrn.crystal_id             1 
# 
_diffrn_detector.diffrn_id              1 
_diffrn_detector.detector               CCD 
_diffrn_detector.type                   'MARMOSAIC 225 mm CCD' 
_diffrn_detector.pdbx_collection_date   2007-09-29 
_diffrn_detector.details                mirrors 
# 
_diffrn_radiation.diffrn_id                        1 
_diffrn_radiation.wavelength_id                    1 
_diffrn_radiation.pdbx_monochromatic_or_laue_m_l   M 
_diffrn_radiation.monochromator                    'FOCUSED SI(111) MONOCHROMATOR' 
_diffrn_radiation.pdbx_diffrn_protocol             'SINGLE WAVELENGTH' 
_diffrn_radiation.pdbx_scattering_type             x-ray 
# 
_diffrn_radiation_wavelength.id           1 
_diffrn_radiation_wavelength.wavelength   1.27982 
_diffrn_radiation_wavelength.wt           1.0 
# 
_diffrn_source.diffrn_id                   1 
_diffrn_source.source                      SYNCHROTRON 
_diffrn_source.type                        'SLS BEAMLINE X10SA' 
_diffrn_source.pdbx_synchrotron_site       SLS 
_diffrn_source.pdbx_synchrotron_beamline   X10SA 
_diffrn_source.pdbx_wavelength             ? 
_diffrn_source.pdbx_wavelength_list        1.27982 
# 
_reflns.entry_id                     3L8Y 
_reflns.observed_criterion_sigma_I   0 
_reflns.observed_criterion_sigma_F   0 
_reflns.d_resolution_low             20.00 
_reflns.d_resolution_high            2.02 
_reflns.number_obs                   12483 
_reflns.number_all                   ? 
_reflns.percent_possible_obs         97.8 
_reflns.pdbx_Rmerge_I_obs            0.046 
_reflns.pdbx_Rsym_value              0.047 
_reflns.pdbx_netI_over_sigmaI        24.39 
_reflns.B_iso_Wilson_estimate        23.3 
_reflns.pdbx_redundancy              4.16 
_reflns.R_free_details               ? 
_reflns.limit_h_max                  ? 
_reflns.limit_h_min                  ? 
_reflns.limit_k_max                  ? 
_reflns.limit_k_min                  ? 
_reflns.limit_l_max                  ? 
_reflns.limit_l_min                  ? 
_reflns.observed_criterion_F_max     ? 
_reflns.observed_criterion_F_min     ? 
_reflns.pdbx_chi_squared             ? 
_reflns.pdbx_scaling_rejects         ? 
_reflns.pdbx_diffrn_id               1 
_reflns.pdbx_ordinal                 1 
# 
_reflns_shell.d_res_high             2.02 
_reflns_shell.d_res_low              2.15 
_reflns_shell.percent_possible_all   97.9 
_reflns_shell.Rmerge_I_obs           0.118 
_reflns_shell.pdbx_Rsym_value        0.135 
_reflns_shell.meanI_over_sigI_obs    10.85 
_reflns_shell.pdbx_redundancy        4.11 
_reflns_shell.percent_possible_obs   ? 
_reflns_shell.number_unique_all      6809 
_reflns_shell.number_measured_all    ? 
_reflns_shell.number_measured_obs    ? 
_reflns_shell.number_unique_obs      ? 
_reflns_shell.pdbx_chi_squared       ? 
_reflns_shell.pdbx_diffrn_id         ? 
_reflns_shell.pdbx_ordinal           1 
# 
_refine.entry_id                                 3L8Y 
_refine.ls_number_reflns_obs                     12423 
_refine.ls_number_reflns_all                     12483 
_refine.pdbx_ls_sigma_I                          0 
_refine.pdbx_ls_sigma_F                          0 
_refine.pdbx_data_cutoff_high_absF               ? 
_refine.pdbx_data_cutoff_low_absF                ? 
_refine.pdbx_data_cutoff_high_rms_absF           ? 
_refine.ls_d_res_low                             19.92 
_refine.ls_d_res_high                            2.02 
_refine.ls_percent_reflns_obs                    100.00 
_refine.ls_R_factor_obs                          0.19132 
_refine.ls_R_factor_all                          0.19132 
_refine.ls_R_factor_R_work                       0.18890 
_refine.ls_R_factor_R_free                       0.23806 
_refine.ls_R_factor_R_free_error                 ? 
_refine.ls_R_factor_R_free_error_details         ? 
_refine.ls_percent_reflns_R_free                 5.0 
_refine.ls_number_reflns_R_free                  654 
_refine.ls_number_parameters                     ? 
_refine.ls_number_restraints                     ? 
_refine.occupancy_min                            ? 
_refine.occupancy_max                            ? 
_refine.correlation_coeff_Fo_to_Fc               0.935 
_refine.correlation_coeff_Fo_to_Fc_free          0.900 
_refine.B_iso_mean                               19.046 
_refine.aniso_B[1][1]                            0.26 
_refine.aniso_B[2][2]                            0.26 
_refine.aniso_B[3][3]                            -0.39 
_refine.aniso_B[1][2]                            0.13 
_refine.aniso_B[1][3]                            0.00 
_refine.aniso_B[2][3]                            0.00 
_refine.solvent_model_details                    MASK 
_refine.solvent_model_param_ksol                 ? 
_refine.solvent_model_param_bsol                 ? 
_refine.pdbx_solvent_vdw_probe_radii             1.20 
_refine.pdbx_solvent_ion_probe_radii             0.80 
_refine.pdbx_solvent_shrinkage_radii             0.80 
_refine.pdbx_ls_cross_valid_method               THROUGHOUT 
_refine.details                                  ? 
_refine.pdbx_starting_model                      'PDB ENTRY 5p21' 
_refine.pdbx_method_to_determine_struct          'MOLECULAR REPLACEMENT' 
_refine.pdbx_isotropic_thermal_model             Anisotropic 
_refine.pdbx_stereochemistry_target_values       'MAXIMUM LIKELIHOOD' 
_refine.pdbx_stereochem_target_val_spec_case     ? 
_refine.pdbx_R_Free_selection_details            RANDOM 
_refine.pdbx_overall_ESU_R                       0.190 
_refine.pdbx_overall_ESU_R_Free                  0.171 
_refine.overall_SU_ML                            0.098 
_refine.overall_SU_B                             3.363 
_refine.ls_redundancy_reflns_obs                 ? 
_refine.B_iso_min                                ? 
_refine.B_iso_max                                ? 
_refine.overall_SU_R_Cruickshank_DPI             ? 
_refine.overall_SU_R_free                        ? 
_refine.ls_wR_factor_R_free                      ? 
_refine.ls_wR_factor_R_work                      ? 
_refine.overall_FOM_free_R_set                   ? 
_refine.overall_FOM_work_R_set                   ? 
_refine.pdbx_refine_id                           'X-RAY DIFFRACTION' 
_refine.pdbx_overall_phase_error                 ? 
_refine.pdbx_diffrn_id                           1 
_refine.pdbx_TLS_residual_ADP_flag               ? 
_refine.pdbx_overall_SU_R_free_Cruickshank_DPI   ? 
_refine.pdbx_overall_SU_R_Blow_DPI               ? 
_refine.pdbx_overall_SU_R_free_Blow_DPI          ? 
# 
_refine_hist.pdbx_refine_id                   'X-RAY DIFFRACTION' 
_refine_hist.cycle_id                         LAST 
_refine_hist.pdbx_number_atoms_protein        1323 
_refine_hist.pdbx_number_atoms_nucleic_acid   0 
_refine_hist.pdbx_number_atoms_ligand         50 
_refine_hist.number_atoms_solvent             142 
_refine_hist.number_atoms_total               1515 
_refine_hist.d_res_high                       2.02 
_refine_hist.d_res_low                        19.92 
# 
loop_
_refine_ls_restr.type 
_refine_ls_restr.dev_ideal 
_refine_ls_restr.dev_ideal_target 
_refine_ls_restr.weight 
_refine_ls_restr.number 
_refine_ls_restr.pdbx_refine_id 
_refine_ls_restr.pdbx_restraint_function 
r_bond_refined_d             0.007  0.022  ? 1405 'X-RAY DIFFRACTION' ? 
r_angle_refined_deg          1.709  2.001  ? 1913 'X-RAY DIFFRACTION' ? 
r_dihedral_angle_1_deg       5.461  5.000  ? 169  'X-RAY DIFFRACTION' ? 
r_dihedral_angle_2_deg       41.366 24.583 ? 72   'X-RAY DIFFRACTION' ? 
r_dihedral_angle_3_deg       11.776 15.000 ? 244  'X-RAY DIFFRACTION' ? 
r_dihedral_angle_4_deg       19.070 15.000 ? 11   'X-RAY DIFFRACTION' ? 
r_chiral_restr               0.062  0.200  ? 213  'X-RAY DIFFRACTION' ? 
r_gen_planes_refined         0.003  0.020  ? 1052 'X-RAY DIFFRACTION' ? 
r_nbd_refined                0.186  0.200  ? 697  'X-RAY DIFFRACTION' ? 
r_nbtor_refined              0.301  0.200  ? 957  'X-RAY DIFFRACTION' ? 
r_xyhbond_nbd_refined        0.104  0.200  ? 165  'X-RAY DIFFRACTION' ? 
r_metal_ion_refined          0.120  0.200  ? 10   'X-RAY DIFFRACTION' ? 
r_symmetry_vdw_refined       0.229  0.200  ? 46   'X-RAY DIFFRACTION' ? 
r_symmetry_hbond_refined     0.124  0.200  ? 27   'X-RAY DIFFRACTION' ? 
r_symmetry_metal_ion_refined 0.113  0.200  ? 4    'X-RAY DIFFRACTION' ? 
r_mcbond_it                  0.521  1.500  ? 855  'X-RAY DIFFRACTION' ? 
r_mcangle_it                 0.915  2.000  ? 1341 'X-RAY DIFFRACTION' ? 
r_scbond_it                  1.054  3.000  ? 626  'X-RAY DIFFRACTION' ? 
r_scangle_it                 1.631  4.500  ? 562  'X-RAY DIFFRACTION' ? 
# 
_refine_ls_shell.pdbx_total_number_of_bins_used   20 
_refine_ls_shell.d_res_high                       2.017 
_refine_ls_shell.d_res_low                        2.069 
_refine_ls_shell.number_reflns_R_work             773 
_refine_ls_shell.R_factor_R_work                  0.197 
_refine_ls_shell.percent_reflns_obs               100.00 
_refine_ls_shell.R_factor_R_free                  0.248 
_refine_ls_shell.R_factor_R_free_error            ? 
_refine_ls_shell.percent_reflns_R_free            ? 
_refine_ls_shell.number_reflns_R_free             40 
_refine_ls_shell.number_reflns_all                ? 
_refine_ls_shell.R_factor_all                     ? 
_refine_ls_shell.number_reflns_obs                ? 
_refine_ls_shell.redundancy_reflns_obs            ? 
_refine_ls_shell.pdbx_refine_id                   'X-RAY DIFFRACTION' 
# 
_struct.entry_id                  3L8Y 
_struct.title                     'Complex of Ras with cyclen' 
_struct.pdbx_model_details        ? 
_struct.pdbx_CASP_flag            ? 
_struct.pdbx_model_type_details   ? 
# 
_struct_keywords.entry_id        3L8Y 
_struct_keywords.pdbx_keywords   ONCOPROTEIN 
_struct_keywords.text            
;Ras-ligand complex, Cell membrane, Disease mutation, Golgi apparatus, GTP-binding, Lipoprotein, Methylation, Nucleotide-binding, Palmitate, Prenylation, Proto-oncogene, S-nitrosylation, ONCOPROTEIN
;
# 
loop_
_struct_asym.id 
_struct_asym.pdbx_blank_PDB_chainid_flag 
_struct_asym.pdbx_modified 
_struct_asym.entity_id 
_struct_asym.details 
A N N 1 ? 
B N N 2 ? 
C N N 3 ? 
D N N 4 ? 
E N N 4 ? 
F N N 4 ? 
G N N 4 ? 
H N N 5 ? 
I N N 6 ? 
J N N 7 ? 
# 
_struct_biol.id        1 
_struct_biol.details   ? 
# 
loop_
_struct_conf.conf_type_id 
_struct_conf.id 
_struct_conf.pdbx_PDB_helix_id 
_struct_conf.beg_label_comp_id 
_struct_conf.beg_label_asym_id 
_struct_conf.beg_label_seq_id 
_struct_conf.pdbx_beg_PDB_ins_code 
_struct_conf.end_label_comp_id 
_struct_conf.end_label_asym_id 
_struct_conf.end_label_seq_id 
_struct_conf.pdbx_end_PDB_ins_code 
_struct_conf.beg_auth_comp_id 
_struct_conf.beg_auth_asym_id 
_struct_conf.beg_auth_seq_id 
_struct_conf.end_auth_comp_id 
_struct_conf.end_auth_asym_id 
_struct_conf.end_auth_seq_id 
_struct_conf.pdbx_PDB_helix_class 
_struct_conf.details 
_struct_conf.pdbx_PDB_helix_length 
HELX_P HELX_P1 1 GLY A 15  ? ASN A 26  ? GLY A 15  ASN A 26  1 ? 12 
HELX_P HELX_P2 2 MET A 67  ? ARG A 73  ? MET A 67  ARG A 73  1 ? 7  
HELX_P HELX_P3 3 ASN A 86  ? ASP A 92  ? ASN A 86  ASP A 92  1 ? 7  
HELX_P HELX_P4 4 ASP A 92  ? ASP A 105 ? ASP A 92  ASP A 105 1 ? 14 
HELX_P HELX_P5 5 GLU A 126 ? GLY A 138 ? GLU A 126 GLY A 138 1 ? 13 
HELX_P HELX_P6 6 GLY A 151 ? HIS A 166 ? GLY A 151 HIS A 166 1 ? 16 
# 
_struct_conf_type.id          HELX_P 
_struct_conf_type.criteria    ? 
_struct_conf_type.reference   ? 
# 
_struct_mon_prot_cis.pdbx_id                1 
_struct_mon_prot_cis.label_comp_id          TYR 
_struct_mon_prot_cis.label_seq_id           64 
_struct_mon_prot_cis.label_asym_id          A 
_struct_mon_prot_cis.label_alt_id           . 
_struct_mon_prot_cis.pdbx_PDB_ins_code      ? 
_struct_mon_prot_cis.auth_comp_id           TYR 
_struct_mon_prot_cis.auth_seq_id            64 
_struct_mon_prot_cis.auth_asym_id           A 
_struct_mon_prot_cis.pdbx_label_comp_id_2   SER 
_struct_mon_prot_cis.pdbx_label_seq_id_2    65 
_struct_mon_prot_cis.pdbx_label_asym_id_2   A 
_struct_mon_prot_cis.pdbx_PDB_ins_code_2    ? 
_struct_mon_prot_cis.pdbx_auth_comp_id_2    SER 
_struct_mon_prot_cis.pdbx_auth_seq_id_2     65 
_struct_mon_prot_cis.pdbx_auth_asym_id_2    A 
_struct_mon_prot_cis.pdbx_PDB_model_num     1 
_struct_mon_prot_cis.pdbx_omega_angle       -1.56 
# 
_struct_sheet.id               A 
_struct_sheet.type             ? 
_struct_sheet.number_strands   6 
_struct_sheet.details          ? 
# 
loop_
_struct_sheet_order.sheet_id 
_struct_sheet_order.range_id_1 
_struct_sheet_order.range_id_2 
_struct_sheet_order.offset 
_struct_sheet_order.sense 
A 1 2 ? anti-parallel 
A 2 3 ? parallel      
A 3 4 ? parallel      
A 4 5 ? parallel      
A 5 6 ? parallel      
# 
loop_
_struct_sheet_range.sheet_id 
_struct_sheet_range.id 
_struct_sheet_range.beg_label_comp_id 
_struct_sheet_range.beg_label_asym_id 
_struct_sheet_range.beg_label_seq_id 
_struct_sheet_range.pdbx_beg_PDB_ins_code 
_struct_sheet_range.end_label_comp_id 
_struct_sheet_range.end_label_asym_id 
_struct_sheet_range.end_label_seq_id 
_struct_sheet_range.pdbx_end_PDB_ins_code 
_struct_sheet_range.beg_auth_comp_id 
_struct_sheet_range.beg_auth_asym_id 
_struct_sheet_range.beg_auth_seq_id 
_struct_sheet_range.end_auth_comp_id 
_struct_sheet_range.end_auth_asym_id 
_struct_sheet_range.end_auth_seq_id 
A 1 GLU A 37  ? ILE A 46  ? GLU A 37  ILE A 46  
A 2 GLU A 49  ? THR A 58  ? GLU A 49  THR A 58  
A 3 THR A 2   ? GLY A 10  ? THR A 2   GLY A 10  
A 4 GLY A 77  ? ALA A 83  ? GLY A 77  ALA A 83  
A 5 MET A 111 ? ASN A 116 ? MET A 111 ASN A 116 
A 6 TYR A 141 ? GLU A 143 ? TYR A 141 GLU A 143 
# 
loop_
_pdbx_struct_sheet_hbond.sheet_id 
_pdbx_struct_sheet_hbond.range_id_1 
_pdbx_struct_sheet_hbond.range_id_2 
_pdbx_struct_sheet_hbond.range_1_label_atom_id 
_pdbx_struct_sheet_hbond.range_1_label_comp_id 
_pdbx_struct_sheet_hbond.range_1_label_asym_id 
_pdbx_struct_sheet_hbond.range_1_label_seq_id 
_pdbx_struct_sheet_hbond.range_1_PDB_ins_code 
_pdbx_struct_sheet_hbond.range_1_auth_atom_id 
_pdbx_struct_sheet_hbond.range_1_auth_comp_id 
_pdbx_struct_sheet_hbond.range_1_auth_asym_id 
_pdbx_struct_sheet_hbond.range_1_auth_seq_id 
_pdbx_struct_sheet_hbond.range_2_label_atom_id 
_pdbx_struct_sheet_hbond.range_2_label_comp_id 
_pdbx_struct_sheet_hbond.range_2_label_asym_id 
_pdbx_struct_sheet_hbond.range_2_label_seq_id 
_pdbx_struct_sheet_hbond.range_2_PDB_ins_code 
_pdbx_struct_sheet_hbond.range_2_auth_atom_id 
_pdbx_struct_sheet_hbond.range_2_auth_comp_id 
_pdbx_struct_sheet_hbond.range_2_auth_asym_id 
_pdbx_struct_sheet_hbond.range_2_auth_seq_id 
A 1 2 N VAL A 44  ? N VAL A 44  O CYS A 51  ? O CYS A 51  
A 2 3 O LEU A 56  ? O LEU A 56  N LEU A 6   ? N LEU A 6   
A 3 4 N VAL A 9   ? N VAL A 9   O VAL A 81  ? O VAL A 81  
A 4 5 N PHE A 82  ? N PHE A 82  O ASN A 116 ? O ASN A 116 
A 5 6 N LEU A 113 ? N LEU A 113 O ILE A 142 ? O ILE A 142 
# 
loop_
_struct_site.id 
_struct_site.pdbx_evidence_code 
_struct_site.pdbx_auth_asym_id 
_struct_site.pdbx_auth_comp_id 
_struct_site.pdbx_auth_seq_id 
_struct_site.pdbx_auth_ins_code 
_struct_site.pdbx_num_residues 
_struct_site.details 
AC1 Software A GNP 201 ? 30 'BINDING SITE FOR RESIDUE GNP A 201' 
AC2 Software A MG  202 ? 5  'BINDING SITE FOR RESIDUE MG A 202'  
AC3 Software A CA  203 ? 6  'BINDING SITE FOR RESIDUE CA A 203'  
AC4 Software A CA  204 ? 6  'BINDING SITE FOR RESIDUE CA A 204'  
AC5 Software A CA  205 ? 6  'BINDING SITE FOR RESIDUE CA A 205'  
AC6 Software A CA  206 ? 1  'BINDING SITE FOR RESIDUE CA A 206'  
AC7 Software A YCN 300 ? 6  'BINDING SITE FOR RESIDUE YCN A 300' 
AC8 Software A ZN  301 ? 2  'BINDING SITE FOR RESIDUE ZN A 301'  
# 
loop_
_struct_site_gen.id 
_struct_site_gen.site_id 
_struct_site_gen.pdbx_num_res 
_struct_site_gen.label_comp_id 
_struct_site_gen.label_asym_id 
_struct_site_gen.label_seq_id 
_struct_site_gen.pdbx_auth_ins_code 
_struct_site_gen.auth_comp_id 
_struct_site_gen.auth_asym_id 
_struct_site_gen.auth_seq_id 
_struct_site_gen.label_atom_id 
_struct_site_gen.label_alt_id 
_struct_site_gen.symmetry 
_struct_site_gen.details 
1  AC1 30 GLY A 12  ? GLY A 12  . ? 1_555  ? 
2  AC1 30 GLY A 13  ? GLY A 13  . ? 1_555  ? 
3  AC1 30 VAL A 14  ? VAL A 14  . ? 1_555  ? 
4  AC1 30 GLY A 15  ? GLY A 15  . ? 1_555  ? 
5  AC1 30 LYS A 16  ? LYS A 16  . ? 1_555  ? 
6  AC1 30 SER A 17  ? SER A 17  . ? 1_555  ? 
7  AC1 30 ALA A 18  ? ALA A 18  . ? 1_555  ? 
8  AC1 30 PHE A 28  ? PHE A 28  . ? 1_555  ? 
9  AC1 30 VAL A 29  ? VAL A 29  . ? 1_555  ? 
10 AC1 30 ASP A 30  ? ASP A 30  . ? 1_555  ? 
11 AC1 30 GLU A 31  ? GLU A 31  . ? 1_555  ? 
12 AC1 30 TYR A 32  ? TYR A 32  . ? 1_555  ? 
13 AC1 30 PRO A 34  ? PRO A 34  . ? 1_555  ? 
14 AC1 30 THR A 35  ? THR A 35  . ? 1_555  ? 
15 AC1 30 GLY A 60  ? GLY A 60  . ? 1_555  ? 
16 AC1 30 GLN A 61  ? GLN A 61  . ? 1_555  ? 
17 AC1 30 ASN A 116 ? ASN A 116 . ? 1_555  ? 
18 AC1 30 LYS A 117 ? LYS A 117 . ? 1_555  ? 
19 AC1 30 ASP A 119 ? ASP A 119 . ? 1_555  ? 
20 AC1 30 LEU A 120 ? LEU A 120 . ? 1_555  ? 
21 AC1 30 SER A 145 ? SER A 145 . ? 1_555  ? 
22 AC1 30 ALA A 146 ? ALA A 146 . ? 1_555  ? 
23 AC1 30 LYS A 147 ? LYS A 147 . ? 1_555  ? 
24 AC1 30 HOH J .   ? HOH A 176 . ? 1_555  ? 
25 AC1 30 HOH J .   ? HOH A 182 . ? 1_555  ? 
26 AC1 30 HOH J .   ? HOH A 195 . ? 1_555  ? 
27 AC1 30 MG  C .   ? MG  A 202 . ? 1_555  ? 
28 AC1 30 HOH J .   ? HOH A 210 . ? 1_555  ? 
29 AC1 30 HOH J .   ? HOH A 219 . ? 1_555  ? 
30 AC1 30 HOH J .   ? HOH A 248 . ? 1_555  ? 
31 AC2 5  SER A 17  ? SER A 17  . ? 1_555  ? 
32 AC2 5  THR A 35  ? THR A 35  . ? 1_555  ? 
33 AC2 5  HOH J .   ? HOH A 195 . ? 1_555  ? 
34 AC2 5  GNP B .   ? GNP A 201 . ? 1_555  ? 
35 AC2 5  HOH J .   ? HOH A 248 . ? 1_555  ? 
36 AC3 6  HOH J .   ? HOH A 285 . ? 1_555  ? 
37 AC3 6  HOH J .   ? HOH A 285 . ? 3_555  ? 
38 AC3 6  HOH J .   ? HOH A 285 . ? 2_555  ? 
39 AC3 6  HOH J .   ? HOH A 298 . ? 1_555  ? 
40 AC3 6  HOH J .   ? HOH A 298 . ? 2_555  ? 
41 AC3 6  HOH J .   ? HOH A 298 . ? 3_555  ? 
42 AC4 6  PHE A 28  ? PHE A 28  . ? 1_555  ? 
43 AC4 6  ASP A 30  ? ASP A 30  . ? 1_555  ? 
44 AC4 6  GLU A 31  ? GLU A 31  . ? 18_444 ? 
45 AC4 6  ASP A 33  ? ASP A 33  . ? 18_444 ? 
46 AC4 6  HOH J .   ? HOH A 200 . ? 1_555  ? 
47 AC4 6  HOH J .   ? HOH A 269 . ? 1_555  ? 
48 AC5 6  ARG A 102 ? ARG A 102 . ? 1_555  ? 
49 AC5 6  ARG A 102 ? ARG A 102 . ? 16_544 ? 
50 AC5 6  ASP A 105 ? ASP A 105 . ? 1_555  ? 
51 AC5 6  ASP A 105 ? ASP A 105 . ? 16_544 ? 
52 AC5 6  HOH J .   ? HOH A 288 . ? 16_544 ? 
53 AC5 6  HOH J .   ? HOH A 288 . ? 1_555  ? 
54 AC6 1  GLU A 153 ? GLU A 153 . ? 1_555  ? 
55 AC7 6  GLN A 70  ? GLN A 70  . ? 16_544 ? 
56 AC7 6  SER A 106 ? SER A 106 . ? 1_555  ? 
57 AC7 6  ASP A 108 ? ASP A 108 . ? 1_555  ? 
58 AC7 6  HIS A 166 ? HIS A 166 . ? 1_555  ? 
59 AC7 6  HOH J .   ? HOH A 254 . ? 1_555  ? 
60 AC7 6  ZN  I .   ? ZN  A 301 . ? 1_555  ? 
61 AC8 2  HIS A 166 ? HIS A 166 . ? 1_555  ? 
62 AC8 2  YCN H .   ? YCN A 300 . ? 1_555  ? 
# 
_atom_sites.entry_id                    3L8Y 
_atom_sites.fract_transf_matrix[1][1]   0.00835049 
_atom_sites.fract_transf_matrix[1][2]   0.00947093 
_atom_sites.fract_transf_matrix[1][3]   -0.00357185 
_atom_sites.fract_transf_matrix[2][1]   0.00648659 
_atom_sites.fract_transf_matrix[2][2]   0.00681949 
_atom_sites.fract_transf_matrix[2][3]   0.00914361 
_atom_sites.fract_transf_matrix[3][1]   0.00555310 
_atom_sites.fract_transf_matrix[3][2]   -0.00498086 
_atom_sites.fract_transf_matrix[3][3]   -0.00022461 
_atom_sites.fract_transf_vector[1]      -0.164402 
_atom_sites.fract_transf_vector[2]      -0.274604 
_atom_sites.fract_transf_vector[3]      -0.236693 
# 
loop_
_atom_type.symbol 
C  
CA 
MG 
N  
O  
P  
S  
ZN 
# 
loop_
_atom_site.group_PDB 
_atom_site.id 
_atom_site.type_symbol 
_atom_site.label_atom_id 
_atom_site.label_alt_id 
_atom_site.label_comp_id 
_atom_site.label_asym_id 
_atom_site.label_entity_id 
_atom_site.label_seq_id 
_atom_site.pdbx_PDB_ins_code 
_atom_site.Cartn_x 
_atom_site.Cartn_y 
_atom_site.Cartn_z 
_atom_site.occupancy 
_atom_site.B_iso_or_equiv 
_atom_site.pdbx_formal_charge 
_atom_site.auth_seq_id 
_atom_site.auth_comp_id 
_atom_site.auth_asym_id 
_atom_site.auth_atom_id 
_atom_site.pdbx_PDB_model_num 
ATOM   1    N  N     . MET A 1 1   ? -12.494 -12.888 -16.043 1.00 29.07  ? 1   MET A N     1 
ATOM   2    C  CA    . MET A 1 1   ? -12.698 -11.682 -15.184 1.00 28.98  ? 1   MET A CA    1 
ATOM   3    C  C     . MET A 1 1   ? -11.438 -10.826 -15.125 1.00 28.31  ? 1   MET A C     1 
ATOM   4    O  O     . MET A 1 1   ? -10.347 -11.283 -15.471 1.00 28.57  ? 1   MET A O     1 
ATOM   5    C  CB    . MET A 1 1   ? -13.145 -12.082 -13.770 1.00 28.95  ? 1   MET A CB    1 
ATOM   6    C  CG    . MET A 1 1   ? -12.129 -12.906 -12.979 1.00 29.41  ? 1   MET A CG    1 
ATOM   7    S  SD    . MET A 1 1   ? -12.649 -13.254 -11.285 1.00 30.11  ? 1   MET A SD    1 
ATOM   8    C  CE    . MET A 1 1   ? -14.077 -14.305 -11.579 1.00 30.76  ? 1   MET A CE    1 
ATOM   9    N  N     . THR A 1 2   ? -11.599 -9.584  -14.678 1.00 27.52  ? 2   THR A N     1 
ATOM   10   C  CA    . THR A 1 2   ? -10.483 -8.650  -14.575 1.00 26.53  ? 2   THR A CA    1 
ATOM   11   C  C     . THR A 1 2   ? -9.614  -8.961  -13.359 1.00 25.62  ? 2   THR A C     1 
ATOM   12   O  O     . THR A 1 2   ? -10.115 -9.123  -12.244 1.00 25.44  ? 2   THR A O     1 
ATOM   13   C  CB    . THR A 1 2   ? -10.983 -7.188  -14.518 1.00 26.67  ? 2   THR A CB    1 
ATOM   14   O  OG1   . THR A 1 2   ? -11.899 -6.959  -15.594 1.00 27.14  ? 2   THR A OG1   1 
ATOM   15   C  CG2   . THR A 1 2   ? -9.821  -6.206  -14.629 1.00 26.88  ? 2   THR A CG2   1 
ATOM   16   N  N     . GLU A 1 3   ? -8.309  -9.054  -13.596 1.00 24.67  ? 3   GLU A N     1 
ATOM   17   C  CA    . GLU A 1 3   ? -7.326  -9.200  -12.534 1.00 23.97  ? 3   GLU A CA    1 
ATOM   18   C  C     . GLU A 1 3   ? -6.642  -7.858  -12.284 1.00 22.75  ? 3   GLU A C     1 
ATOM   19   O  O     . GLU A 1 3   ? -6.202  -7.191  -13.223 1.00 22.77  ? 3   GLU A O     1 
ATOM   20   C  CB    . GLU A 1 3   ? -6.294  -10.274 -12.897 1.00 24.02  ? 3   GLU A CB    1 
ATOM   21   C  CG    . GLU A 1 3   ? -5.242  -10.536 -11.818 1.00 25.04  ? 3   GLU A CG    1 
ATOM   22   C  CD    . GLU A 1 3   ? -4.326  -11.701 -12.155 1.00 25.27  ? 3   GLU A CD    1 
ATOM   23   O  OE1   . GLU A 1 3   ? -4.817  -12.721 -12.685 1.00 27.52  ? 3   GLU A OE1   1 
ATOM   24   O  OE2   . GLU A 1 3   ? -3.112  -11.601 -11.879 1.00 27.36  ? 3   GLU A OE2   1 
ATOM   25   N  N     . TYR A 1 4   ? -6.578  -7.461  -11.016 1.00 21.15  ? 4   TYR A N     1 
ATOM   26   C  CA    . TYR A 1 4   ? -5.868  -6.248  -10.624 1.00 19.47  ? 4   TYR A CA    1 
ATOM   27   C  C     . TYR A 1 4   ? -4.615  -6.632  -9.858  1.00 18.66  ? 4   TYR A C     1 
ATOM   28   O  O     . TYR A 1 4   ? -4.693  -7.258  -8.796  1.00 18.43  ? 4   TYR A O     1 
ATOM   29   C  CB    . TYR A 1 4   ? -6.761  -5.329  -9.781  1.00 19.12  ? 4   TYR A CB    1 
ATOM   30   C  CG    . TYR A 1 4   ? -7.927  -4.744  -10.542 1.00 18.75  ? 4   TYR A CG    1 
ATOM   31   C  CD1   . TYR A 1 4   ? -9.175  -5.363  -10.518 1.00 18.71  ? 4   TYR A CD1   1 
ATOM   32   C  CD2   . TYR A 1 4   ? -7.784  -3.572  -11.285 1.00 18.21  ? 4   TYR A CD2   1 
ATOM   33   C  CE1   . TYR A 1 4   ? -10.253 -4.834  -11.215 1.00 18.22  ? 4   TYR A CE1   1 
ATOM   34   C  CE2   . TYR A 1 4   ? -8.858  -3.032  -11.990 1.00 18.49  ? 4   TYR A CE2   1 
ATOM   35   C  CZ    . TYR A 1 4   ? -10.089 -3.671  -11.949 1.00 18.31  ? 4   TYR A CZ    1 
ATOM   36   O  OH    . TYR A 1 4   ? -11.157 -3.157  -12.637 1.00 17.55  ? 4   TYR A OH    1 
ATOM   37   N  N     . LYS A 1 5   ? -3.459  -6.280  -10.415 1.00 17.36  ? 5   LYS A N     1 
ATOM   38   C  CA    . LYS A 1 5   ? -2.179  -6.590  -9.792  1.00 16.50  ? 5   LYS A CA    1 
ATOM   39   C  C     . LYS A 1 5   ? -1.753  -5.447  -8.877  1.00 15.51  ? 5   LYS A C     1 
ATOM   40   O  O     . LYS A 1 5   ? -1.231  -4.423  -9.334  1.00 14.84  ? 5   LYS A O     1 
ATOM   41   C  CB    . LYS A 1 5   ? -1.107  -6.877  -10.849 1.00 16.79  ? 5   LYS A CB    1 
ATOM   42   C  CG    . LYS A 1 5   ? -1.335  -8.170  -11.622 1.00 18.42  ? 5   LYS A CG    1 
ATOM   43   C  CD    . LYS A 1 5   ? -0.142  -8.512  -12.497 1.00 21.33  ? 5   LYS A CD    1 
ATOM   44   C  CE    . LYS A 1 5   ? -0.117  -9.996  -12.850 1.00 23.21  ? 5   LYS A CE    1 
ATOM   45   N  NZ    . LYS A 1 5   ? 0.159   -10.851 -11.652 1.00 24.51  ? 5   LYS A NZ    1 
ATOM   46   N  N     . LEU A 1 6   ? -1.995  -5.632  -7.584  1.00 14.37  ? 6   LEU A N     1 
ATOM   47   C  CA    . LEU A 1 6   ? -1.676  -4.620  -6.582  1.00 13.64  ? 6   LEU A CA    1 
ATOM   48   C  C     . LEU A 1 6   ? -0.361  -4.950  -5.896  1.00 12.91  ? 6   LEU A C     1 
ATOM   49   O  O     . LEU A 1 6   ? -0.063  -6.114  -5.616  1.00 12.81  ? 6   LEU A O     1 
ATOM   50   C  CB    . LEU A 1 6   ? -2.801  -4.499  -5.543  1.00 13.57  ? 6   LEU A CB    1 
ATOM   51   C  CG    . LEU A 1 6   ? -4.251  -4.413  -6.035  1.00 13.81  ? 6   LEU A CG    1 
ATOM   52   C  CD1   . LEU A 1 6   ? -5.199  -4.267  -4.857  1.00 14.46  ? 6   LEU A CD1   1 
ATOM   53   C  CD2   . LEU A 1 6   ? -4.452  -3.265  -7.021  1.00 14.10  ? 6   LEU A CD2   1 
ATOM   54   N  N     . VAL A 1 7   ? 0.434   -3.918  -5.645  1.00 11.97  ? 7   VAL A N     1 
ATOM   55   C  CA    . VAL A 1 7   ? 1.693   -4.077  -4.938  1.00 11.03  ? 7   VAL A CA    1 
ATOM   56   C  C     . VAL A 1 7   ? 1.705   -3.141  -3.734  1.00 10.65  ? 7   VAL A C     1 
ATOM   57   O  O     . VAL A 1 7   ? 1.434   -1.946  -3.861  1.00 11.06  ? 7   VAL A O     1 
ATOM   58   C  CB    . VAL A 1 7   ? 2.914   -3.823  -5.864  1.00 11.01  ? 7   VAL A CB    1 
ATOM   59   C  CG1   . VAL A 1 7   ? 4.218   -3.994  -5.105  1.00 9.81   ? 7   VAL A CG1   1 
ATOM   60   C  CG2   . VAL A 1 7   ? 2.887   -4.761  -7.067  1.00 10.49  ? 7   VAL A CG2   1 
ATOM   61   N  N     . VAL A 1 8   ? 2.008   -3.699  -2.569  1.00 10.17  ? 8   VAL A N     1 
ATOM   62   C  CA    . VAL A 1 8   ? 2.046   -2.936  -1.329  1.00 9.80   ? 8   VAL A CA    1 
ATOM   63   C  C     . VAL A 1 8   ? 3.507   -2.696  -0.971  1.00 9.74   ? 8   VAL A C     1 
ATOM   64   O  O     . VAL A 1 8   ? 4.274   -3.645  -0.809  1.00 9.39   ? 8   VAL A O     1 
ATOM   65   C  CB    . VAL A 1 8   ? 1.311   -3.670  -0.186  1.00 9.98   ? 8   VAL A CB    1 
ATOM   66   C  CG1   . VAL A 1 8   ? 1.192   -2.783  1.038   1.00 9.60   ? 8   VAL A CG1   1 
ATOM   67   C  CG2   . VAL A 1 8   ? -0.079  -4.104  -0.648  1.00 9.35   ? 8   VAL A CG2   1 
ATOM   68   N  N     . VAL A 1 9   ? 3.878   -1.419  -0.883  1.00 9.65   ? 9   VAL A N     1 
ATOM   69   C  CA    . VAL A 1 9   ? 5.256   -1.012  -0.622  1.00 9.79   ? 9   VAL A CA    1 
ATOM   70   C  C     . VAL A 1 9   ? 5.321   0.006   0.513   1.00 9.97   ? 9   VAL A C     1 
ATOM   71   O  O     . VAL A 1 9   ? 4.318   0.637   0.862   1.00 9.79   ? 9   VAL A O     1 
ATOM   72   C  CB    . VAL A 1 9   ? 5.951   -0.414  -1.882  1.00 9.79   ? 9   VAL A CB    1 
ATOM   73   C  CG1   . VAL A 1 9   ? 5.894   -1.395  -3.046  1.00 9.88   ? 9   VAL A CG1   1 
ATOM   74   C  CG2   . VAL A 1 9   ? 5.346   0.943   -2.265  1.00 9.83   ? 9   VAL A CG2   1 
ATOM   75   N  N     . GLY A 1 10  ? 6.511   0.165   1.079   1.00 9.96   ? 10  GLY A N     1 
ATOM   76   C  CA    . GLY A 1 10  ? 6.705   1.078   2.195   1.00 10.15  ? 10  GLY A CA    1 
ATOM   77   C  C     . GLY A 1 10  ? 7.715   0.528   3.172   1.00 10.11  ? 10  GLY A C     1 
ATOM   78   O  O     . GLY A 1 10  ? 8.142   -0.623  3.052   1.00 10.35  ? 10  GLY A O     1 
ATOM   79   N  N     . ALA A 1 11  ? 8.087   1.358   4.142   1.00 10.21  ? 11  ALA A N     1 
ATOM   80   C  CA    . ALA A 1 11  ? 9.148   1.040   5.098   1.00 10.41  ? 11  ALA A CA    1 
ATOM   81   C  C     . ALA A 1 11  ? 8.828   -0.191  5.940   1.00 10.34  ? 11  ALA A C     1 
ATOM   82   O  O     . ALA A 1 11  ? 7.663   -0.575  6.087   1.00 10.17  ? 11  ALA A O     1 
ATOM   83   C  CB    . ALA A 1 11  ? 9.420   2.243   5.999   1.00 10.33  ? 11  ALA A CB    1 
ATOM   84   N  N     . GLY A 1 12  ? 9.875   -0.804  6.487   1.00 10.24  ? 12  GLY A N     1 
ATOM   85   C  CA    . GLY A 1 12  ? 9.727   -1.952  7.376   1.00 10.06  ? 12  GLY A CA    1 
ATOM   86   C  C     . GLY A 1 12  ? 8.873   -1.626  8.583   1.00 9.89   ? 12  GLY A C     1 
ATOM   87   O  O     . GLY A 1 12  ? 9.055   -0.587  9.220   1.00 10.08  ? 12  GLY A O     1 
ATOM   88   N  N     . GLY A 1 13  ? 7.915   -2.501  8.874   1.00 9.50   ? 13  GLY A N     1 
ATOM   89   C  CA    . GLY A 1 13  ? 7.092   -2.374  10.074  1.00 9.15   ? 13  GLY A CA    1 
ATOM   90   C  C     . GLY A 1 13  ? 5.913   -1.421  10.011  1.00 9.02   ? 13  GLY A C     1 
ATOM   91   O  O     . GLY A 1 13  ? 5.236   -1.224  11.013  1.00 8.99   ? 13  GLY A O     1 
ATOM   92   N  N     . VAL A 1 14  ? 5.647   -0.833  8.845   1.00 9.11   ? 14  VAL A N     1 
ATOM   93   C  CA    . VAL A 1 14  ? 4.550   0.141   8.722   1.00 9.09   ? 14  VAL A CA    1 
ATOM   94   C  C     . VAL A 1 14  ? 3.163   -0.512  8.730   1.00 8.97   ? 14  VAL A C     1 
ATOM   95   O  O     . VAL A 1 14  ? 2.160   0.157   8.977   1.00 8.96   ? 14  VAL A O     1 
ATOM   96   C  CB    . VAL A 1 14  ? 4.706   1.077   7.489   1.00 9.27   ? 14  VAL A CB    1 
ATOM   97   C  CG1   . VAL A 1 14  ? 6.023   1.848   7.565   1.00 9.02   ? 14  VAL A CG1   1 
ATOM   98   C  CG2   . VAL A 1 14  ? 4.587   0.300   6.179   1.00 9.44   ? 14  VAL A CG2   1 
ATOM   99   N  N     . GLY A 1 15  ? 3.122   -1.813  8.450   1.00 9.08   ? 15  GLY A N     1 
ATOM   100  C  CA    . GLY A 1 15  ? 1.881   -2.579  8.476   1.00 9.11   ? 15  GLY A CA    1 
ATOM   101  C  C     . GLY A 1 15  ? 1.397   -3.067  7.126   1.00 9.20   ? 15  GLY A C     1 
ATOM   102  O  O     . GLY A 1 15  ? 0.212   -3.342  6.960   1.00 9.28   ? 15  GLY A O     1 
ATOM   103  N  N     . LYS A 1 16  ? 2.312   -3.188  6.165   1.00 9.09   ? 16  LYS A N     1 
ATOM   104  C  CA    . LYS A 1 16  ? 1.981   -3.687  4.824   1.00 8.94   ? 16  LYS A CA    1 
ATOM   105  C  C     . LYS A 1 16  ? 1.323   -5.067  4.867   1.00 9.13   ? 16  LYS A C     1 
ATOM   106  O  O     . LYS A 1 16  ? 0.266   -5.278  4.261   1.00 8.34   ? 16  LYS A O     1 
ATOM   107  C  CB    . LYS A 1 16  ? 3.230   -3.744  3.935   1.00 9.00   ? 16  LYS A CB    1 
ATOM   108  C  CG    . LYS A 1 16  ? 3.871   -2.387  3.651   1.00 8.84   ? 16  LYS A CG    1 
ATOM   109  C  CD    . LYS A 1 16  ? 5.105   -2.504  2.749   1.00 8.80   ? 16  LYS A CD    1 
ATOM   110  C  CE    . LYS A 1 16  ? 6.235   -3.321  3.365   1.00 8.49   ? 16  LYS A CE    1 
ATOM   111  N  NZ    . LYS A 1 16  ? 6.750   -2.768  4.660   1.00 7.76   ? 16  LYS A NZ    1 
ATOM   112  N  N     . SER A 1 17  ? 1.953   -5.993  5.591   1.00 9.22   ? 17  SER A N     1 
ATOM   113  C  CA    . SER A 1 17  ? 1.442   -7.355  5.720   1.00 9.31   ? 17  SER A CA    1 
ATOM   114  C  C     . SER A 1 17  ? 0.130   -7.385  6.486   1.00 9.28   ? 17  SER A C     1 
ATOM   115  O  O     . SER A 1 17  ? -0.830  -8.011  6.044   1.00 9.56   ? 17  SER A O     1 
ATOM   116  C  CB    . SER A 1 17  ? 2.469   -8.256  6.403   1.00 9.25   ? 17  SER A CB    1 
ATOM   117  O  OG    . SER A 1 17  ? 3.665   -8.302  5.640   1.00 8.99   ? 17  SER A OG    1 
ATOM   118  N  N     . ALA A 1 18  ? 0.098   -6.698  7.626   1.00 9.30   ? 18  ALA A N     1 
ATOM   119  C  CA    . ALA A 1 18  ? -1.113  -6.596  8.440   1.00 9.56   ? 18  ALA A CA    1 
ATOM   120  C  C     . ALA A 1 18  ? -2.314  -6.081  7.641   1.00 9.67   ? 18  ALA A C     1 
ATOM   121  O  O     . ALA A 1 18  ? -3.423  -6.614  7.770   1.00 9.86   ? 18  ALA A O     1 
ATOM   122  C  CB    . ALA A 1 18  ? -0.866  -5.728  9.665   1.00 9.32   ? 18  ALA A CB    1 
ATOM   123  N  N     . LEU A 1 19  ? -2.091  -5.047  6.827   1.00 9.61   ? 19  LEU A N     1 
ATOM   124  C  CA    . LEU A 1 19  ? -3.135  -4.490  5.958   1.00 9.65   ? 19  LEU A CA    1 
ATOM   125  C  C     . LEU A 1 19  ? -3.634  -5.505  4.938   1.00 9.66   ? 19  LEU A C     1 
ATOM   126  O  O     . LEU A 1 19  ? -4.841  -5.675  4.757   1.00 9.44   ? 19  LEU A O     1 
ATOM   127  C  CB    . LEU A 1 19  ? -2.626  -3.242  5.226   1.00 9.40   ? 19  LEU A CB    1 
ATOM   128  C  CG    . LEU A 1 19  ? -2.607  -1.939  6.028   1.00 9.40   ? 19  LEU A CG    1 
ATOM   129  C  CD1   . LEU A 1 19  ? -1.738  -0.887  5.356   1.00 8.99   ? 19  LEU A CD1   1 
ATOM   130  C  CD2   . LEU A 1 19  ? -4.019  -1.429  6.247   1.00 8.11   ? 19  LEU A CD2   1 
ATOM   131  N  N     . THR A 1 20  ? -2.693  -6.164  4.269   1.00 9.74   ? 20  THR A N     1 
ATOM   132  C  CA    . THR A 1 20  ? -3.009  -7.155  3.246   1.00 10.27  ? 20  THR A CA    1 
ATOM   133  C  C     . THR A 1 20  ? -3.749  -8.346  3.856   1.00 10.38  ? 20  THR A C     1 
ATOM   134  O  O     . THR A 1 20  ? -4.780  -8.785  3.334   1.00 10.73  ? 20  THR A O     1 
ATOM   135  C  CB    . THR A 1 20  ? -1.725  -7.600  2.504   1.00 10.41  ? 20  THR A CB    1 
ATOM   136  O  OG1   . THR A 1 20  ? -1.123  -6.459  1.885   1.00 10.30  ? 20  THR A OG1   1 
ATOM   137  C  CG2   . THR A 1 20  ? -2.031  -8.639  1.435   1.00 10.80  ? 20  THR A CG2   1 
ATOM   138  N  N     . ILE A 1 21  ? -3.237  -8.843  4.978   1.00 10.65  ? 21  ILE A N     1 
ATOM   139  C  CA    . ILE A 1 21  ? -3.835  -9.985  5.670   1.00 10.96  ? 21  ILE A CA    1 
ATOM   140  C  C     . ILE A 1 21  ? -5.210  -9.619  6.248   1.00 11.13  ? 21  ILE A C     1 
ATOM   141  O  O     . ILE A 1 21  ? -6.132  -10.431 6.220   1.00 11.00  ? 21  ILE A O     1 
ATOM   142  C  CB    . ILE A 1 21  ? -2.872  -10.556 6.732   1.00 10.85  ? 21  ILE A CB    1 
ATOM   143  C  CG1   . ILE A 1 21  ? -1.669  -11.212 6.033   1.00 11.19  ? 21  ILE A CG1   1 
ATOM   144  C  CG2   . ILE A 1 21  ? -3.571  -11.562 7.629   1.00 11.36  ? 21  ILE A CG2   1 
ATOM   145  C  CD1   . ILE A 1 21  ? -0.451  -11.418 6.918   1.00 11.46  ? 21  ILE A CD1   1 
ATOM   146  N  N     . GLN A 1 22  ? -5.351  -8.391  6.740   1.00 11.19  ? 22  GLN A N     1 
ATOM   147  C  CA    . GLN A 1 22  ? -6.663  -7.899  7.164   1.00 11.85  ? 22  GLN A CA    1 
ATOM   148  C  C     . GLN A 1 22  ? -7.659  -7.908  5.995   1.00 11.99  ? 22  GLN A C     1 
ATOM   149  O  O     . GLN A 1 22  ? -8.778  -8.414  6.125   1.00 11.80  ? 22  GLN A O     1 
ATOM   150  C  CB    . GLN A 1 22  ? -6.557  -6.501  7.787   1.00 11.62  ? 22  GLN A CB    1 
ATOM   151  C  CG    . GLN A 1 22  ? -7.853  -5.986  8.398   1.00 12.78  ? 22  GLN A CG    1 
ATOM   152  C  CD    . GLN A 1 22  ? -8.394  -6.894  9.498   1.00 12.23  ? 22  GLN A CD    1 
ATOM   153  O  OE1   . GLN A 1 22  ? -9.248  -7.740  9.248   1.00 12.81  ? 22  GLN A OE1   1 
ATOM   154  N  NE2   . GLN A 1 22  ? -7.899  -6.720  10.713  1.00 12.38  ? 22  GLN A NE2   1 
ATOM   155  N  N     . LEU A 1 23  ? -7.248  -7.362  4.853   1.00 12.28  ? 23  LEU A N     1 
ATOM   156  C  CA    . LEU A 1 23  ? -8.110  -7.350  3.671   1.00 12.64  ? 23  LEU A CA    1 
ATOM   157  C  C     . LEU A 1 23  ? -8.493  -8.765  3.216   1.00 12.70  ? 23  LEU A C     1 
ATOM   158  O  O     . LEU A 1 23  ? -9.665  -9.049  2.984   1.00 12.79  ? 23  LEU A O     1 
ATOM   159  C  CB    . LEU A 1 23  ? -7.466  -6.584  2.513   1.00 12.49  ? 23  LEU A CB    1 
ATOM   160  C  CG    . LEU A 1 23  ? -8.330  -6.505  1.246   1.00 13.00  ? 23  LEU A CG    1 
ATOM   161  C  CD1   . LEU A 1 23  ? -9.303  -5.325  1.300   1.00 12.04  ? 23  LEU A CD1   1 
ATOM   162  C  CD2   . LEU A 1 23  ? -7.468  -6.436  0.000   1.00 13.48  ? 23  LEU A CD2   1 
ATOM   163  N  N     . ILE A 1 24  ? -7.501  -9.643  3.108   1.00 12.84  ? 24  ILE A N     1 
ATOM   164  C  CA    . ILE A 1 24  ? -7.693  -10.959 2.489   1.00 13.17  ? 24  ILE A CA    1 
ATOM   165  C  C     . ILE A 1 24  ? -8.234  -12.002 3.471   1.00 13.16  ? 24  ILE A C     1 
ATOM   166  O  O     . ILE A 1 24  ? -9.105  -12.801 3.118   1.00 13.28  ? 24  ILE A O     1 
ATOM   167  C  CB    . ILE A 1 24  ? -6.381  -11.471 1.806   1.00 13.18  ? 24  ILE A CB    1 
ATOM   168  C  CG1   . ILE A 1 24  ? -5.933  -10.522 0.676   1.00 13.48  ? 24  ILE A CG1   1 
ATOM   169  C  CG2   . ILE A 1 24  ? -6.527  -12.921 1.300   1.00 13.28  ? 24  ILE A CG2   1 
ATOM   170  C  CD1   . ILE A 1 24  ? -7.023  -10.169 -0.351  1.00 14.94  ? 24  ILE A CD1   1 
ATOM   171  N  N     . GLN A 1 25  ? -7.726  -11.979 4.700   1.00 13.25  ? 25  GLN A N     1 
ATOM   172  C  CA    . GLN A 1 25  ? -8.002  -13.049 5.663   1.00 13.39  ? 25  GLN A CA    1 
ATOM   173  C  C     . GLN A 1 25  ? -8.828  -12.607 6.870   1.00 13.49  ? 25  GLN A C     1 
ATOM   174  O  O     . GLN A 1 25  ? -9.182  -13.431 7.722   1.00 13.08  ? 25  GLN A O     1 
ATOM   175  C  CB    . GLN A 1 25  ? -6.691  -13.698 6.117   1.00 13.29  ? 25  GLN A CB    1 
ATOM   176  C  CG    . GLN A 1 25  ? -5.832  -14.229 4.978   1.00 13.39  ? 25  GLN A CG    1 
ATOM   177  C  CD    . GLN A 1 25  ? -4.574  -14.929 5.459   1.00 13.50  ? 25  GLN A CD    1 
ATOM   178  O  OE1   . GLN A 1 25  ? -4.263  -14.931 6.653   1.00 14.12  ? 25  GLN A OE1   1 
ATOM   179  N  NE2   . GLN A 1 25  ? -3.845  -15.536 4.526   1.00 12.20  ? 25  GLN A NE2   1 
ATOM   180  N  N     . ASN A 1 26  ? -9.123  -11.309 6.943   1.00 13.82  ? 26  ASN A N     1 
ATOM   181  C  CA    . ASN A 1 26  ? -10.027 -10.759 7.960   1.00 14.27  ? 26  ASN A CA    1 
ATOM   182  C  C     . ASN A 1 26  ? -9.599  -10.977 9.412   1.00 14.04  ? 26  ASN A C     1 
ATOM   183  O  O     . ASN A 1 26  ? -10.426 -11.263 10.279  1.00 13.91  ? 26  ASN A O     1 
ATOM   184  C  CB    . ASN A 1 26  ? -11.459 -11.263 7.728   1.00 14.83  ? 26  ASN A CB    1 
ATOM   185  C  CG    . ASN A 1 26  ? -11.996 -10.866 6.370   1.00 16.38  ? 26  ASN A CG    1 
ATOM   186  O  OD1   . ASN A 1 26  ? -12.054 -11.683 5.448   1.00 19.68  ? 26  ASN A OD1   1 
ATOM   187  N  ND2   . ASN A 1 26  ? -12.363 -9.601  6.228   1.00 18.23  ? 26  ASN A ND2   1 
ATOM   188  N  N     . HIS A 1 27  ? -8.298  -10.848 9.671   1.00 13.63  ? 27  HIS A N     1 
ATOM   189  C  CA    . HIS A 1 27  ? -7.789  -10.829 11.037  1.00 13.13  ? 27  HIS A CA    1 
ATOM   190  C  C     . HIS A 1 27  ? -6.550  -9.940  11.127  1.00 13.28  ? 27  HIS A C     1 
ATOM   191  O  O     . HIS A 1 27  ? -5.912  -9.630  10.114  1.00 12.97  ? 27  HIS A O     1 
ATOM   192  C  CB    . HIS A 1 27  ? -7.475  -12.244 11.537  1.00 13.09  ? 27  HIS A CB    1 
ATOM   193  C  CG    . HIS A 1 27  ? -6.402  -12.934 10.757  1.00 12.47  ? 27  HIS A CG    1 
ATOM   194  N  ND1   . HIS A 1 27  ? -5.102  -13.029 11.201  1.00 12.60  ? 27  HIS A ND1   1 
ATOM   195  C  CD2   . HIS A 1 27  ? -6.434  -13.551 9.553   1.00 12.13  ? 27  HIS A CD2   1 
ATOM   196  C  CE1   . HIS A 1 27  ? -4.381  -13.682 10.310  1.00 11.90  ? 27  HIS A CE1   1 
ATOM   197  N  NE2   . HIS A 1 27  ? -5.165  -14.007 9.298   1.00 12.58  ? 27  HIS A NE2   1 
ATOM   198  N  N     . PHE A 1 28  ? -6.218  -9.533  12.347  1.00 13.07  ? 28  PHE A N     1 
ATOM   199  C  CA    . PHE A 1 28  ? -5.079  -8.662  12.576  1.00 13.06  ? 28  PHE A CA    1 
ATOM   200  C  C     . PHE A 1 28  ? -3.864  -9.458  13.023  1.00 13.13  ? 28  PHE A C     1 
ATOM   201  O  O     . PHE A 1 28  ? -3.929  -10.210 13.995  1.00 13.42  ? 28  PHE A O     1 
ATOM   202  C  CB    . PHE A 1 28  ? -5.429  -7.580  13.603  1.00 12.87  ? 28  PHE A CB    1 
ATOM   203  C  CG    . PHE A 1 28  ? -4.280  -6.670  13.946  1.00 12.77  ? 28  PHE A CG    1 
ATOM   204  C  CD1   . PHE A 1 28  ? -3.622  -5.940  12.953  1.00 12.53  ? 28  PHE A CD1   1 
ATOM   205  C  CD2   . PHE A 1 28  ? -3.865  -6.527  15.266  1.00 12.29  ? 28  PHE A CD2   1 
ATOM   206  C  CE1   . PHE A 1 28  ? -2.564  -5.093  13.274  1.00 12.37  ? 28  PHE A CE1   1 
ATOM   207  C  CE2   . PHE A 1 28  ? -2.809  -5.679  15.594  1.00 12.51  ? 28  PHE A CE2   1 
ATOM   208  C  CZ    . PHE A 1 28  ? -2.161  -4.965  14.597  1.00 12.38  ? 28  PHE A CZ    1 
ATOM   209  N  N     . VAL A 1 29  ? -2.760  -9.296  12.299  1.00 13.23  ? 29  VAL A N     1 
ATOM   210  C  CA    . VAL A 1 29  ? -1.492  -9.898  12.695  1.00 13.26  ? 29  VAL A CA    1 
ATOM   211  C  C     . VAL A 1 29  ? -0.818  -8.985  13.716  1.00 13.22  ? 29  VAL A C     1 
ATOM   212  O  O     . VAL A 1 29  ? -0.381  -7.881  13.380  1.00 12.95  ? 29  VAL A O     1 
ATOM   213  C  CB    . VAL A 1 29  ? -0.555  -10.146 11.482  1.00 13.20  ? 29  VAL A CB    1 
ATOM   214  C  CG1   . VAL A 1 29  ? 0.754   -10.790 11.931  1.00 13.46  ? 29  VAL A CG1   1 
ATOM   215  C  CG2   . VAL A 1 29  ? -1.242  -11.033 10.453  1.00 13.57  ? 29  VAL A CG2   1 
ATOM   216  N  N     . ASP A 1 30  ? -0.744  -9.453  14.959  1.00 13.06  ? 30  ASP A N     1 
ATOM   217  C  CA    . ASP A 1 30  ? -0.179  -8.670  16.059  1.00 13.36  ? 30  ASP A CA    1 
ATOM   218  C  C     . ASP A 1 30  ? 1.343   -8.721  16.080  1.00 13.26  ? 30  ASP A C     1 
ATOM   219  O  O     . ASP A 1 30  ? 1.997   -7.744  16.437  1.00 13.23  ? 30  ASP A O     1 
ATOM   220  C  CB    . ASP A 1 30  ? -0.723  -9.154  17.408  1.00 13.36  ? 30  ASP A CB    1 
ATOM   221  C  CG    . ASP A 1 30  ? -2.223  -8.990  17.523  1.00 13.88  ? 30  ASP A CG    1 
ATOM   222  O  OD1   . ASP A 1 30  ? -2.958  -9.791  16.916  1.00 13.77  ? 30  ASP A OD1   1 
ATOM   223  O  OD2   . ASP A 1 30  ? -2.667  -8.063  18.231  1.00 15.12  ? 30  ASP A OD2   1 
ATOM   224  N  N     . GLU A 1 31  ? 1.899   -9.868  15.708  1.00 13.32  ? 31  GLU A N     1 
ATOM   225  C  CA    . GLU A 1 31  ? 3.346   -10.065 15.746  1.00 13.69  ? 31  GLU A CA    1 
ATOM   226  C  C     . GLU A 1 31  ? 4.013   -9.442  14.523  1.00 13.92  ? 31  GLU A C     1 
ATOM   227  O  O     . GLU A 1 31  ? 3.363   -9.208  13.497  1.00 13.77  ? 31  GLU A O     1 
ATOM   228  C  CB    . GLU A 1 31  ? 3.686   -11.559 15.851  1.00 13.41  ? 31  GLU A CB    1 
ATOM   229  C  CG    . GLU A 1 31  ? 3.565   -12.331 14.543  1.00 13.47  ? 31  GLU A CG    1 
ATOM   230  C  CD    . GLU A 1 31  ? 3.355   -13.819 14.762  1.00 13.20  ? 31  GLU A CD    1 
ATOM   231  O  OE1   . GLU A 1 31  ? 2.219   -14.223 15.061  1.00 13.61  ? 31  GLU A OE1   1 
ATOM   232  O  OE2   . GLU A 1 31  ? 4.324   -14.587 14.624  1.00 12.48  ? 31  GLU A OE2   1 
ATOM   233  N  N     . TYR A 1 32  ? 5.311   -9.178  14.640  1.00 14.50  ? 32  TYR A N     1 
ATOM   234  C  CA    . TYR A 1 32  ? 6.079   -8.647  13.525  1.00 15.29  ? 32  TYR A CA    1 
ATOM   235  C  C     . TYR A 1 32  ? 7.053   -9.688  12.975  1.00 15.30  ? 32  TYR A C     1 
ATOM   236  O  O     . TYR A 1 32  ? 8.116   -9.927  13.551  1.00 15.15  ? 32  TYR A O     1 
ATOM   237  C  CB    . TYR A 1 32  ? 6.792   -7.333  13.909  1.00 15.59  ? 32  TYR A CB    1 
ATOM   238  C  CG    . TYR A 1 32  ? 7.617   -6.701  12.793  1.00 16.66  ? 32  TYR A CG    1 
ATOM   239  C  CD1   . TYR A 1 32  ? 8.597   -5.745  13.075  1.00 17.72  ? 32  TYR A CD1   1 
ATOM   240  C  CD2   . TYR A 1 32  ? 7.424   -7.064  11.458  1.00 17.09  ? 32  TYR A CD2   1 
ATOM   241  C  CE1   . TYR A 1 32  ? 9.357   -5.165  12.045  1.00 18.09  ? 32  TYR A CE1   1 
ATOM   242  C  CE2   . TYR A 1 32  ? 8.177   -6.505  10.440  1.00 17.16  ? 32  TYR A CE2   1 
ATOM   243  C  CZ    . TYR A 1 32  ? 9.138   -5.558  10.732  1.00 17.37  ? 32  TYR A CZ    1 
ATOM   244  O  OH    . TYR A 1 32  ? 9.875   -5.013  9.695   1.00 17.73  ? 32  TYR A OH    1 
ATOM   245  N  N     . ASP A 1 33  ? 6.658   -10.312 11.866  1.00 15.66  ? 33  ASP A N     1 
ATOM   246  C  CA    . ASP A 1 33  ? 7.550   -11.141 11.057  1.00 15.76  ? 33  ASP A CA    1 
ATOM   247  C  C     . ASP A 1 33  ? 7.859   -10.411 9.754   1.00 15.72  ? 33  ASP A C     1 
ATOM   248  O  O     . ASP A 1 33  ? 6.973   -10.272 8.904   1.00 15.58  ? 33  ASP A O     1 
ATOM   249  C  CB    . ASP A 1 33  ? 6.908   -12.493 10.739  1.00 16.04  ? 33  ASP A CB    1 
ATOM   250  C  CG    . ASP A 1 33  ? 6.715   -13.355 11.970  1.00 16.83  ? 33  ASP A CG    1 
ATOM   251  O  OD1   . ASP A 1 33  ? 7.548   -13.286 12.894  1.00 18.13  ? 33  ASP A OD1   1 
ATOM   252  O  OD2   . ASP A 1 33  ? 5.726   -14.117 12.019  1.00 17.91  ? 33  ASP A OD2   1 
ATOM   253  N  N     . PRO A 1 34  ? 9.106   -9.921  9.597   1.00 15.79  ? 34  PRO A N     1 
ATOM   254  C  CA    . PRO A 1 34  ? 9.508   -9.263  8.350   1.00 15.68  ? 34  PRO A CA    1 
ATOM   255  C  C     . PRO A 1 34  ? 9.258   -10.138 7.124   1.00 15.53  ? 34  PRO A C     1 
ATOM   256  O  O     . PRO A 1 34  ? 9.550   -11.339 7.137   1.00 15.57  ? 34  PRO A O     1 
ATOM   257  C  CB    . PRO A 1 34  ? 11.010  -9.015  8.548   1.00 15.61  ? 34  PRO A CB    1 
ATOM   258  C  CG    . PRO A 1 34  ? 11.176  -8.932  10.021  1.00 15.90  ? 34  PRO A CG    1 
ATOM   259  C  CD    . PRO A 1 34  ? 10.200  -9.927  10.587  1.00 16.05  ? 34  PRO A CD    1 
ATOM   260  N  N     . THR A 1 35  ? 8.697   -9.530  6.088   1.00 15.46  ? 35  THR A N     1 
ATOM   261  C  CA    . THR A 1 35  ? 8.352   -10.226 4.858   1.00 15.62  ? 35  THR A CA    1 
ATOM   262  C  C     . THR A 1 35  ? 9.538   -10.215 3.908   1.00 15.95  ? 35  THR A C     1 
ATOM   263  O  O     . THR A 1 35  ? 10.303  -9.254  3.874   1.00 16.07  ? 35  THR A O     1 
ATOM   264  C  CB    . THR A 1 35  ? 7.160   -9.534  4.156   1.00 15.53  ? 35  THR A CB    1 
ATOM   265  O  OG1   . THR A 1 35  ? 6.117   -9.287  5.111   1.00 15.14  ? 35  THR A OG1   1 
ATOM   266  C  CG2   . THR A 1 35  ? 6.615   -10.367 3.009   1.00 15.13  ? 35  THR A CG2   1 
ATOM   267  N  N     . ILE A 1 36  ? 9.683   -11.291 3.145   1.00 16.48  ? 36  ILE A N     1 
ATOM   268  C  CA    . ILE A 1 36  ? 10.572  -11.293 1.992   1.00 17.24  ? 36  ILE A CA    1 
ATOM   269  C  C     . ILE A 1 36  ? 9.736   -10.849 0.797   1.00 17.18  ? 36  ILE A C     1 
ATOM   270  O  O     . ILE A 1 36  ? 9.844   -9.712  0.341   1.00 17.24  ? 36  ILE A O     1 
ATOM   271  C  CB    . ILE A 1 36  ? 11.203  -12.696 1.738   1.00 17.36  ? 36  ILE A CB    1 
ATOM   272  C  CG1   . ILE A 1 36  ? 11.877  -13.245 3.007   1.00 18.40  ? 36  ILE A CG1   1 
ATOM   273  C  CG2   . ILE A 1 36  ? 12.157  -12.668 0.533   1.00 17.66  ? 36  ILE A CG2   1 
ATOM   274  C  CD1   . ILE A 1 36  ? 12.939  -12.332 3.629   1.00 20.56  ? 36  ILE A CD1   1 
ATOM   275  N  N     . GLU A 1 37  ? 8.878   -11.744 0.318   1.00 17.25  ? 37  GLU A N     1 
ATOM   276  C  CA    . GLU A 1 37  ? 8.017   -11.461 -0.815  1.00 17.46  ? 37  GLU A CA    1 
ATOM   277  C  C     . GLU A 1 37  ? 6.859   -12.447 -0.811  1.00 16.91  ? 37  GLU A C     1 
ATOM   278  O  O     . GLU A 1 37  ? 7.044   -13.629 -1.095  1.00 16.77  ? 37  GLU A O     1 
ATOM   279  C  CB    . GLU A 1 37  ? 8.811   -11.565 -2.121  1.00 18.05  ? 37  GLU A CB    1 
ATOM   280  C  CG    . GLU A 1 37  ? 8.327   -10.650 -3.219  1.00 20.29  ? 37  GLU A CG    1 
ATOM   281  C  CD    . GLU A 1 37  ? 8.542   -9.171  -2.918  1.00 22.65  ? 37  GLU A CD    1 
ATOM   282  O  OE1   . GLU A 1 37  ? 7.579   -8.409  -3.097  1.00 23.43  ? 37  GLU A OE1   1 
ATOM   283  O  OE2   . GLU A 1 37  ? 9.657   -8.766  -2.510  1.00 24.97  ? 37  GLU A OE2   1 
ATOM   284  N  N     . ASP A 1 38  ? 5.668   -11.958 -0.473  1.00 16.29  ? 38  ASP A N     1 
ATOM   285  C  CA    . ASP A 1 38  ? 4.488   -12.810 -0.398  1.00 16.10  ? 38  ASP A CA    1 
ATOM   286  C  C     . ASP A 1 38  ? 3.413   -12.352 -1.367  1.00 16.27  ? 38  ASP A C     1 
ATOM   287  O  O     . ASP A 1 38  ? 3.284   -11.164 -1.661  1.00 16.04  ? 38  ASP A O     1 
ATOM   288  C  CB    . ASP A 1 38  ? 3.920   -12.854 1.023   1.00 15.80  ? 38  ASP A CB    1 
ATOM   289  C  CG    . ASP A 1 38  ? 4.881   -13.465 2.027   1.00 15.39  ? 38  ASP A CG    1 
ATOM   290  O  OD1   . ASP A 1 38  ? 5.718   -14.310 1.636   1.00 14.06  ? 38  ASP A OD1   1 
ATOM   291  O  OD2   . ASP A 1 38  ? 4.788   -13.103 3.220   1.00 14.24  ? 38  ASP A OD2   1 
ATOM   292  N  N     . SER A 1 39  ? 2.641   -13.317 -1.846  1.00 16.45  ? 39  SER A N     1 
ATOM   293  C  CA    . SER A 1 39  ? 1.566   -13.066 -2.787  1.00 17.13  ? 39  SER A CA    1 
ATOM   294  C  C     . SER A 1 39  ? 0.248   -13.550 -2.195  1.00 17.11  ? 39  SER A C     1 
ATOM   295  O  O     . SER A 1 39  ? 0.193   -14.597 -1.552  1.00 16.53  ? 39  SER A O     1 
ATOM   296  C  CB    . SER A 1 39  ? 1.863   -13.776 -4.111  1.00 17.04  ? 39  SER A CB    1 
ATOM   297  O  OG    . SER A 1 39  ? 0.785   -13.661 -5.015  1.00 19.73  ? 39  SER A OG    1 
ATOM   298  N  N     . TYR A 1 40  ? -0.802  -12.760 -2.399  1.00 17.54  ? 40  TYR A N     1 
ATOM   299  C  CA    . TYR A 1 40  ? -2.155  -13.127 -1.992  1.00 18.04  ? 40  TYR A CA    1 
ATOM   300  C  C     . TYR A 1 40  ? -3.098  -12.927 -3.165  1.00 18.62  ? 40  TYR A C     1 
ATOM   301  O  O     . TYR A 1 40  ? -2.952  -11.973 -3.930  1.00 18.49  ? 40  TYR A O     1 
ATOM   302  C  CB    . TYR A 1 40  ? -2.620  -12.262 -0.820  1.00 17.89  ? 40  TYR A CB    1 
ATOM   303  C  CG    . TYR A 1 40  ? -1.834  -12.446 0.456   1.00 17.62  ? 40  TYR A CG    1 
ATOM   304  C  CD1   . TYR A 1 40  ? -0.638  -11.760 0.663   1.00 17.15  ? 40  TYR A CD1   1 
ATOM   305  C  CD2   . TYR A 1 40  ? -2.298  -13.288 1.466   1.00 17.00  ? 40  TYR A CD2   1 
ATOM   306  C  CE1   . TYR A 1 40  ? 0.083   -11.914 1.835   1.00 17.72  ? 40  TYR A CE1   1 
ATOM   307  C  CE2   . TYR A 1 40  ? -1.585  -13.450 2.647   1.00 17.50  ? 40  TYR A CE2   1 
ATOM   308  C  CZ    . TYR A 1 40  ? -0.394  -12.758 2.824   1.00 17.51  ? 40  TYR A CZ    1 
ATOM   309  O  OH    . TYR A 1 40  ? 0.325   -12.909 3.982   1.00 17.28  ? 40  TYR A OH    1 
ATOM   310  N  N     . ARG A 1 41  ? -4.061  -13.833 -3.306  1.00 19.43  ? 41  ARG A N     1 
ATOM   311  C  CA    . ARG A 1 41  ? -5.067  -13.734 -4.360  1.00 20.24  ? 41  ARG A CA    1 
ATOM   312  C  C     . ARG A 1 41  ? -6.466  -13.924 -3.791  1.00 20.30  ? 41  ARG A C     1 
ATOM   313  O  O     . ARG A 1 41  ? -6.707  -14.855 -3.019  1.00 20.34  ? 41  ARG A O     1 
ATOM   314  C  CB    . ARG A 1 41  ? -4.804  -14.759 -5.467  1.00 20.21  ? 41  ARG A CB    1 
ATOM   315  C  CG    . ARG A 1 41  ? -3.605  -14.431 -6.349  1.00 21.25  ? 41  ARG A CG    1 
ATOM   316  C  CD    . ARG A 1 41  ? -3.164  -15.627 -7.192  1.00 21.60  ? 41  ARG A CD    1 
ATOM   317  N  NE    . ARG A 1 41  ? -4.144  -16.007 -8.212  1.00 24.47  ? 41  ARG A NE    1 
ATOM   318  C  CZ    . ARG A 1 41  ? -4.150  -15.557 -9.466  1.00 26.03  ? 41  ARG A CZ    1 
ATOM   319  N  NH1   . ARG A 1 41  ? -5.083  -15.975 -10.312 1.00 27.24  ? 41  ARG A NH1   1 
ATOM   320  N  NH2   . ARG A 1 41  ? -3.230  -14.694 -9.882  1.00 26.98  ? 41  ARG A NH2   1 
ATOM   321  N  N     . LYS A 1 42  ? -7.384  -13.035 -4.167  1.00 20.16  ? 42  LYS A N     1 
ATOM   322  C  CA    . LYS A 1 42  ? -8.779  -13.166 -3.757  1.00 20.11  ? 42  LYS A CA    1 
ATOM   323  C  C     . LYS A 1 42  ? -9.746  -12.561 -4.765  1.00 19.71  ? 42  LYS A C     1 
ATOM   324  O  O     . LYS A 1 42  ? -9.529  -11.460 -5.280  1.00 19.28  ? 42  LYS A O     1 
ATOM   325  C  CB    . LYS A 1 42  ? -9.015  -12.553 -2.375  1.00 20.48  ? 42  LYS A CB    1 
ATOM   326  C  CG    . LYS A 1 42  ? -10.324 -12.990 -1.730  1.00 21.58  ? 42  LYS A CG    1 
ATOM   327  C  CD    . LYS A 1 42  ? -10.266 -12.868 -0.222  1.00 23.98  ? 42  LYS A CD    1 
ATOM   328  C  CE    . LYS A 1 42  ? -11.500 -13.483 0.414   1.00 25.30  ? 42  LYS A CE    1 
ATOM   329  N  NZ    . LYS A 1 42  ? -11.427 -13.413 1.899   1.00 27.09  ? 42  LYS A NZ    1 
ATOM   330  N  N     . GLN A 1 43  ? -10.810 -13.309 -5.033  1.00 19.42  ? 43  GLN A N     1 
ATOM   331  C  CA    . GLN A 1 43  ? -11.911 -12.857 -5.858  1.00 19.33  ? 43  GLN A CA    1 
ATOM   332  C  C     . GLN A 1 43  ? -12.846 -12.008 -5.002  1.00 18.98  ? 43  GLN A C     1 
ATOM   333  O  O     . GLN A 1 43  ? -13.301 -12.445 -3.944  1.00 18.58  ? 43  GLN A O     1 
ATOM   334  C  CB    . GLN A 1 43  ? -12.641 -14.069 -6.434  1.00 19.78  ? 43  GLN A CB    1 
ATOM   335  C  CG    . GLN A 1 43  ? -13.738 -13.753 -7.420  1.00 20.98  ? 43  GLN A CG    1 
ATOM   336  C  CD    . GLN A 1 43  ? -14.356 -15.005 -8.005  1.00 22.20  ? 43  GLN A CD    1 
ATOM   337  O  OE1   . GLN A 1 43  ? -13.666 -15.830 -8.602  1.00 23.16  ? 43  GLN A OE1   1 
ATOM   338  N  NE2   . GLN A 1 43  ? -15.663 -15.156 -7.832  1.00 22.90  ? 43  GLN A NE2   1 
ATOM   339  N  N     . VAL A 1 44  ? -13.103 -10.782 -5.454  1.00 18.46  ? 44  VAL A N     1 
ATOM   340  C  CA    . VAL A 1 44  ? -13.963 -9.844  -4.727  1.00 18.15  ? 44  VAL A CA    1 
ATOM   341  C  C     . VAL A 1 44  ? -14.870 -9.087  -5.692  1.00 17.83  ? 44  VAL A C     1 
ATOM   342  O  O     . VAL A 1 44  ? -14.555 -8.945  -6.872  1.00 18.00  ? 44  VAL A O     1 
ATOM   343  C  CB    . VAL A 1 44  ? -13.148 -8.805  -3.891  1.00 18.15  ? 44  VAL A CB    1 
ATOM   344  C  CG1   . VAL A 1 44  ? -12.347 -9.482  -2.782  1.00 18.45  ? 44  VAL A CG1   1 
ATOM   345  C  CG2   . VAL A 1 44  ? -12.232 -7.980  -4.786  1.00 18.53  ? 44  VAL A CG2   1 
ATOM   346  N  N     . VAL A 1 45  ? -15.996 -8.601  -5.189  1.00 17.26  ? 45  VAL A N     1 
ATOM   347  C  CA    . VAL A 1 45  ? -16.862 -7.751  -5.986  1.00 16.97  ? 45  VAL A CA    1 
ATOM   348  C  C     . VAL A 1 45  ? -16.597 -6.303  -5.587  1.00 16.79  ? 45  VAL A C     1 
ATOM   349  O  O     . VAL A 1 45  ? -16.744 -5.932  -4.422  1.00 16.64  ? 45  VAL A O     1 
ATOM   350  C  CB    . VAL A 1 45  ? -18.357 -8.109  -5.829  1.00 17.10  ? 45  VAL A CB    1 
ATOM   351  C  CG1   . VAL A 1 45  ? -19.207 -7.263  -6.772  1.00 16.99  ? 45  VAL A CG1   1 
ATOM   352  C  CG2   . VAL A 1 45  ? -18.587 -9.596  -6.099  1.00 17.17  ? 45  VAL A CG2   1 
ATOM   353  N  N     . ILE A 1 46  ? -16.163 -5.503  -6.554  1.00 16.35  ? 46  ILE A N     1 
ATOM   354  C  CA    . ILE A 1 46  ? -15.918 -4.085  -6.319  1.00 16.55  ? 46  ILE A CA    1 
ATOM   355  C  C     . ILE A 1 46  ? -16.743 -3.297  -7.329  1.00 16.76  ? 46  ILE A C     1 
ATOM   356  O  O     . ILE A 1 46  ? -16.570 -3.449  -8.541  1.00 16.43  ? 46  ILE A O     1 
ATOM   357  C  CB    . ILE A 1 46  ? -14.414 -3.721  -6.415  1.00 16.33  ? 46  ILE A CB    1 
ATOM   358  C  CG1   . ILE A 1 46  ? -13.603 -4.501  -5.371  1.00 16.40  ? 46  ILE A CG1   1 
ATOM   359  C  CG2   . ILE A 1 46  ? -14.204 -2.213  -6.232  1.00 16.58  ? 46  ILE A CG2   1 
ATOM   360  C  CD1   . ILE A 1 46  ? -12.096 -4.500  -5.615  1.00 16.46  ? 46  ILE A CD1   1 
ATOM   361  N  N     . ASP A 1 47  ? -17.657 -2.478  -6.810  1.00 17.29  ? 47  ASP A N     1 
ATOM   362  C  CA    . ASP A 1 47  ? -18.572 -1.689  -7.632  1.00 17.89  ? 47  ASP A CA    1 
ATOM   363  C  C     . ASP A 1 47  ? -19.270 -2.543  -8.689  1.00 18.18  ? 47  ASP A C     1 
ATOM   364  O  O     . ASP A 1 47  ? -19.298 -2.185  -9.865  1.00 18.87  ? 47  ASP A O     1 
ATOM   365  C  CB    . ASP A 1 47  ? -17.837 -0.510  -8.286  1.00 18.05  ? 47  ASP A CB    1 
ATOM   366  C  CG    . ASP A 1 47  ? -17.058 0.315   -7.290  1.00 18.01  ? 47  ASP A CG    1 
ATOM   367  O  OD1   . ASP A 1 47  ? -17.629 0.698   -6.247  1.00 18.95  ? 47  ASP A OD1   1 
ATOM   368  O  OD2   . ASP A 1 47  ? -15.865 0.581   -7.547  1.00 19.40  ? 47  ASP A OD2   1 
ATOM   369  N  N     . GLY A 1 48  ? -19.812 -3.683  -8.267  1.00 18.39  ? 48  GLY A N     1 
ATOM   370  C  CA    . GLY A 1 48  ? -20.565 -4.568  -9.155  1.00 18.69  ? 48  GLY A CA    1 
ATOM   371  C  C     . GLY A 1 48  ? -19.746 -5.421  -10.106 1.00 19.11  ? 48  GLY A C     1 
ATOM   372  O  O     . GLY A 1 48  ? -20.306 -6.211  -10.870 1.00 18.89  ? 48  GLY A O     1 
ATOM   373  N  N     . GLU A 1 49  ? -18.422 -5.258  -10.069 1.00 19.43  ? 49  GLU A N     1 
ATOM   374  C  CA    . GLU A 1 49  ? -17.512 -6.036  -10.909 1.00 20.00  ? 49  GLU A CA    1 
ATOM   375  C  C     . GLU A 1 49  ? -16.836 -7.118  -10.078 1.00 19.92  ? 49  GLU A C     1 
ATOM   376  O  O     . GLU A 1 49  ? -16.199 -6.824  -9.064  1.00 19.80  ? 49  GLU A O     1 
ATOM   377  C  CB    . GLU A 1 49  ? -16.452 -5.122  -11.554 1.00 20.01  ? 49  GLU A CB    1 
ATOM   378  C  CG    . GLU A 1 49  ? -15.417 -5.842  -12.425 1.00 20.61  ? 49  GLU A CG    1 
ATOM   379  C  CD    . GLU A 1 49  ? -14.321 -4.916  -12.951 1.00 21.05  ? 49  GLU A CD    1 
ATOM   380  O  OE1   . GLU A 1 49  ? -13.515 -4.398  -12.148 1.00 21.45  ? 49  GLU A OE1   1 
ATOM   381  O  OE2   . GLU A 1 49  ? -14.255 -4.715  -14.180 1.00 23.46  ? 49  GLU A OE2   1 
ATOM   382  N  N     . THR A 1 50  ? -16.980 -8.369  -10.505 1.00 20.14  ? 50  THR A N     1 
ATOM   383  C  CA    . THR A 1 50  ? -16.238 -9.462  -9.891  1.00 20.38  ? 50  THR A CA    1 
ATOM   384  C  C     . THR A 1 50  ? -14.773 -9.342  -10.317 1.00 20.38  ? 50  THR A C     1 
ATOM   385  O  O     . THR A 1 50  ? -14.450 -9.423  -11.505 1.00 20.50  ? 50  THR A O     1 
ATOM   386  C  CB    . THR A 1 50  ? -16.825 -10.848 -10.254 1.00 20.56  ? 50  THR A CB    1 
ATOM   387  O  OG1   . THR A 1 50  ? -18.239 -10.841 -10.022 1.00 21.04  ? 50  THR A OG1   1 
ATOM   388  C  CG2   . THR A 1 50  ? -16.197 -11.935 -9.400  1.00 20.72  ? 50  THR A CG2   1 
ATOM   389  N  N     . CYS A 1 51  ? -13.911 -9.112  -9.331  1.00 20.27  ? 51  CYS A N     1 
ATOM   390  C  CA    . CYS A 1 51  ? -12.494 -8.826  -9.544  1.00 20.55  ? 51  CYS A CA    1 
ATOM   391  C  C     . CYS A 1 51  ? -11.650 -9.918  -8.929  1.00 19.90  ? 51  CYS A C     1 
ATOM   392  O  O     . CYS A 1 51  ? -11.991 -10.446 -7.874  1.00 19.80  ? 51  CYS A O     1 
ATOM   393  C  CB    . CYS A 1 51  ? -12.092 -7.525  -8.836  1.00 20.10  ? 51  CYS A CB    1 
ATOM   394  S  SG    . CYS A 1 51  ? -12.967 -6.063  -9.305  1.00 23.74  ? 51  CYS A SG    1 
ATOM   395  N  N     . LEU A 1 52  ? -10.536 -10.234 -9.576  1.00 19.44  ? 52  LEU A N     1 
ATOM   396  C  CA    . LEU A 1 52  ? -9.494  -11.003 -8.921  1.00 19.18  ? 52  LEU A CA    1 
ATOM   397  C  C     . LEU A 1 52  ? -8.413  -10.017 -8.489  1.00 18.60  ? 52  LEU A C     1 
ATOM   398  O  O     . LEU A 1 52  ? -7.840  -9.309  -9.319  1.00 18.64  ? 52  LEU A O     1 
ATOM   399  C  CB    . LEU A 1 52  ? -8.929  -12.085 -9.855  1.00 19.30  ? 52  LEU A CB    1 
ATOM   400  C  CG    . LEU A 1 52  ? -8.107  -13.262 -9.292  1.00 20.30  ? 52  LEU A CG    1 
ATOM   401  C  CD1   . LEU A 1 52  ? -6.678  -12.858 -8.906  1.00 20.54  ? 52  LEU A CD1   1 
ATOM   402  C  CD2   . LEU A 1 52  ? -8.803  -13.977 -8.127  1.00 20.38  ? 52  LEU A CD2   1 
ATOM   403  N  N     . LEU A 1 53  ? -8.165  -9.950  -7.186  1.00 17.96  ? 53  LEU A N     1 
ATOM   404  C  CA    . LEU A 1 53  ? -7.078  -9.136  -6.659  1.00 17.61  ? 53  LEU A CA    1 
ATOM   405  C  C     . LEU A 1 53  ? -5.843  -9.996  -6.483  1.00 17.35  ? 53  LEU A C     1 
ATOM   406  O  O     . LEU A 1 53  ? -5.875  -10.991 -5.771  1.00 17.35  ? 53  LEU A O     1 
ATOM   407  C  CB    . LEU A 1 53  ? -7.453  -8.506  -5.314  1.00 17.48  ? 53  LEU A CB    1 
ATOM   408  C  CG    . LEU A 1 53  ? -8.632  -7.534  -5.226  1.00 17.39  ? 53  LEU A CG    1 
ATOM   409  C  CD1   . LEU A 1 53  ? -8.678  -6.918  -3.841  1.00 17.58  ? 53  LEU A CD1   1 
ATOM   410  C  CD2   . LEU A 1 53  ? -8.553  -6.450  -6.296  1.00 17.57  ? 53  LEU A CD2   1 
ATOM   411  N  N     . ASP A 1 54  ? -4.758  -9.609  -7.145  1.00 16.96  ? 54  ASP A N     1 
ATOM   412  C  CA    . ASP A 1 54  ? -3.480  -10.268 -6.962  1.00 16.67  ? 54  ASP A CA    1 
ATOM   413  C  C     . ASP A 1 54  ? -2.573  -9.286  -6.235  1.00 16.06  ? 54  ASP A C     1 
ATOM   414  O  O     . ASP A 1 54  ? -2.131  -8.289  -6.811  1.00 15.84  ? 54  ASP A O     1 
ATOM   415  C  CB    . ASP A 1 54  ? -2.883  -10.684 -8.309  1.00 17.06  ? 54  ASP A CB    1 
ATOM   416  C  CG    . ASP A 1 54  ? -1.677  -11.604 -8.157  1.00 18.44  ? 54  ASP A CG    1 
ATOM   417  O  OD1   . ASP A 1 54  ? -0.620  -11.149 -7.674  1.00 19.55  ? 54  ASP A OD1   1 
ATOM   418  O  OD2   . ASP A 1 54  ? -1.784  -12.787 -8.536  1.00 21.06  ? 54  ASP A OD2   1 
ATOM   419  N  N     . ILE A 1 55  ? -2.315  -9.561  -4.961  1.00 15.26  ? 55  ILE A N     1 
ATOM   420  C  CA    . ILE A 1 55  ? -1.599  -8.613  -4.122  1.00 14.61  ? 55  ILE A CA    1 
ATOM   421  C  C     . ILE A 1 55  ? -0.203  -9.106  -3.767  1.00 14.53  ? 55  ILE A C     1 
ATOM   422  O  O     . ILE A 1 55  ? -0.036  -10.165 -3.153  1.00 14.24  ? 55  ILE A O     1 
ATOM   423  C  CB    . ILE A 1 55  ? -2.388  -8.249  -2.841  1.00 14.42  ? 55  ILE A CB    1 
ATOM   424  C  CG1   . ILE A 1 55  ? -3.813  -7.801  -3.197  1.00 14.13  ? 55  ILE A CG1   1 
ATOM   425  C  CG2   . ILE A 1 55  ? -1.662  -7.147  -2.060  1.00 13.90  ? 55  ILE A CG2   1 
ATOM   426  C  CD1   . ILE A 1 55  ? -4.744  -7.739  -2.016  1.00 13.41  ? 55  ILE A CD1   1 
ATOM   427  N  N     . LEU A 1 56  ? 0.788   -8.320  -4.176  1.00 14.22  ? 56  LEU A N     1 
ATOM   428  C  CA    . LEU A 1 56  ? 2.170   -8.550  -3.801  1.00 14.19  ? 56  LEU A CA    1 
ATOM   429  C  C     . LEU A 1 56  ? 2.497   -7.766  -2.538  1.00 14.04  ? 56  LEU A C     1 
ATOM   430  O  O     . LEU A 1 56  ? 2.441   -6.530  -2.511  1.00 13.91  ? 56  LEU A O     1 
ATOM   431  C  CB    . LEU A 1 56  ? 3.116   -8.155  -4.936  1.00 14.44  ? 56  LEU A CB    1 
ATOM   432  C  CG    . LEU A 1 56  ? 4.608   -8.411  -4.727  1.00 14.93  ? 56  LEU A CG    1 
ATOM   433  C  CD1   . LEU A 1 56  ? 4.941   -9.900  -4.827  1.00 16.15  ? 56  LEU A CD1   1 
ATOM   434  C  CD2   . LEU A 1 56  ? 5.414   -7.607  -5.738  1.00 15.78  ? 56  LEU A CD2   1 
ATOM   435  N  N     . ASP A 1 57  ? 2.820   -8.514  -1.493  1.00 13.75  ? 57  ASP A N     1 
ATOM   436  C  CA    . ASP A 1 57  ? 3.228   -7.962  -0.223  1.00 14.06  ? 57  ASP A CA    1 
ATOM   437  C  C     . ASP A 1 57  ? 4.756   -7.971  -0.187  1.00 14.39  ? 57  ASP A C     1 
ATOM   438  O  O     . ASP A 1 57  ? 5.381   -9.038  -0.124  1.00 14.21  ? 57  ASP A O     1 
ATOM   439  C  CB    . ASP A 1 57  ? 2.628   -8.803  0.908   1.00 13.64  ? 57  ASP A CB    1 
ATOM   440  C  CG    . ASP A 1 57  ? 2.954   -8.259  2.278   1.00 13.63  ? 57  ASP A CG    1 
ATOM   441  O  OD1   . ASP A 1 57  ? 3.182   -7.035  2.408   1.00 11.03  ? 57  ASP A OD1   1 
ATOM   442  O  OD2   . ASP A 1 57  ? 2.978   -9.069  3.226   1.00 13.85  ? 57  ASP A OD2   1 
ATOM   443  N  N     . THR A 1 58  ? 5.347   -6.779  -0.249  1.00 14.88  ? 58  THR A N     1 
ATOM   444  C  CA    . THR A 1 58  ? 6.795   -6.637  -0.429  1.00 15.74  ? 58  THR A CA    1 
ATOM   445  C  C     . THR A 1 58  ? 7.551   -6.415  0.880   1.00 16.51  ? 58  THR A C     1 
ATOM   446  O  O     . THR A 1 58  ? 6.950   -6.133  1.922   1.00 16.38  ? 58  THR A O     1 
ATOM   447  C  CB    . THR A 1 58  ? 7.152   -5.483  -1.412  1.00 15.58  ? 58  THR A CB    1 
ATOM   448  O  OG1   . THR A 1 58  ? 6.811   -4.219  -0.828  1.00 15.61  ? 58  THR A OG1   1 
ATOM   449  C  CG2   . THR A 1 58  ? 6.422   -5.634  -2.737  1.00 15.43  ? 58  THR A CG2   1 
ATOM   450  N  N     . ALA A 1 59  ? 8.873   -6.540  0.806   1.00 17.51  ? 59  ALA A N     1 
ATOM   451  C  CA    . ALA A 1 59  ? 9.752   -6.292  1.941   1.00 18.89  ? 59  ALA A CA    1 
ATOM   452  C  C     . ALA A 1 59  ? 9.950   -4.799  2.163   1.00 19.87  ? 59  ALA A C     1 
ATOM   453  O  O     . ALA A 1 59  ? 10.178  -4.044  1.216   1.00 19.83  ? 59  ALA A O     1 
ATOM   454  C  CB    . ALA A 1 59  ? 11.098  -6.973  1.722   1.00 18.65  ? 59  ALA A CB    1 
ATOM   455  N  N     . GLY A 1 60  ? 9.852   -4.382  3.420   1.00 21.47  ? 60  GLY A N     1 
ATOM   456  C  CA    . GLY A 1 60  ? 10.197  -3.024  3.807   1.00 23.89  ? 60  GLY A CA    1 
ATOM   457  C  C     . GLY A 1 60  ? 11.595  -2.945  4.388   1.00 25.84  ? 60  GLY A C     1 
ATOM   458  O  O     . GLY A 1 60  ? 12.239  -1.898  4.319   1.00 25.80  ? 60  GLY A O     1 
ATOM   459  N  N     . GLN A 1 61  ? 12.059  -4.050  4.975   1.00 27.80  ? 61  GLN A N     1 
ATOM   460  C  CA    . GLN A 1 61  ? 13.417  -4.129  5.507   0.50 30.05  ? 61  GLN A CA    1 
ATOM   461  C  C     . GLN A 1 61  ? 14.402  -4.215  4.350   1.00 31.69  ? 61  GLN A C     1 
ATOM   462  O  O     . GLN A 1 61  ? 14.404  -5.186  3.585   1.00 31.83  ? 61  GLN A O     1 
ATOM   463  C  CB    . GLN A 1 61  ? 13.578  -5.309  6.474   0.50 29.93  ? 61  GLN A CB    1 
ATOM   464  C  CG    . GLN A 1 61  ? 12.762  -5.189  7.768   0.50 30.07  ? 61  GLN A CG    1 
ATOM   465  C  CD    . GLN A 1 61  ? 13.132  -3.976  8.619   0.50 30.38  ? 61  GLN A CD    1 
ATOM   466  O  OE1   . GLN A 1 61  ? 14.266  -3.494  8.589   0.50 30.31  ? 61  GLN A OE1   1 
ATOM   467  N  NE2   . GLN A 1 61  ? 12.168  -3.484  9.389   0.50 30.59  ? 61  GLN A NE2   1 
ATOM   468  N  N     . GLU A 1 62  ? 15.236  -3.183  4.235   1.00 33.90  ? 62  GLU A N     1 
ATOM   469  C  CA    . GLU A 1 62  ? 16.013  -2.922  3.019   1.00 36.08  ? 62  GLU A CA    1 
ATOM   470  C  C     . GLU A 1 62  ? 17.152  -3.910  2.753   1.00 37.30  ? 62  GLU A C     1 
ATOM   471  O  O     . GLU A 1 62  ? 18.012  -3.665  1.901   1.00 37.75  ? 62  GLU A O     1 
ATOM   472  C  CB    . GLU A 1 62  ? 16.508  -1.466  3.001   1.00 36.14  ? 62  GLU A CB    1 
ATOM   473  C  CG    . GLU A 1 62  ? 15.384  -0.418  2.967   1.00 37.10  ? 62  GLU A CG    1 
ATOM   474  C  CD    . GLU A 1 62  ? 14.505  -0.507  1.721   1.00 38.34  ? 62  GLU A CD    1 
ATOM   475  O  OE1   . GLU A 1 62  ? 15.040  -0.388  0.598   1.00 39.01  ? 62  GLU A OE1   1 
ATOM   476  O  OE2   . GLU A 1 62  ? 13.274  -0.687  1.865   1.00 38.39  ? 62  GLU A OE2   1 
ATOM   477  N  N     . GLU A 1 63  ? 17.139  -5.026  3.481   1.00 38.78  ? 63  GLU A N     1 
ATOM   478  C  CA    . GLU A 1 63  ? 18.017  -6.159  3.211   0.80 40.19  ? 63  GLU A CA    1 
ATOM   479  C  C     . GLU A 1 63  ? 17.455  -6.945  2.027   1.00 41.13  ? 63  GLU A C     1 
ATOM   480  O  O     . GLU A 1 63  ? 18.203  -7.400  1.154   1.00 41.27  ? 63  GLU A O     1 
ATOM   481  C  CB    . GLU A 1 63  ? 18.097  -7.078  4.432   0.80 40.20  ? 63  GLU A CB    1 
ATOM   482  C  CG    . GLU A 1 63  ? 18.468  -6.385  5.736   0.80 40.86  ? 63  GLU A CG    1 
ATOM   483  C  CD    . GLU A 1 63  ? 18.068  -7.189  6.962   0.80 41.43  ? 63  GLU A CD    1 
ATOM   484  O  OE1   . GLU A 1 63  ? 18.279  -8.422  6.975   0.80 41.59  ? 63  GLU A OE1   1 
ATOM   485  O  OE2   . GLU A 1 63  ? 17.545  -6.581  7.921   0.80 41.95  ? 63  GLU A OE2   1 
ATOM   486  N  N     . TYR A 1 64  ? 16.131  -7.097  2.016   1.00 42.17  ? 64  TYR A N     1 
ATOM   487  C  CA    . TYR A 1 64  ? 15.429  -7.842  0.974   1.00 43.09  ? 64  TYR A CA    1 
ATOM   488  C  C     . TYR A 1 64  ? 14.801  -6.878  -0.036  1.00 43.52  ? 64  TYR A C     1 
ATOM   489  O  O     . TYR A 1 64  ? 14.373  -5.782  0.334   1.00 43.76  ? 64  TYR A O     1 
ATOM   490  C  CB    . TYR A 1 64  ? 14.340  -8.744  1.574   1.00 43.25  ? 64  TYR A CB    1 
ATOM   491  C  CG    . TYR A 1 64  ? 14.485  -9.079  3.050   1.00 43.69  ? 64  TYR A CG    1 
ATOM   492  C  CD1   . TYR A 1 64  ? 13.553  -8.611  3.976   1.00 43.92  ? 64  TYR A CD1   1 
ATOM   493  C  CD2   . TYR A 1 64  ? 15.535  -9.877  3.516   1.00 44.28  ? 64  TYR A CD2   1 
ATOM   494  C  CE1   . TYR A 1 64  ? 13.660  -8.917  5.332   1.00 44.15  ? 64  TYR A CE1   1 
ATOM   495  C  CE2   . TYR A 1 64  ? 15.654  -10.188 4.877   1.00 44.35  ? 64  TYR A CE2   1 
ATOM   496  C  CZ    . TYR A 1 64  ? 14.711  -9.704  5.777   1.00 44.18  ? 64  TYR A CZ    1 
ATOM   497  O  OH    . TYR A 1 64  ? 14.813  -10.002 7.118   1.00 43.97  ? 64  TYR A OH    1 
ATOM   498  N  N     . SER A 1 65  ? 14.745  -7.265  -1.312  1.00 44.00  ? 65  SER A N     1 
ATOM   499  C  CA    . SER A 1 65  ? 15.277  -8.539  -1.798  1.00 44.40  ? 65  SER A CA    1 
ATOM   500  C  C     . SER A 1 65  ? 16.355  -8.276  -2.847  1.00 44.64  ? 65  SER A C     1 
ATOM   501  O  O     . SER A 1 65  ? 16.412  -8.964  -3.871  1.00 44.83  ? 65  SER A O     1 
ATOM   502  C  CB    . SER A 1 65  ? 14.152  -9.395  -2.398  1.00 44.41  ? 65  SER A CB    1 
ATOM   503  O  OG    . SER A 1 65  ? 13.001  -9.412  -1.567  1.00 44.41  ? 65  SER A OG    1 
ATOM   504  N  N     . ALA A 1 66  ? 17.207  -7.283  -2.573  1.00 44.91  ? 66  ALA A N     1 
ATOM   505  C  CA    . ALA A 1 66  ? 18.159  -6.721  -3.548  1.00 45.04  ? 66  ALA A CA    1 
ATOM   506  C  C     . ALA A 1 66  ? 17.438  -6.161  -4.775  1.00 45.10  ? 66  ALA A C     1 
ATOM   507  O  O     . ALA A 1 66  ? 17.528  -4.965  -5.068  1.00 45.21  ? 66  ALA A O     1 
ATOM   508  C  CB    . ALA A 1 66  ? 19.232  -7.746  -3.948  1.00 45.15  ? 66  ALA A CB    1 
ATOM   509  N  N     . MET A 1 67  ? 16.721  -7.034  -5.479  1.00 45.05  ? 67  MET A N     1 
ATOM   510  C  CA    . MET A 1 67  ? 15.857  -6.633  -6.581  1.00 44.88  ? 67  MET A CA    1 
ATOM   511  C  C     . MET A 1 67  ? 14.394  -6.968  -6.276  1.00 44.47  ? 67  MET A C     1 
ATOM   512  O  O     . MET A 1 67  ? 13.805  -7.885  -6.862  1.00 44.53  ? 67  MET A O     1 
ATOM   513  C  CB    . MET A 1 67  ? 16.322  -7.251  -7.908  1.00 45.17  ? 67  MET A CB    1 
ATOM   514  C  CG    . MET A 1 67  ? 17.683  -6.751  -8.392  1.00 45.73  ? 67  MET A CG    1 
ATOM   515  S  SD    . MET A 1 67  ? 17.773  -4.956  -8.618  1.00 47.45  ? 67  MET A SD    1 
ATOM   516  C  CE    . MET A 1 67  ? 19.494  -4.756  -9.077  1.00 46.34  ? 67  MET A CE    1 
ATOM   517  N  N     . ARG A 1 68  ? 13.830  -6.219  -5.329  1.00 43.80  ? 68  ARG A N     1 
ATOM   518  C  CA    . ARG A 1 68  ? 12.387  -6.170  -5.100  1.00 43.11  ? 68  ARG A CA    1 
ATOM   519  C  C     . ARG A 1 68  ? 11.738  -5.591  -6.354  1.00 42.49  ? 68  ARG A C     1 
ATOM   520  O  O     . ARG A 1 68  ? 10.556  -5.822  -6.627  1.00 42.38  ? 68  ARG A O     1 
ATOM   521  C  CB    . ARG A 1 68  ? 12.095  -5.284  -3.880  1.00 43.13  ? 68  ARG A CB    1 
ATOM   522  C  CG    . ARG A 1 68  ? 10.618  -5.069  -3.551  1.00 43.32  ? 68  ARG A CG    1 
ATOM   523  C  CD    . ARG A 1 68  ? 10.425  -4.212  -2.296  1.00 43.31  ? 68  ARG A CD    1 
ATOM   524  N  NE    . ARG A 1 68  ? 10.899  -2.835  -2.456  1.00 43.55  ? 68  ARG A NE    1 
ATOM   525  C  CZ    . ARG A 1 68  ? 11.834  -2.261  -1.699  1.00 43.80  ? 68  ARG A CZ    1 
ATOM   526  N  NH1   . ARG A 1 68  ? 12.404  -2.931  -0.704  1.00 43.57  ? 68  ARG A NH1   1 
ATOM   527  N  NH2   . ARG A 1 68  ? 12.195  -1.006  -1.929  1.00 43.89  ? 68  ARG A NH2   1 
ATOM   528  N  N     . ASP A 1 69  ? 12.550  -4.862  -7.119  1.00 41.71  ? 69  ASP A N     1 
ATOM   529  C  CA    . ASP A 1 69  ? 12.148  -4.181  -8.348  1.00 40.94  ? 69  ASP A CA    1 
ATOM   530  C  C     . ASP A 1 69  ? 11.605  -5.120  -9.424  1.00 40.22  ? 69  ASP A C     1 
ATOM   531  O  O     . ASP A 1 69  ? 10.776  -4.714  -10.237 1.00 39.97  ? 69  ASP A O     1 
ATOM   532  C  CB    . ASP A 1 69  ? 13.331  -3.391  -8.917  1.00 41.08  ? 69  ASP A CB    1 
ATOM   533  C  CG    . ASP A 1 69  ? 14.055  -2.576  -7.862  1.00 41.61  ? 69  ASP A CG    1 
ATOM   534  O  OD1   . ASP A 1 69  ? 14.788  -3.174  -7.044  1.00 42.69  ? 69  ASP A OD1   1 
ATOM   535  O  OD2   . ASP A 1 69  ? 13.900  -1.336  -7.857  1.00 42.29  ? 69  ASP A OD2   1 
ATOM   536  N  N     . GLN A 1 70  ? 12.078  -6.364  -9.425  1.00 39.42  ? 70  GLN A N     1 
ATOM   537  C  CA    . GLN A 1 70  ? 11.648  -7.363  -10.403 1.00 38.71  ? 70  GLN A CA    1 
ATOM   538  C  C     . GLN A 1 70  ? 10.226  -7.852  -10.125 1.00 38.01  ? 70  GLN A C     1 
ATOM   539  O  O     . GLN A 1 70  ? 9.434   -8.033  -11.053 1.00 37.90  ? 70  GLN A O     1 
ATOM   540  C  CB    . GLN A 1 70  ? 12.627  -8.543  -10.447 1.00 38.84  ? 70  GLN A CB    1 
ATOM   541  C  CG    . GLN A 1 70  ? 14.068  -8.167  -10.811 1.00 39.34  ? 70  GLN A CG    1 
ATOM   542  C  CD    . GLN A 1 70  ? 14.307  -8.047  -12.311 1.00 40.14  ? 70  GLN A CD    1 
ATOM   543  O  OE1   . GLN A 1 70  ? 13.618  -7.304  -13.015 1.00 39.99  ? 70  GLN A OE1   1 
ATOM   544  N  NE2   . GLN A 1 70  ? 15.305  -8.775  -12.803 1.00 40.48  ? 70  GLN A NE2   1 
ATOM   545  N  N     . TYR A 1 71  ? 9.913   -8.057  -8.847  1.00 37.18  ? 71  TYR A N     1 
ATOM   546  C  CA    . TYR A 1 71  ? 8.571   -8.457  -8.415  1.00 36.34  ? 71  TYR A CA    1 
ATOM   547  C  C     . TYR A 1 71  ? 7.542   -7.355  -8.669  1.00 35.37  ? 71  TYR A C     1 
ATOM   548  O  O     . TYR A 1 71  ? 6.388   -7.637  -8.998  1.00 35.43  ? 71  TYR A O     1 
ATOM   549  C  CB    . TYR A 1 71  ? 8.573   -8.823  -6.927  1.00 36.77  ? 71  TYR A CB    1 
ATOM   550  C  CG    . TYR A 1 71  ? 9.068   -10.219 -6.616  1.00 37.33  ? 71  TYR A CG    1 
ATOM   551  C  CD1   . TYR A 1 71  ? 10.397  -10.443 -6.252  1.00 37.88  ? 71  TYR A CD1   1 
ATOM   552  C  CD2   . TYR A 1 71  ? 8.202   -11.315 -6.668  1.00 37.95  ? 71  TYR A CD2   1 
ATOM   553  C  CE1   . TYR A 1 71  ? 10.858  -11.730 -5.955  1.00 38.06  ? 71  TYR A CE1   1 
ATOM   554  C  CE2   . TYR A 1 71  ? 8.652   -12.605 -6.372  1.00 38.07  ? 71  TYR A CE2   1 
ATOM   555  C  CZ    . TYR A 1 71  ? 9.981   -12.803 -6.019  1.00 37.92  ? 71  TYR A CZ    1 
ATOM   556  O  OH    . TYR A 1 71  ? 10.433  -14.073 -5.730  1.00 37.95  ? 71  TYR A OH    1 
ATOM   557  N  N     . MET A 1 72  ? 7.974   -6.105  -8.517  1.00 33.98  ? 72  MET A N     1 
ATOM   558  C  CA    . MET A 1 72  ? 7.106   -4.935  -8.656  1.00 32.64  ? 72  MET A CA    1 
ATOM   559  C  C     . MET A 1 72  ? 6.750   -4.588  -10.105 1.00 31.42  ? 72  MET A C     1 
ATOM   560  O  O     . MET A 1 72  ? 5.757   -3.890  -10.346 1.00 31.05  ? 72  MET A O     1 
ATOM   561  C  CB    . MET A 1 72  ? 7.758   -3.725  -7.993  1.00 32.67  ? 72  MET A CB    1 
ATOM   562  C  CG    . MET A 1 72  ? 7.779   -3.778  -6.475  1.00 32.89  ? 72  MET A CG    1 
ATOM   563  S  SD    . MET A 1 72  ? 8.879   -2.544  -5.766  1.00 33.38  ? 72  MET A SD    1 
ATOM   564  C  CE    . MET A 1 72  ? 8.049   -1.013  -6.192  1.00 33.88  ? 72  MET A CE    1 
ATOM   565  N  N     . ARG A 1 73  ? 7.559   -5.075  -11.051 1.00 29.84  ? 73  ARG A N     1 
ATOM   566  C  CA    . ARG A 1 73  ? 7.435   -4.751  -12.481 1.00 28.42  ? 73  ARG A CA    1 
ATOM   567  C  C     . ARG A 1 73  ? 6.042   -4.957  -13.071 1.00 27.37  ? 73  ARG A C     1 
ATOM   568  O  O     . ARG A 1 73  ? 5.588   -4.141  -13.875 1.00 27.25  ? 73  ARG A O     1 
ATOM   569  C  CB    . ARG A 1 73  ? 8.446   -5.551  -13.316 1.00 28.49  ? 73  ARG A CB    1 
ATOM   570  C  CG    . ARG A 1 73  ? 9.856   -4.989  -13.331 1.00 28.46  ? 73  ARG A CG    1 
ATOM   571  C  CD    . ARG A 1 73  ? 10.706  -5.650  -14.420 1.00 28.16  ? 73  ARG A CD    1 
ATOM   572  N  NE    . ARG A 1 73  ? 10.706  -4.882  -15.666 0.50 27.05  ? 73  ARG A NE    1 
ATOM   573  C  CZ    . ARG A 1 73  ? 9.991   -5.182  -16.747 0.40 26.50  ? 73  ARG A CZ    1 
ATOM   574  N  NH1   . ARG A 1 73  ? 9.198   -6.246  -16.763 0.40 26.68  ? 73  ARG A NH1   1 
ATOM   575  N  NH2   . ARG A 1 73  ? 10.072  -4.411  -17.822 0.40 25.53  ? 73  ARG A NH2   1 
ATOM   576  N  N     . THR A 1 74  ? 5.385   -6.050  -12.688 1.00 26.00  ? 74  THR A N     1 
ATOM   577  C  CA    . THR A 1 74  ? 4.049   -6.375  -13.200 1.00 24.85  ? 74  THR A CA    1 
ATOM   578  C  C     . THR A 1 74  ? 2.937   -5.630  -12.464 1.00 23.58  ? 74  THR A C     1 
ATOM   579  O  O     . THR A 1 74  ? 1.773   -5.681  -12.873 1.00 23.47  ? 74  THR A O     1 
ATOM   580  C  CB    . THR A 1 74  ? 3.748   -7.895  -13.140 1.00 24.95  ? 74  THR A CB    1 
ATOM   581  O  OG1   . THR A 1 74  ? 4.128   -8.415  -11.860 1.00 25.41  ? 74  THR A OG1   1 
ATOM   582  C  CG2   . THR A 1 74  ? 4.490   -8.641  -14.243 1.00 25.54  ? 74  THR A CG2   1 
ATOM   583  N  N     . GLY A 1 75  ? 3.300   -4.949  -11.378 1.00 22.38  ? 75  GLY A N     1 
ATOM   584  C  CA    . GLY A 1 75  ? 2.332   -4.217  -10.561 1.00 20.58  ? 75  GLY A CA    1 
ATOM   585  C  C     . GLY A 1 75  ? 1.586   -3.176  -11.368 1.00 19.51  ? 75  GLY A C     1 
ATOM   586  O  O     . GLY A 1 75  ? 2.199   -2.366  -12.061 1.00 19.18  ? 75  GLY A O     1 
ATOM   587  N  N     . GLU A 1 76  ? 0.259   -3.218  -11.291 1.00 18.31  ? 76  GLU A N     1 
ATOM   588  C  CA    . GLU A 1 76  ? -0.603  -2.280  -12.008 1.00 17.58  ? 76  GLU A CA    1 
ATOM   589  C  C     . GLU A 1 76  ? -0.968  -1.090  -11.129 1.00 16.57  ? 76  GLU A C     1 
ATOM   590  O  O     . GLU A 1 76  ? -1.193  0.017   -11.623 1.00 16.29  ? 76  GLU A O     1 
ATOM   591  C  CB    . GLU A 1 76  ? -1.871  -2.985  -12.488 1.00 17.60  ? 76  GLU A CB    1 
ATOM   592  C  CG    . GLU A 1 76  ? -1.616  -4.033  -13.566 1.00 18.21  ? 76  GLU A CG    1 
ATOM   593  C  CD    . GLU A 1 76  ? -2.866  -4.790  -13.958 1.00 18.56  ? 76  GLU A CD    1 
ATOM   594  O  OE1   . GLU A 1 76  ? -3.571  -5.303  -13.062 1.00 19.19  ? 76  GLU A OE1   1 
ATOM   595  O  OE2   . GLU A 1 76  ? -3.143  -4.877  -15.172 1.00 21.54  ? 76  GLU A OE2   1 
ATOM   596  N  N     . GLY A 1 77  ? -1.021  -1.338  -9.823  1.00 15.49  ? 77  GLY A N     1 
ATOM   597  C  CA    . GLY A 1 77  ? -1.344  -0.320  -8.838  1.00 14.21  ? 77  GLY A CA    1 
ATOM   598  C  C     . GLY A 1 77  ? -0.515  -0.524  -7.586  1.00 13.40  ? 77  GLY A C     1 
ATOM   599  O  O     . GLY A 1 77  ? -0.207  -1.659  -7.211  1.00 12.94  ? 77  GLY A O     1 
ATOM   600  N  N     . PHE A 1 78  ? -0.158  0.580   -6.942  1.00 12.63  ? 78  PHE A N     1 
ATOM   601  C  CA    . PHE A 1 78  ? 0.733   0.533   -5.793  1.00 12.16  ? 78  PHE A CA    1 
ATOM   602  C  C     . PHE A 1 78  ? 0.146   1.242   -4.580  1.00 12.03  ? 78  PHE A C     1 
ATOM   603  O  O     . PHE A 1 78  ? -0.246  2.408   -4.647  1.00 11.36  ? 78  PHE A O     1 
ATOM   604  C  CB    . PHE A 1 78  ? 2.104   1.127   -6.146  1.00 12.15  ? 78  PHE A CB    1 
ATOM   605  C  CG    . PHE A 1 78  ? 2.856   0.344   -7.192  1.00 11.88  ? 78  PHE A CG    1 
ATOM   606  C  CD1   . PHE A 1 78  ? 3.862   -0.542  -6.826  1.00 11.97  ? 78  PHE A CD1   1 
ATOM   607  C  CD2   . PHE A 1 78  ? 2.560   0.499   -8.544  1.00 11.61  ? 78  PHE A CD2   1 
ATOM   608  C  CE1   . PHE A 1 78  ? 4.561   -1.274  -7.794  1.00 12.07  ? 78  PHE A CE1   1 
ATOM   609  C  CE2   . PHE A 1 78  ? 3.249   -0.224  -9.516  1.00 11.66  ? 78  PHE A CE2   1 
ATOM   610  C  CZ    . PHE A 1 78  ? 4.256   -1.110  -9.137  1.00 12.25  ? 78  PHE A CZ    1 
ATOM   611  N  N     . LEU A 1 79  ? 0.087   0.511   -3.475  1.00 12.18  ? 79  LEU A N     1 
ATOM   612  C  CA    . LEU A 1 79  ? -0.266  1.071   -2.186  1.00 12.57  ? 79  LEU A CA    1 
ATOM   613  C  C     . LEU A 1 79  ? 1.029   1.505   -1.504  1.00 12.48  ? 79  LEU A C     1 
ATOM   614  O  O     . LEU A 1 79  ? 1.848   0.664   -1.135  1.00 12.57  ? 79  LEU A O     1 
ATOM   615  C  CB    . LEU A 1 79  ? -0.984  0.005   -1.355  1.00 12.63  ? 79  LEU A CB    1 
ATOM   616  C  CG    . LEU A 1 79  ? -2.209  0.394   -0.532  1.00 13.49  ? 79  LEU A CG    1 
ATOM   617  C  CD1   . LEU A 1 79  ? -3.340  0.927   -1.416  1.00 12.76  ? 79  LEU A CD1   1 
ATOM   618  C  CD2   . LEU A 1 79  ? -2.678  -0.805  0.269   1.00 13.20  ? 79  LEU A CD2   1 
ATOM   619  N  N     . CYS A 1 80  ? 1.224   2.814   -1.357  1.00 12.28  ? 80  CYS A N     1 
ATOM   620  C  CA    . CYS A 1 80  ? 2.418   3.344   -0.695  1.00 12.20  ? 80  CYS A CA    1 
ATOM   621  C  C     . CYS A 1 80  ? 2.123   3.622   0.768   1.00 11.37  ? 80  CYS A C     1 
ATOM   622  O  O     . CYS A 1 80  ? 1.453   4.604   1.111   1.00 11.23  ? 80  CYS A O     1 
ATOM   623  C  CB    . CYS A 1 80  ? 2.924   4.605   -1.395  1.00 12.70  ? 80  CYS A CB    1 
ATOM   624  S  SG    . CYS A 1 80  ? 3.485   4.297   -3.068  1.00 15.98  ? 80  CYS A SG    1 
ATOM   625  N  N     . VAL A 1 81  ? 2.626   2.743   1.626   1.00 10.44  ? 81  VAL A N     1 
ATOM   626  C  CA    . VAL A 1 81  ? 2.243   2.752   3.032   1.00 9.58   ? 81  VAL A CA    1 
ATOM   627  C  C     . VAL A 1 81  ? 3.329   3.341   3.921   1.00 9.39   ? 81  VAL A C     1 
ATOM   628  O  O     . VAL A 1 81  ? 4.509   3.004   3.804   1.00 9.02   ? 81  VAL A O     1 
ATOM   629  C  CB    . VAL A 1 81  ? 1.870   1.330   3.539   1.00 9.81   ? 81  VAL A CB    1 
ATOM   630  C  CG1   . VAL A 1 81  ? 1.214   1.410   4.909   1.00 8.78   ? 81  VAL A CG1   1 
ATOM   631  C  CG2   . VAL A 1 81  ? 0.947   0.615   2.550   1.00 8.63   ? 81  VAL A CG2   1 
ATOM   632  N  N     . PHE A 1 82  ? 2.911   4.242   4.799   1.00 9.17   ? 82  PHE A N     1 
ATOM   633  C  CA    . PHE A 1 82  ? 3.738   4.689   5.907   1.00 9.07   ? 82  PHE A CA    1 
ATOM   634  C  C     . PHE A 1 82  ? 2.880   4.563   7.158   1.00 9.06   ? 82  PHE A C     1 
ATOM   635  O  O     . PHE A 1 82  ? 1.681   4.316   7.063   1.00 9.05   ? 82  PHE A O     1 
ATOM   636  C  CB    . PHE A 1 82  ? 4.214   6.136   5.692   1.00 8.79   ? 82  PHE A CB    1 
ATOM   637  C  CG    . PHE A 1 82  ? 3.127   7.168   5.845   1.00 8.87   ? 82  PHE A CG    1 
ATOM   638  C  CD1   . PHE A 1 82  ? 2.900   7.782   7.077   1.00 8.23   ? 82  PHE A CD1   1 
ATOM   639  C  CD2   . PHE A 1 82  ? 2.328   7.529   4.759   1.00 8.61   ? 82  PHE A CD2   1 
ATOM   640  C  CE1   . PHE A 1 82  ? 1.887   8.733   7.225   1.00 9.59   ? 82  PHE A CE1   1 
ATOM   641  C  CE2   . PHE A 1 82  ? 1.323   8.479   4.897   1.00 9.27   ? 82  PHE A CE2   1 
ATOM   642  C  CZ    . PHE A 1 82  ? 1.100   9.084   6.134   1.00 8.62   ? 82  PHE A CZ    1 
ATOM   643  N  N     . ALA A 1 83  ? 3.493   4.715   8.325   1.00 9.04   ? 83  ALA A N     1 
ATOM   644  C  CA    . ALA A 1 83  ? 2.745   4.679   9.572   1.00 9.23   ? 83  ALA A CA    1 
ATOM   645  C  C     . ALA A 1 83  ? 2.693   6.076   10.170  1.00 9.38   ? 83  ALA A C     1 
ATOM   646  O  O     . ALA A 1 83  ? 3.712   6.771   10.242  1.00 9.51   ? 83  ALA A O     1 
ATOM   647  C  CB    . ALA A 1 83  ? 3.356   3.682   10.542  1.00 8.88   ? 83  ALA A CB    1 
ATOM   648  N  N     . ILE A 1 84  ? 1.499   6.488   10.588  1.00 9.61   ? 84  ILE A N     1 
ATOM   649  C  CA    . ILE A 1 84  ? 1.277   7.847   11.103  1.00 9.93   ? 84  ILE A CA    1 
ATOM   650  C  C     . ILE A 1 84  ? 2.064   8.141   12.392  1.00 10.24  ? 84  ILE A C     1 
ATOM   651  O  O     . ILE A 1 84  ? 2.193   9.294   12.798  1.00 10.10  ? 84  ILE A O     1 
ATOM   652  C  CB    . ILE A 1 84  ? -0.241  8.157   11.276  1.00 10.03  ? 84  ILE A CB    1 
ATOM   653  C  CG1   . ILE A 1 84  ? -0.913  7.174   12.244  1.00 10.55  ? 84  ILE A CG1   1 
ATOM   654  C  CG2   . ILE A 1 84  ? -0.954  8.126   9.911   1.00 9.54   ? 84  ILE A CG2   1 
ATOM   655  C  CD1   . ILE A 1 84  ? -0.993  7.649   13.689  1.00 11.79  ? 84  ILE A CD1   1 
ATOM   656  N  N     . ASN A 1 85  ? 2.597   7.089   13.012  1.00 10.41  ? 85  ASN A N     1 
ATOM   657  C  CA    . ASN A 1 85  ? 3.430   7.218   14.212  1.00 10.80  ? 85  ASN A CA    1 
ATOM   658  C  C     . ASN A 1 85  ? 4.921   7.009   13.923  1.00 10.77  ? 85  ASN A C     1 
ATOM   659  O  O     . ASN A 1 85  ? 5.727   6.792   14.835  1.00 10.56  ? 85  ASN A O     1 
ATOM   660  C  CB    . ASN A 1 85  ? 2.948   6.241   15.297  1.00 10.89  ? 85  ASN A CB    1 
ATOM   661  C  CG    . ASN A 1 85  ? 3.311   4.799   14.996  1.00 11.29  ? 85  ASN A CG    1 
ATOM   662  O  OD1   . ASN A 1 85  ? 3.418   4.398   13.841  1.00 12.40  ? 85  ASN A OD1   1 
ATOM   663  N  ND2   . ASN A 1 85  ? 3.508   4.011   16.046  1.00 12.55  ? 85  ASN A ND2   1 
ATOM   664  N  N     . ASN A 1 86  ? 5.280   7.077   12.646  1.00 11.00  ? 86  ASN A N     1 
ATOM   665  C  CA    . ASN A 1 86  ? 6.650   6.840   12.217  1.00 11.17  ? 86  ASN A CA    1 
ATOM   666  C  C     . ASN A 1 86  ? 7.036   7.861   11.149  1.00 11.07  ? 86  ASN A C     1 
ATOM   667  O  O     . ASN A 1 86  ? 6.858   7.624   9.953   1.00 10.72  ? 86  ASN A O     1 
ATOM   668  C  CB    . ASN A 1 86  ? 6.801   5.394   11.710  1.00 11.28  ? 86  ASN A CB    1 
ATOM   669  C  CG    . ASN A 1 86  ? 8.233   5.040   11.305  1.00 12.90  ? 86  ASN A CG    1 
ATOM   670  O  OD1   . ASN A 1 86  ? 9.075   5.907   11.080  1.00 14.02  ? 86  ASN A OD1   1 
ATOM   671  N  ND2   . ASN A 1 86  ? 8.502   3.744   11.196  1.00 14.97  ? 86  ASN A ND2   1 
ATOM   672  N  N     . THR A 1 87  ? 7.574   8.993   11.599  1.00 11.03  ? 87  THR A N     1 
ATOM   673  C  CA    . THR A 1 87  ? 7.926   10.106  10.712  1.00 11.12  ? 87  THR A CA    1 
ATOM   674  C  C     . THR A 1 87  ? 8.882   9.667   9.600   1.00 10.96  ? 87  THR A C     1 
ATOM   675  O  O     . THR A 1 87  ? 8.674   10.003  8.439   1.00 10.77  ? 87  THR A O     1 
ATOM   676  C  CB    . THR A 1 87  ? 8.496   11.308  11.516  1.00 11.11  ? 87  THR A CB    1 
ATOM   677  O  OG1   . THR A 1 87  ? 7.432   11.927  12.245  1.00 11.58  ? 87  THR A OG1   1 
ATOM   678  C  CG2   . THR A 1 87  ? 9.123   12.349  10.603  1.00 11.35  ? 87  THR A CG2   1 
ATOM   679  N  N     . LYS A 1 88  ? 9.908   8.897   9.957   1.00 11.10  ? 88  LYS A N     1 
ATOM   680  C  CA    . LYS A 1 88  ? 10.860  8.376   8.975   1.00 11.32  ? 88  LYS A CA    1 
ATOM   681  C  C     . LYS A 1 88  ? 10.168  7.600   7.841   1.00 10.67  ? 88  LYS A C     1 
ATOM   682  O  O     . LYS A 1 88  ? 10.512  7.778   6.673   1.00 10.57  ? 88  LYS A O     1 
ATOM   683  C  CB    . LYS A 1 88  ? 11.927  7.512   9.657   1.00 11.80  ? 88  LYS A CB    1 
ATOM   684  C  CG    . LYS A 1 88  ? 13.006  6.962   8.728   1.00 13.58  ? 88  LYS A CG    1 
ATOM   685  C  CD    . LYS A 1 88  ? 13.843  8.076   8.097   1.00 17.21  ? 88  LYS A CD    1 
ATOM   686  C  CE    . LYS A 1 88  ? 15.123  7.537   7.444   1.00 18.83  ? 88  LYS A CE    1 
ATOM   687  N  NZ    . LYS A 1 88  ? 14.904  6.309   6.619   1.00 20.25  ? 88  LYS A NZ    1 
ATOM   688  N  N     . SER A 1 89  ? 9.192   6.757   8.181   1.00 10.18  ? 89  SER A N     1 
ATOM   689  C  CA    . SER A 1 89  ? 8.455   5.999   7.161   1.00 9.68   ? 89  SER A CA    1 
ATOM   690  C  C     . SER A 1 89  ? 7.730   6.910   6.165   1.00 9.87   ? 89  SER A C     1 
ATOM   691  O  O     . SER A 1 89  ? 7.667   6.604   4.970   1.00 10.10  ? 89  SER A O     1 
ATOM   692  C  CB    . SER A 1 89  ? 7.493   4.980   7.788   1.00 9.42   ? 89  SER A CB    1 
ATOM   693  O  OG    . SER A 1 89  ? 6.368   5.589   8.386   1.00 8.08   ? 89  SER A OG    1 
ATOM   694  N  N     . PHE A 1 90  ? 7.201   8.026   6.662   1.00 10.09  ? 90  PHE A N     1 
ATOM   695  C  CA    . PHE A 1 90  ? 6.563   9.038   5.819   1.00 10.59  ? 90  PHE A CA    1 
ATOM   696  C  C     . PHE A 1 90  ? 7.597   9.727   4.926   1.00 10.81  ? 90  PHE A C     1 
ATOM   697  O  O     . PHE A 1 90  ? 7.357   9.941   3.735   1.00 10.79  ? 90  PHE A O     1 
ATOM   698  C  CB    . PHE A 1 90  ? 5.813   10.062  6.684   1.00 10.30  ? 90  PHE A CB    1 
ATOM   699  C  CG    . PHE A 1 90  ? 5.200   11.198  5.902   1.00 10.72  ? 90  PHE A CG    1 
ATOM   700  C  CD1   . PHE A 1 90  ? 5.748   12.477  5.972   1.00 10.54  ? 90  PHE A CD1   1 
ATOM   701  C  CD2   . PHE A 1 90  ? 4.063   10.995  5.114   1.00 10.29  ? 90  PHE A CD2   1 
ATOM   702  C  CE1   . PHE A 1 90  ? 5.184   13.536  5.262   1.00 10.72  ? 90  PHE A CE1   1 
ATOM   703  C  CE2   . PHE A 1 90  ? 3.493   12.044  4.401   1.00 10.50  ? 90  PHE A CE2   1 
ATOM   704  C  CZ    . PHE A 1 90  ? 4.052   13.319  4.472   1.00 10.28  ? 90  PHE A CZ    1 
ATOM   705  N  N     . GLU A 1 91  ? 8.747   10.054  5.507   1.00 11.27  ? 91  GLU A N     1 
ATOM   706  C  CA    . GLU A 1 91  ? 9.856   10.649  4.759   1.00 12.10  ? 91  GLU A CA    1 
ATOM   707  C  C     . GLU A 1 91  ? 10.432  9.690   3.709   1.00 12.66  ? 91  GLU A C     1 
ATOM   708  O  O     . GLU A 1 91  ? 10.964  10.134  2.687   1.00 13.25  ? 91  GLU A O     1 
ATOM   709  C  CB    . GLU A 1 91  ? 10.955  11.137  5.716   1.00 11.95  ? 91  GLU A CB    1 
ATOM   710  C  CG    . GLU A 1 91  ? 10.444  12.142  6.747   1.00 12.07  ? 91  GLU A CG    1 
ATOM   711  C  CD    . GLU A 1 91  ? 11.502  12.619  7.737   1.00 11.60  ? 91  GLU A CD    1 
ATOM   712  O  OE1   . GLU A 1 91  ? 12.519  11.931  7.939   1.00 10.28  ? 91  GLU A OE1   1 
ATOM   713  O  OE2   . GLU A 1 91  ? 11.300  13.696  8.326   1.00 11.85  ? 91  GLU A OE2   1 
ATOM   714  N  N     . ASP A 1 92  ? 10.311  8.389   3.964   1.00 13.19  ? 92  ASP A N     1 
ATOM   715  C  CA    . ASP A 1 92  ? 10.763  7.343   3.035   1.00 13.96  ? 92  ASP A CA    1 
ATOM   716  C  C     . ASP A 1 92  ? 9.861   7.184   1.802   1.00 14.04  ? 92  ASP A C     1 
ATOM   717  O  O     . ASP A 1 92  ? 10.275  6.595   0.806   1.00 13.82  ? 92  ASP A O     1 
ATOM   718  C  CB    . ASP A 1 92  ? 10.839  5.982   3.746   1.00 14.10  ? 92  ASP A CB    1 
ATOM   719  C  CG    . ASP A 1 92  ? 12.043  5.847   4.679   1.00 15.86  ? 92  ASP A CG    1 
ATOM   720  O  OD1   . ASP A 1 92  ? 12.958  6.701   4.657   1.00 16.78  ? 92  ASP A OD1   1 
ATOM   721  O  OD2   . ASP A 1 92  ? 12.067  4.857   5.442   1.00 17.91  ? 92  ASP A OD2   1 
ATOM   722  N  N     . ILE A 1 93  ? 8.629   7.684   1.882   1.00 14.47  ? 93  ILE A N     1 
ATOM   723  C  CA    . ILE A 1 93  ? 7.640   7.487   0.815   1.00 15.00  ? 93  ILE A CA    1 
ATOM   724  C  C     . ILE A 1 93  ? 8.155   7.899   -0.569  1.00 15.84  ? 93  ILE A C     1 
ATOM   725  O  O     . ILE A 1 93  ? 7.992   7.152   -1.539  1.00 15.54  ? 93  ILE A O     1 
ATOM   726  C  CB    . ILE A 1 93  ? 6.280   8.176   1.142   1.00 14.82  ? 93  ILE A CB    1 
ATOM   727  C  CG1   . ILE A 1 93  ? 5.530   7.403   2.243   1.00 14.20  ? 93  ILE A CG1   1 
ATOM   728  C  CG2   . ILE A 1 93  ? 5.408   8.336   -0.117  1.00 14.71  ? 93  ILE A CG2   1 
ATOM   729  C  CD1   . ILE A 1 93  ? 5.081   5.981   1.848   1.00 13.62  ? 93  ILE A CD1   1 
ATOM   730  N  N     . HIS A 1 94  ? 8.792   9.070   -0.647  1.00 16.73  ? 94  HIS A N     1 
ATOM   731  C  CA    . HIS A 1 94  ? 9.302   9.587   -1.916  1.00 17.96  ? 94  HIS A CA    1 
ATOM   732  C  C     . HIS A 1 94  ? 10.201  8.576   -2.634  1.00 18.17  ? 94  HIS A C     1 
ATOM   733  O  O     . HIS A 1 94  ? 10.104  8.424   -3.854  1.00 18.53  ? 94  HIS A O     1 
ATOM   734  C  CB    . HIS A 1 94  ? 10.022  10.931  -1.718  1.00 18.58  ? 94  HIS A CB    1 
ATOM   735  C  CG    . HIS A 1 94  ? 10.021  11.801  -2.940  1.00 20.19  ? 94  HIS A CG    1 
ATOM   736  N  ND1   . HIS A 1 94  ? 8.913   12.522  -3.339  1.00 22.01  ? 94  HIS A ND1   1 
ATOM   737  C  CD2   . HIS A 1 94  ? 10.987  12.064  -3.850  1.00 21.59  ? 94  HIS A CD2   1 
ATOM   738  C  CE1   . HIS A 1 94  ? 9.198   13.186  -4.446  1.00 22.57  ? 94  HIS A CE1   1 
ATOM   739  N  NE2   . HIS A 1 94  ? 10.451  12.927  -4.777  1.00 22.77  ? 94  HIS A NE2   1 
ATOM   740  N  N     . GLN A 1 95  ? 11.039  7.868   -1.874  1.00 18.39  ? 95  GLN A N     1 
ATOM   741  C  CA    A GLN A 1 95  ? 11.955  6.871   -2.428  0.50 18.54  ? 95  GLN A CA    1 
ATOM   742  C  CA    B GLN A 1 95  ? 11.954  6.881   -2.453  0.50 18.65  ? 95  GLN A CA    1 
ATOM   743  C  C     . GLN A 1 95  ? 11.211  5.659   -2.988  1.00 18.62  ? 95  GLN A C     1 
ATOM   744  O  O     . GLN A 1 95  ? 11.631  5.058   -3.982  1.00 18.29  ? 95  GLN A O     1 
ATOM   745  C  CB    A GLN A 1 95  ? 12.980  6.446   -1.370  0.50 18.70  ? 95  GLN A CB    1 
ATOM   746  C  CB    B GLN A 1 95  ? 13.067  6.479   -1.467  0.50 18.72  ? 95  GLN A CB    1 
ATOM   747  C  CG    A GLN A 1 95  ? 14.110  7.460   -1.128  0.50 19.04  ? 95  GLN A CG    1 
ATOM   748  C  CG    B GLN A 1 95  ? 12.758  5.281   -0.569  0.50 19.08  ? 95  GLN A CG    1 
ATOM   749  C  CD    A GLN A 1 95  ? 13.619  8.825   -0.654  0.50 19.78  ? 95  GLN A CD    1 
ATOM   750  C  CD    B GLN A 1 95  ? 13.995  4.678   0.073   0.50 19.19  ? 95  GLN A CD    1 
ATOM   751  O  OE1   A GLN A 1 95  ? 13.836  9.839   -1.321  0.50 20.08  ? 95  GLN A OE1   1 
ATOM   752  O  OE1   B GLN A 1 95  ? 14.866  5.393   0.575   0.50 19.95  ? 95  GLN A OE1   1 
ATOM   753  N  NE2   A GLN A 1 95  ? 12.947  8.855   0.495   0.50 19.67  ? 95  GLN A NE2   1 
ATOM   754  N  NE2   B GLN A 1 95  ? 14.070  3.351   0.072   0.50 19.90  ? 95  GLN A NE2   1 
ATOM   755  N  N     . TYR A 1 96  ? 10.097  5.302   -2.344  1.00 18.48  ? 96  TYR A N     1 
ATOM   756  C  CA    . TYR A 1 96  ? 9.253   4.223   -2.850  1.00 18.56  ? 96  TYR A CA    1 
ATOM   757  C  C     . TYR A 1 96  ? 8.548   4.636   -4.138  1.00 18.94  ? 96  TYR A C     1 
ATOM   758  O  O     . TYR A 1 96  ? 8.475   3.847   -5.083  1.00 18.72  ? 96  TYR A O     1 
ATOM   759  C  CB    . TYR A 1 96  ? 8.271   3.718   -1.780  1.00 18.30  ? 96  TYR A CB    1 
ATOM   760  C  CG    . TYR A 1 96  ? 8.986   2.926   -0.713  1.00 17.68  ? 96  TYR A CG    1 
ATOM   761  C  CD1   . TYR A 1 96  ? 9.334   1.591   -0.926  1.00 16.88  ? 96  TYR A CD1   1 
ATOM   762  C  CD2   . TYR A 1 96  ? 9.365   3.524   0.488   1.00 16.76  ? 96  TYR A CD2   1 
ATOM   763  C  CE1   . TYR A 1 96  ? 10.023  0.865   0.042   1.00 17.41  ? 96  TYR A CE1   1 
ATOM   764  C  CE2   . TYR A 1 96  ? 10.052  2.806   1.466   1.00 17.00  ? 96  TYR A CE2   1 
ATOM   765  C  CZ    . TYR A 1 96  ? 10.380  1.480   1.236   1.00 17.83  ? 96  TYR A CZ    1 
ATOM   766  O  OH    . TYR A 1 96  ? 11.063  0.766   2.199   1.00 18.50  ? 96  TYR A OH    1 
ATOM   767  N  N     . ARG A 1 97  ? 8.053   5.872   -4.189  1.00 19.45  ? 97  ARG A N     1 
ATOM   768  C  CA    . ARG A 1 97  ? 7.435   6.375   -5.416  1.00 20.46  ? 97  ARG A CA    1 
ATOM   769  C  C     . ARG A 1 97  ? 8.433   6.459   -6.572  1.00 20.61  ? 97  ARG A C     1 
ATOM   770  O  O     . ARG A 1 97  ? 8.088   6.118   -7.704  1.00 20.62  ? 97  ARG A O     1 
ATOM   771  C  CB    . ARG A 1 97  ? 6.740   7.724   -5.221  1.00 20.68  ? 97  ARG A CB    1 
ATOM   772  C  CG    . ARG A 1 97  ? 5.859   8.078   -6.416  1.00 22.51  ? 97  ARG A CG    1 
ATOM   773  C  CD    . ARG A 1 97  ? 5.326   9.481   -6.371  1.00 25.43  ? 97  ARG A CD    1 
ATOM   774  N  NE    . ARG A 1 97  ? 6.242   10.451  -6.968  1.00 28.87  ? 97  ARG A NE    1 
ATOM   775  C  CZ    . ARG A 1 97  ? 5.965   11.194  -8.036  1.00 29.67  ? 97  ARG A CZ    1 
ATOM   776  N  NH1   . ARG A 1 97  ? 6.868   12.050  -8.493  1.00 30.61  ? 97  ARG A NH1   1 
ATOM   777  N  NH2   . ARG A 1 97  ? 4.789   11.093  -8.643  1.00 31.22  ? 97  ARG A NH2   1 
ATOM   778  N  N     . GLU A 1 98  ? 9.654   6.915   -6.282  1.00 20.95  ? 98  GLU A N     1 
ATOM   779  C  CA    . GLU A 1 98  ? 10.731  6.951   -7.280  1.00 21.51  ? 98  GLU A CA    1 
ATOM   780  C  C     . GLU A 1 98  ? 11.059  5.553   -7.803  1.00 21.44  ? 98  GLU A C     1 
ATOM   781  O  O     . GLU A 1 98  ? 11.294  5.376   -8.999  1.00 21.56  ? 98  GLU A O     1 
ATOM   782  C  CB    . GLU A 1 98  ? 11.998  7.613   -6.716  1.00 21.61  ? 98  GLU A CB    1 
ATOM   783  C  CG    . GLU A 1 98  ? 11.882  9.119   -6.453  1.00 23.40  ? 98  GLU A CG    1 
ATOM   784  C  CD    . GLU A 1 98  ? 11.565  9.929   -7.703  1.00 25.49  ? 98  GLU A CD    1 
ATOM   785  O  OE1   . GLU A 1 98  ? 12.237  9.727   -8.739  1.00 27.20  ? 98  GLU A OE1   1 
ATOM   786  O  OE2   . GLU A 1 98  ? 10.646  10.776  -7.644  1.00 26.09  ? 98  GLU A OE2   1 
ATOM   787  N  N     . GLN A 1 99  ? 11.078  4.569   -6.904  1.00 21.53  ? 99  GLN A N     1 
ATOM   788  C  CA    . GLN A 1 99  ? 11.279  3.171   -7.290  1.00 21.85  ? 99  GLN A CA    1 
ATOM   789  C  C     . GLN A 1 99  ? 10.134  2.667   -8.170  1.00 21.55  ? 99  GLN A C     1 
ATOM   790  O  O     . GLN A 1 99  ? 10.370  1.970   -9.163  1.00 21.38  ? 99  GLN A O     1 
ATOM   791  C  CB    . GLN A 1 99  ? 11.442  2.277   -6.061  1.00 21.92  ? 99  GLN A CB    1 
ATOM   792  C  CG    . GLN A 1 99  ? 11.696  0.809   -6.396  1.00 22.80  ? 99  GLN A CG    1 
ATOM   793  C  CD    . GLN A 1 99  ? 11.735  -0.087  -5.177  1.00 22.85  ? 99  GLN A CD    1 
ATOM   794  O  OE1   . GLN A 1 99  ? 11.013  0.133   -4.204  1.00 24.60  ? 99  GLN A OE1   1 
ATOM   795  N  NE2   . GLN A 1 99  ? 12.575  -1.115  -5.230  1.00 24.77  ? 99  GLN A NE2   1 
ATOM   796  N  N     . ILE A 1 100 ? 8.902   3.020   -7.805  1.00 21.29  ? 100 ILE A N     1 
ATOM   797  C  CA    . ILE A 1 100 ? 7.728   2.679   -8.617  1.00 21.14  ? 100 ILE A CA    1 
ATOM   798  C  C     . ILE A 1 100 ? 7.862   3.272   -10.018 1.00 21.40  ? 100 ILE A C     1 
ATOM   799  O  O     . ILE A 1 100 ? 7.703   2.565   -11.016 1.00 21.17  ? 100 ILE A O     1 
ATOM   800  C  CB    . ILE A 1 100 ? 6.409   3.137   -7.957  1.00 20.96  ? 100 ILE A CB    1 
ATOM   801  C  CG1   . ILE A 1 100 ? 6.110   2.278   -6.725  1.00 20.65  ? 100 ILE A CG1   1 
ATOM   802  C  CG2   . ILE A 1 100 ? 5.244   3.049   -8.950  1.00 21.21  ? 100 ILE A CG2   1 
ATOM   803  C  CD1   . ILE A 1 100 ? 5.164   2.920   -5.741  1.00 19.07  ? 100 ILE A CD1   1 
ATOM   804  N  N     . LYS A 1 101 ? 8.172   4.565   -10.081 1.00 21.72  ? 101 LYS A N     1 
ATOM   805  C  CA    . LYS A 1 101 ? 8.384   5.245   -11.353 1.00 22.45  ? 101 LYS A CA    1 
ATOM   806  C  C     . LYS A 1 101 ? 9.471   4.554   -12.172 1.00 22.58  ? 101 LYS A C     1 
ATOM   807  O  O     . LYS A 1 101 ? 9.320   4.371   -13.375 1.00 22.52  ? 101 LYS A O     1 
ATOM   808  C  CB    . LYS A 1 101 ? 8.722   6.721   -11.139 1.00 22.49  ? 101 LYS A CB    1 
ATOM   809  C  CG    . LYS A 1 101 ? 7.552   7.553   -10.612 1.00 23.48  ? 101 LYS A CG    1 
ATOM   810  C  CD    . LYS A 1 101 ? 7.745   9.046   -10.859 1.00 25.33  ? 101 LYS A CD    1 
ATOM   811  C  CE    . LYS A 1 101 ? 8.924   9.610   -10.094 1.00 26.63  ? 101 LYS A CE    1 
ATOM   812  N  NZ    . LYS A 1 101 ? 9.129   11.056  -10.393 1.00 27.47  ? 101 LYS A NZ    1 
ATOM   813  N  N     . ARG A 1 102 ? 10.549  4.154   -11.502 1.00 22.85  ? 102 ARG A N     1 
ATOM   814  C  CA    . ARG A 1 102 ? 11.623  3.402   -12.141 1.00 23.31  ? 102 ARG A CA    1 
ATOM   815  C  C     . ARG A 1 102 ? 11.159  2.066   -12.711 1.00 23.25  ? 102 ARG A C     1 
ATOM   816  O  O     . ARG A 1 102 ? 11.356  1.808   -13.899 1.00 23.25  ? 102 ARG A O     1 
ATOM   817  C  CB    . ARG A 1 102 ? 12.786  3.183   -11.177 1.00 23.39  ? 102 ARG A CB    1 
ATOM   818  C  CG    . ARG A 1 102 ? 13.961  4.114   -11.400 1.00 25.05  ? 102 ARG A CG    1 
ATOM   819  C  CD    . ARG A 1 102 ? 15.158  3.720   -10.549 1.00 27.44  ? 102 ARG A CD    1 
ATOM   820  N  NE    . ARG A 1 102 ? 15.375  2.274   -10.521 1.00 29.46  ? 102 ARG A NE    1 
ATOM   821  C  CZ    . ARG A 1 102 ? 15.199  1.501   -9.451  1.00 30.31  ? 102 ARG A CZ    1 
ATOM   822  N  NH1   . ARG A 1 102 ? 15.420  0.195   -9.536  1.00 30.82  ? 102 ARG A NH1   1 
ATOM   823  N  NH2   . ARG A 1 102 ? 14.806  2.026   -8.296  1.00 31.27  ? 102 ARG A NH2   1 
ATOM   824  N  N     . VAL A 1 103 ? 10.538  1.226   -11.885 1.00 23.09  ? 103 VAL A N     1 
ATOM   825  C  CA    . VAL A 1 103 ? 10.163  -0.127  -12.320 1.00 23.03  ? 103 VAL A CA    1 
ATOM   826  C  C     . VAL A 1 103 ? 9.084   -0.136  -13.401 1.00 23.08  ? 103 VAL A C     1 
ATOM   827  O  O     . VAL A 1 103 ? 9.020   -1.064  -14.209 1.00 22.74  ? 103 VAL A O     1 
ATOM   828  C  CB    . VAL A 1 103 ? 9.765   -1.064  -11.141 1.00 22.99  ? 103 VAL A CB    1 
ATOM   829  C  CG1   . VAL A 1 103 ? 10.899  -1.165  -10.143 1.00 23.35  ? 103 VAL A CG1   1 
ATOM   830  C  CG2   . VAL A 1 103 ? 8.484   -0.601  -10.450 1.00 23.08  ? 103 VAL A CG2   1 
ATOM   831  N  N     . LYS A 1 104 ? 8.255   0.904   -13.415 1.00 23.15  ? 104 LYS A N     1 
ATOM   832  C  CA    . LYS A 1 104 ? 7.177   1.021   -14.392 1.00 23.61  ? 104 LYS A CA    1 
ATOM   833  C  C     . LYS A 1 104 ? 7.551   1.893   -15.592 1.00 23.86  ? 104 LYS A C     1 
ATOM   834  O  O     . LYS A 1 104 ? 6.844   1.896   -16.604 1.00 23.97  ? 104 LYS A O     1 
ATOM   835  C  CB    . LYS A 1 104 ? 5.898   1.552   -13.729 1.00 23.34  ? 104 LYS A CB    1 
ATOM   836  C  CG    . LYS A 1 104 ? 5.330   0.670   -12.603 1.00 23.14  ? 104 LYS A CG    1 
ATOM   837  C  CD    . LYS A 1 104 ? 5.081   -0.786  -13.035 1.00 22.91  ? 104 LYS A CD    1 
ATOM   838  C  CE    . LYS A 1 104 ? 4.028   -0.895  -14.131 1.00 22.59  ? 104 LYS A CE    1 
ATOM   839  N  NZ    . LYS A 1 104 ? 3.689   -2.314  -14.431 1.00 22.24  ? 104 LYS A NZ    1 
ATOM   840  N  N     . ASP A 1 105 ? 8.661   2.623   -15.471 1.00 24.44  ? 105 ASP A N     1 
ATOM   841  C  CA    . ASP A 1 105 ? 9.131   3.561   -16.505 1.00 24.92  ? 105 ASP A CA    1 
ATOM   842  C  C     . ASP A 1 105 ? 8.087   4.617   -16.845 1.00 25.07  ? 105 ASP A C     1 
ATOM   843  O  O     . ASP A 1 105 ? 7.860   4.929   -18.020 1.00 25.11  ? 105 ASP A O     1 
ATOM   844  C  CB    . ASP A 1 105 ? 9.577   2.810   -17.764 1.00 25.07  ? 105 ASP A CB    1 
ATOM   845  C  CG    . ASP A 1 105 ? 10.748  1.905   -17.503 1.00 25.73  ? 105 ASP A CG    1 
ATOM   846  O  OD1   . ASP A 1 105 ? 11.816  2.426   -17.113 1.00 26.51  ? 105 ASP A OD1   1 
ATOM   847  O  OD2   . ASP A 1 105 ? 10.605  0.673   -17.655 1.00 26.94  ? 105 ASP A OD2   1 
ATOM   848  N  N     . SER A 1 106 ? 7.457   5.160   -15.807 1.00 25.04  ? 106 SER A N     1 
ATOM   849  C  CA    . SER A 1 106 ? 6.380   6.130   -15.966 1.00 25.09  ? 106 SER A CA    1 
ATOM   850  C  C     . SER A 1 106 ? 6.185   6.954   -14.699 1.00 25.00  ? 106 SER A C     1 
ATOM   851  O  O     . SER A 1 106 ? 6.417   6.469   -13.592 1.00 24.78  ? 106 SER A O     1 
ATOM   852  C  CB    . SER A 1 106 ? 5.074   5.409   -16.315 1.00 25.07  ? 106 SER A CB    1 
ATOM   853  O  OG    . SER A 1 106 ? 4.003   6.326   -16.451 1.00 25.73  ? 106 SER A OG    1 
ATOM   854  N  N     . ASP A 1 107 ? 5.757   8.201   -14.877 1.00 25.09  ? 107 ASP A N     1 
ATOM   855  C  CA    . ASP A 1 107 ? 5.389   9.071   -13.763 1.00 25.08  ? 107 ASP A CA    1 
ATOM   856  C  C     . ASP A 1 107 ? 3.874   9.074   -13.543 1.00 24.29  ? 107 ASP A C     1 
ATOM   857  O  O     . ASP A 1 107 ? 3.360   9.764   -12.655 1.00 24.30  ? 107 ASP A O     1 
ATOM   858  C  CB    . ASP A 1 107 ? 5.914   10.497  -13.984 1.00 25.86  ? 107 ASP A CB    1 
ATOM   859  C  CG    . ASP A 1 107 ? 5.862   10.931  -15.441 1.00 27.58  ? 107 ASP A CG    1 
ATOM   860  O  OD1   . ASP A 1 107 ? 4.809   10.750  -16.093 1.00 30.44  ? 107 ASP A OD1   1 
ATOM   861  O  OD2   . ASP A 1 107 ? 6.882   11.463  -15.933 1.00 30.06  ? 107 ASP A OD2   1 
ATOM   862  N  N     . ASP A 1 108 ? 3.172   8.288   -14.356 1.00 23.13  ? 108 ASP A N     1 
ATOM   863  C  CA    . ASP A 1 108 ? 1.724   8.159   -14.270 1.00 22.06  ? 108 ASP A CA    1 
ATOM   864  C  C     . ASP A 1 108 ? 1.359   6.713   -13.926 1.00 20.75  ? 108 ASP A C     1 
ATOM   865  O  O     . ASP A 1 108 ? 0.971   5.927   -14.793 1.00 20.66  ? 108 ASP A O     1 
ATOM   866  C  CB    . ASP A 1 108 ? 1.076   8.603   -15.589 1.00 22.58  ? 108 ASP A CB    1 
ATOM   867  C  CG    . ASP A 1 108 ? -0.442  8.654   -15.516 1.00 23.68  ? 108 ASP A CG    1 
ATOM   868  O  OD1   . ASP A 1 108 ? -0.985  8.998   -14.446 1.00 24.52  ? 108 ASP A OD1   1 
ATOM   869  O  OD2   . ASP A 1 108 ? -1.093  8.355   -16.540 1.00 25.63  ? 108 ASP A OD2   1 
ATOM   870  N  N     . VAL A 1 109 ? 1.512   6.371   -12.650 1.00 19.05  ? 109 VAL A N     1 
ATOM   871  C  CA    . VAL A 1 109 ? 1.230   5.026   -12.152 1.00 17.37  ? 109 VAL A CA    1 
ATOM   872  C  C     . VAL A 1 109 ? 0.127   5.102   -11.093 1.00 16.16  ? 109 VAL A C     1 
ATOM   873  O  O     . VAL A 1 109 ? 0.222   5.919   -10.172 1.00 15.77  ? 109 VAL A O     1 
ATOM   874  C  CB    . VAL A 1 109 ? 2.487   4.360   -11.527 1.00 17.57  ? 109 VAL A CB    1 
ATOM   875  C  CG1   . VAL A 1 109 ? 2.193   2.914   -11.137 1.00 17.14  ? 109 VAL A CG1   1 
ATOM   876  C  CG2   . VAL A 1 109 ? 3.678   4.414   -12.488 1.00 17.29  ? 109 VAL A CG2   1 
ATOM   877  N  N     . PRO A 1 110 ? -0.923  4.266   -11.229 1.00 14.79  ? 110 PRO A N     1 
ATOM   878  C  CA    . PRO A 1 110 ? -1.970  4.192   -10.208 1.00 14.01  ? 110 PRO A CA    1 
ATOM   879  C  C     . PRO A 1 110 ? -1.381  3.926   -8.818  1.00 13.33  ? 110 PRO A C     1 
ATOM   880  O  O     . PRO A 1 110 ? -0.661  2.943   -8.619  1.00 12.85  ? 110 PRO A O     1 
ATOM   881  C  CB    . PRO A 1 110 ? -2.834  3.017   -10.673 1.00 13.76  ? 110 PRO A CB    1 
ATOM   882  C  CG    . PRO A 1 110 ? -2.647  2.980   -12.150 1.00 14.35  ? 110 PRO A CG    1 
ATOM   883  C  CD    . PRO A 1 110 ? -1.202  3.362   -12.363 1.00 14.76  ? 110 PRO A CD    1 
ATOM   884  N  N     . MET A 1 111 ? -1.667  4.827   -7.886  1.00 12.69  ? 111 MET A N     1 
ATOM   885  C  CA    . MET A 1 111 ? -1.134  4.759   -6.530  1.00 12.74  ? 111 MET A CA    1 
ATOM   886  C  C     . MET A 1 111 ? -2.116  5.336   -5.527  1.00 11.59  ? 111 MET A C     1 
ATOM   887  O  O     . MET A 1 111 ? -2.948  6.183   -5.869  1.00 11.54  ? 111 MET A O     1 
ATOM   888  C  CB    . MET A 1 111 ? 0.158   5.565   -6.408  1.00 12.61  ? 111 MET A CB    1 
ATOM   889  C  CG    . MET A 1 111 ? 1.403   4.950   -6.988  1.00 14.01  ? 111 MET A CG    1 
ATOM   890  S  SD    . MET A 1 111 ? 2.825   5.981   -6.551  1.00 15.26  ? 111 MET A SD    1 
ATOM   891  C  CE    . MET A 1 111 ? 2.332   7.578   -7.213  1.00 16.66  ? 111 MET A CE    1 
ATOM   892  N  N     . VAL A 1 112 ? -1.993  4.877   -4.284  1.00 10.58  ? 112 VAL A N     1 
ATOM   893  C  CA    . VAL A 1 112 ? -2.696  5.458   -3.147  1.00 9.99   ? 112 VAL A CA    1 
ATOM   894  C  C     . VAL A 1 112 ? -1.688  5.579   -2.009  1.00 9.70   ? 112 VAL A C     1 
ATOM   895  O  O     . VAL A 1 112 ? -0.936  4.640   -1.728  1.00 9.16   ? 112 VAL A O     1 
ATOM   896  C  CB    . VAL A 1 112 ? -3.908  4.600   -2.697  1.00 9.93   ? 112 VAL A CB    1 
ATOM   897  C  CG1   . VAL A 1 112 ? -4.523  5.155   -1.397  1.00 9.84   ? 112 VAL A CG1   1 
ATOM   898  C  CG2   . VAL A 1 112 ? -4.962  4.541   -3.793  1.00 9.75   ? 112 VAL A CG2   1 
ATOM   899  N  N     . LEU A 1 113 ? -1.658  6.752   -1.387  1.00 9.40   ? 113 LEU A N     1 
ATOM   900  C  CA    . LEU A 1 113 ? -0.846  6.966   -0.199  1.00 9.23   ? 113 LEU A CA    1 
ATOM   901  C  C     . LEU A 1 113 ? -1.659  6.529   1.003   1.00 8.98   ? 113 LEU A C     1 
ATOM   902  O  O     . LEU A 1 113 ? -2.800  6.964   1.185   1.00 8.79   ? 113 LEU A O     1 
ATOM   903  C  CB    . LEU A 1 113 ? -0.443  8.436   -0.065  1.00 9.30   ? 113 LEU A CB    1 
ATOM   904  C  CG    . LEU A 1 113 ? 0.512   8.816   1.072   1.00 9.29   ? 113 LEU A CG    1 
ATOM   905  C  CD1   . LEU A 1 113 ? 1.832   8.062   0.965   1.00 9.48   ? 113 LEU A CD1   1 
ATOM   906  C  CD2   . LEU A 1 113 ? 0.750   10.311  1.067   1.00 9.52   ? 113 LEU A CD2   1 
ATOM   907  N  N     . VAL A 1 114 ? -1.073  5.656   1.814   1.00 8.76   ? 114 VAL A N     1 
ATOM   908  C  CA    . VAL A 1 114 ? -1.760  5.108   2.971   1.00 8.53   ? 114 VAL A CA    1 
ATOM   909  C  C     . VAL A 1 114 ? -1.024  5.462   4.256   1.00 8.59   ? 114 VAL A C     1 
ATOM   910  O  O     . VAL A 1 114 ? 0.149   5.128   4.416   1.00 8.00   ? 114 VAL A O     1 
ATOM   911  C  CB    . VAL A 1 114 ? -1.940  3.573   2.862   1.00 8.67   ? 114 VAL A CB    1 
ATOM   912  C  CG1   . VAL A 1 114 ? -2.516  3.008   4.164   1.00 8.17   ? 114 VAL A CG1   1 
ATOM   913  C  CG2   . VAL A 1 114 ? -2.850  3.230   1.683   1.00 8.80   ? 114 VAL A CG2   1 
ATOM   914  N  N     . GLY A 1 115 ? -1.732  6.148   5.151   1.00 8.35   ? 115 GLY A N     1 
ATOM   915  C  CA    . GLY A 1 115 ? -1.251  6.440   6.497   1.00 8.67   ? 115 GLY A CA    1 
ATOM   916  C  C     . GLY A 1 115 ? -1.836  5.415   7.448   1.00 9.13   ? 115 GLY A C     1 
ATOM   917  O  O     . GLY A 1 115 ? -2.991  5.539   7.875   1.00 8.81   ? 115 GLY A O     1 
ATOM   918  N  N     . ASN A 1 116 ? -1.040  4.394   7.762   1.00 9.42   ? 116 ASN A N     1 
ATOM   919  C  CA    . ASN A 1 116 ? -1.506  3.251   8.543   1.00 9.66   ? 116 ASN A CA    1 
ATOM   920  C  C     . ASN A 1 116 ? -1.260  3.432   10.044  1.00 9.85   ? 116 ASN A C     1 
ATOM   921  O  O     . ASN A 1 116 ? -0.531  4.337   10.459  1.00 9.77   ? 116 ASN A O     1 
ATOM   922  C  CB    . ASN A 1 116 ? -0.870  1.949   8.022   1.00 9.56   ? 116 ASN A CB    1 
ATOM   923  C  CG    . ASN A 1 116 ? -1.478  0.695   8.648   1.00 10.01  ? 116 ASN A CG    1 
ATOM   924  O  OD1   . ASN A 1 116 ? -2.696  0.519   8.669   1.00 10.15  ? 116 ASN A OD1   1 
ATOM   925  N  ND2   . ASN A 1 116 ? -0.621  -0.183  9.163   1.00 9.29   ? 116 ASN A ND2   1 
ATOM   926  N  N     . LYS A 1 117 ? -1.882  2.559   10.837  1.00 10.10  ? 117 LYS A N     1 
ATOM   927  C  CA    . LYS A 1 117 ? -1.823  2.579   12.299  1.00 10.75  ? 117 LYS A CA    1 
ATOM   928  C  C     . LYS A 1 117 ? -2.533  3.806   12.869  1.00 11.39  ? 117 LYS A C     1 
ATOM   929  O  O     . LYS A 1 117 ? -2.113  4.359   13.886  1.00 11.21  ? 117 LYS A O     1 
ATOM   930  C  CB    . LYS A 1 117 ? -0.376  2.469   12.825  1.00 10.43  ? 117 LYS A CB    1 
ATOM   931  C  CG    . LYS A 1 117 ? 0.459   1.363   12.201  1.00 10.33  ? 117 LYS A CG    1 
ATOM   932  C  CD    . LYS A 1 117 ? 1.704   1.071   13.029  1.00 10.75  ? 117 LYS A CD    1 
ATOM   933  C  CE    . LYS A 1 117 ? 2.557   0.005   12.367  1.00 11.28  ? 117 LYS A CE    1 
ATOM   934  N  NZ    . LYS A 1 117 ? 3.805   -0.283  13.140  1.00 10.45  ? 117 LYS A NZ    1 
ATOM   935  N  N     . CYS A 1 118 ? -3.627  4.206   12.215  1.00 12.11  ? 118 CYS A N     1 
ATOM   936  C  CA    . CYS A 1 118 ? -4.397  5.387   12.617  1.00 12.94  ? 118 CYS A CA    1 
ATOM   937  C  C     . CYS A 1 118 ? -5.168  5.163   13.926  1.00 13.24  ? 118 CYS A C     1 
ATOM   938  O  O     . CYS A 1 118 ? -5.770  6.093   14.475  1.00 13.11  ? 118 CYS A O     1 
ATOM   939  C  CB    . CYS A 1 118 ? -5.330  5.844   11.482  1.00 12.98  ? 118 CYS A CB    1 
ATOM   940  S  SG    . CYS A 1 118 ? -6.773  4.770   11.146  1.00 15.20  ? 118 CYS A SG    1 
ATOM   941  N  N     . ASP A 1 119 ? -5.146  3.922   14.413  1.00 13.40  ? 119 ASP A N     1 
ATOM   942  C  CA    . ASP A 1 119 ? -5.686  3.584   15.729  1.00 13.82  ? 119 ASP A CA    1 
ATOM   943  C  C     . ASP A 1 119 ? -4.749  4.030   16.857  1.00 14.20  ? 119 ASP A C     1 
ATOM   944  O  O     . ASP A 1 119 ? -5.169  4.136   18.010  1.00 14.39  ? 119 ASP A O     1 
ATOM   945  C  CB    . ASP A 1 119 ? -5.938  2.080   15.831  1.00 13.84  ? 119 ASP A CB    1 
ATOM   946  C  CG    . ASP A 1 119 ? -4.676  1.268   15.632  1.00 13.93  ? 119 ASP A CG    1 
ATOM   947  O  OD1   . ASP A 1 119 ? -4.217  1.143   14.473  1.00 13.47  ? 119 ASP A OD1   1 
ATOM   948  O  OD2   . ASP A 1 119 ? -4.137  0.762   16.636  1.00 13.91  ? 119 ASP A OD2   1 
ATOM   949  N  N     . LEU A 1 120 ? -3.482  4.272   16.521  1.00 14.38  ? 120 LEU A N     1 
ATOM   950  C  CA    . LEU A 1 120 ? -2.479  4.688   17.503  1.00 14.69  ? 120 LEU A CA    1 
ATOM   951  C  C     . LEU A 1 120 ? -2.508  6.188   17.769  1.00 14.85  ? 120 LEU A C     1 
ATOM   952  O  O     . LEU A 1 120 ? -2.688  6.989   16.851  1.00 14.66  ? 120 LEU A O     1 
ATOM   953  C  CB    . LEU A 1 120 ? -1.076  4.263   17.065  1.00 14.74  ? 120 LEU A CB    1 
ATOM   954  C  CG    . LEU A 1 120 ? -0.828  2.756   16.942  1.00 14.98  ? 120 LEU A CG    1 
ATOM   955  C  CD1   . LEU A 1 120 ? 0.551   2.511   16.370  1.00 15.42  ? 120 LEU A CD1   1 
ATOM   956  C  CD2   . LEU A 1 120 ? -0.991  2.051   18.287  1.00 15.19  ? 120 LEU A CD2   1 
ATOM   957  N  N     . ALA A 1 121 ? -2.323  6.555   19.035  1.00 15.03  ? 121 ALA A N     1 
ATOM   958  C  CA    . ALA A 1 121 ? -2.404  7.954   19.450  1.00 15.18  ? 121 ALA A CA    1 
ATOM   959  C  C     . ALA A 1 121 ? -1.096  8.721   19.297  1.00 15.32  ? 121 ALA A C     1 
ATOM   960  O  O     . ALA A 1 121 ? -1.094  9.961   19.325  1.00 15.34  ? 121 ALA A O     1 
ATOM   961  C  CB    . ALA A 1 121 ? -2.915  8.054   20.876  1.00 15.41  ? 121 ALA A CB    1 
ATOM   962  N  N     . ALA A 1 122 ? 0.010   7.994   19.128  1.00 15.21  ? 122 ALA A N     1 
ATOM   963  C  CA    . ALA A 1 122 ? 1.334   8.608   18.999  1.00 15.10  ? 122 ALA A CA    1 
ATOM   964  C  C     . ALA A 1 122 ? 1.601   9.167   17.597  1.00 15.15  ? 122 ALA A C     1 
ATOM   965  O  O     . ALA A 1 122 ? 2.630   8.875   16.982  1.00 15.02  ? 122 ALA A O     1 
ATOM   966  C  CB    . ALA A 1 122 ? 2.421   7.618   19.396  1.00 15.23  ? 122 ALA A CB    1 
ATOM   967  N  N     . ARG A 1 123 ? 0.680   9.991   17.113  1.00 14.77  ? 123 ARG A N     1 
ATOM   968  C  CA    . ARG A 1 123 ? 0.770   10.556  15.775  1.00 14.44  ? 123 ARG A CA    1 
ATOM   969  C  C     . ARG A 1 123 ? 1.885   11.594  15.653  1.00 14.32  ? 123 ARG A C     1 
ATOM   970  O  O     . ARG A 1 123 ? 1.957   12.544  16.441  1.00 14.27  ? 123 ARG A O     1 
ATOM   971  C  CB    . ARG A 1 123 ? -0.572  11.170  15.379  1.00 14.32  ? 123 ARG A CB    1 
ATOM   972  C  CG    . ARG A 1 123 ? -0.599  11.744  13.979  1.00 14.12  ? 123 ARG A CG    1 
ATOM   973  C  CD    . ARG A 1 123 ? -1.935  12.403  13.691  1.00 14.59  ? 123 ARG A CD    1 
ATOM   974  N  NE    . ARG A 1 123 ? -2.984  11.412  13.476  1.00 14.87  ? 123 ARG A NE    1 
ATOM   975  C  CZ    . ARG A 1 123 ? -3.338  10.939  12.285  1.00 14.79  ? 123 ARG A CZ    1 
ATOM   976  N  NH1   . ARG A 1 123 ? -2.724  11.359  11.183  1.00 14.67  ? 123 ARG A NH1   1 
ATOM   977  N  NH2   . ARG A 1 123 ? -4.306  10.041  12.198  1.00 14.26  ? 123 ARG A NH2   1 
ATOM   978  N  N     . THR A 1 124 ? 2.755   11.399  14.665  1.00 13.89  ? 124 THR A N     1 
ATOM   979  C  CA    . THR A 1 124 ? 3.778   12.389  14.338  1.00 13.85  ? 124 THR A CA    1 
ATOM   980  C  C     . THR A 1 124 ? 3.635   12.869  12.896  1.00 13.89  ? 124 THR A C     1 
ATOM   981  O  O     . THR A 1 124 ? 4.276   13.837  12.493  1.00 13.91  ? 124 THR A O     1 
ATOM   982  C  CB    . THR A 1 124 ? 5.204   11.855  14.580  1.00 13.85  ? 124 THR A CB    1 
ATOM   983  O  OG1   . THR A 1 124 ? 5.418   10.676  13.795  1.00 13.86  ? 124 THR A OG1   1 
ATOM   984  C  CG2   . THR A 1 124 ? 5.413   11.533  16.059  1.00 12.96  ? 124 THR A CG2   1 
ATOM   985  N  N     . VAL A 1 125 ? 2.792   12.180  12.129  1.00 14.01  ? 125 VAL A N     1 
ATOM   986  C  CA    . VAL A 1 125 ? 2.448   12.603  10.773  1.00 14.14  ? 125 VAL A CA    1 
ATOM   987  C  C     . VAL A 1 125 ? 0.983   13.018  10.764  1.00 14.39  ? 125 VAL A C     1 
ATOM   988  O  O     . VAL A 1 125 ? 0.090   12.177  10.880  1.00 14.26  ? 125 VAL A O     1 
ATOM   989  C  CB    . VAL A 1 125 ? 2.687   11.490  9.719   1.00 14.24  ? 125 VAL A CB    1 
ATOM   990  C  CG1   . VAL A 1 125 ? 2.450   12.040  8.302   1.00 13.77  ? 125 VAL A CG1   1 
ATOM   991  C  CG2   . VAL A 1 125 ? 4.096   10.910  9.846   1.00 13.79  ? 125 VAL A CG2   1 
ATOM   992  N  N     . GLU A 1 126 ? 0.747   14.321  10.660  1.00 14.92  ? 126 GLU A N     1 
ATOM   993  C  CA    . GLU A 1 126 ? -0.609  14.850  10.632  1.00 15.83  ? 126 GLU A CA    1 
ATOM   994  C  C     . GLU A 1 126 ? -1.243  14.580  9.271   1.00 15.67  ? 126 GLU A C     1 
ATOM   995  O  O     . GLU A 1 126 ? -0.547  14.518  8.257   1.00 15.27  ? 126 GLU A O     1 
ATOM   996  C  CB    . GLU A 1 126 ? -0.624  16.348  10.963  1.00 16.34  ? 126 GLU A CB    1 
ATOM   997  C  CG    . GLU A 1 126 ? -0.211  16.688  12.407  1.00 18.25  ? 126 GLU A CG    1 
ATOM   998  C  CD    . GLU A 1 126 ? -1.076  16.019  13.477  1.00 20.71  ? 126 GLU A CD    1 
ATOM   999  O  OE1   . GLU A 1 126 ? -2.314  15.969  13.320  1.00 22.60  ? 126 GLU A OE1   1 
ATOM   1000 O  OE2   . GLU A 1 126 ? -0.517  15.550  14.497  1.00 22.50  ? 126 GLU A OE2   1 
ATOM   1001 N  N     . SER A 1 127 ? -2.558  14.396  9.266   1.00 16.11  ? 127 SER A N     1 
ATOM   1002 C  CA    . SER A 1 127 ? -3.293  14.092  8.038   1.00 16.43  ? 127 SER A CA    1 
ATOM   1003 C  C     . SER A 1 127 ? -2.995  15.092  6.921   1.00 16.76  ? 127 SER A C     1 
ATOM   1004 O  O     . SER A 1 127 ? -2.736  14.695  5.787   1.00 16.52  ? 127 SER A O     1 
ATOM   1005 C  CB    . SER A 1 127 ? -4.795  14.044  8.306   1.00 16.59  ? 127 SER A CB    1 
ATOM   1006 O  OG    . SER A 1 127 ? -5.502  13.666  7.134   1.00 16.39  ? 127 SER A OG    1 
ATOM   1007 N  N     . ARG A 1 128 ? -3.017  16.383  7.254   1.00 17.12  ? 128 ARG A N     1 
ATOM   1008 C  CA    . ARG A 1 128 ? -2.797  17.446  6.269   1.00 17.78  ? 128 ARG A CA    1 
ATOM   1009 C  C     . ARG A 1 128 ? -1.435  17.330  5.583   1.00 17.39  ? 128 ARG A C     1 
ATOM   1010 O  O     . ARG A 1 128 ? -1.334  17.523  4.371   1.00 17.20  ? 128 ARG A O     1 
ATOM   1011 C  CB    . ARG A 1 128 ? -2.989  18.831  6.904   1.00 18.28  ? 128 ARG A CB    1 
ATOM   1012 C  CG    . ARG A 1 128 ? -2.777  20.027  5.958   1.00 21.00  ? 128 ARG A CG    1 
ATOM   1013 C  CD    . ARG A 1 128 ? -3.645  19.949  4.702   1.00 24.27  ? 128 ARG A CD    1 
ATOM   1014 N  NE    . ARG A 1 128 ? -3.521  21.146  3.870   1.00 27.56  ? 128 ARG A NE    1 
ATOM   1015 C  CZ    . ARG A 1 128 ? -4.268  22.239  4.013   1.00 29.29  ? 128 ARG A CZ    1 
ATOM   1016 N  NH1   . ARG A 1 128 ? -5.197  22.297  4.962   1.00 30.22  ? 128 ARG A NH1   1 
ATOM   1017 N  NH2   . ARG A 1 128 ? -4.086  23.277  3.204   1.00 30.46  ? 128 ARG A NH2   1 
ATOM   1018 N  N     . GLN A 1 129 ? -0.404  16.994  6.360   1.00 16.99  ? 129 GLN A N     1 
ATOM   1019 C  CA    . GLN A 1 129 ? 0.942   16.773  5.830   1.00 17.00  ? 129 GLN A CA    1 
ATOM   1020 C  C     . GLN A 1 129 ? 0.943   15.693  4.742   1.00 16.33  ? 129 GLN A C     1 
ATOM   1021 O  O     . GLN A 1 129 ? 1.557   15.863  3.686   1.00 16.25  ? 129 GLN A O     1 
ATOM   1022 C  CB    . GLN A 1 129 ? 1.915   16.395  6.958   1.00 16.91  ? 129 GLN A CB    1 
ATOM   1023 C  CG    . GLN A 1 129 ? 2.267   17.543  7.908   1.00 17.77  ? 129 GLN A CG    1 
ATOM   1024 C  CD    . GLN A 1 129 ? 3.232   17.127  9.017   1.00 18.22  ? 129 GLN A CD    1 
ATOM   1025 O  OE1   . GLN A 1 129 ? 3.068   16.078  9.645   1.00 18.68  ? 129 GLN A OE1   1 
ATOM   1026 N  NE2   . GLN A 1 129 ? 4.232   17.971  9.277   1.00 20.05  ? 129 GLN A NE2   1 
ATOM   1027 N  N     . ALA A 1 130 ? 0.244   14.592  5.004   1.00 15.52  ? 130 ALA A N     1 
ATOM   1028 C  CA    . ALA A 1 130 ? 0.149   13.493  4.044   1.00 15.10  ? 130 ALA A CA    1 
ATOM   1029 C  C     . ALA A 1 130 ? -0.789  13.815  2.878   1.00 14.82  ? 130 ALA A C     1 
ATOM   1030 O  O     . ALA A 1 130 ? -0.530  13.403  1.747   1.00 14.37  ? 130 ALA A O     1 
ATOM   1031 C  CB    . ALA A 1 130 ? -0.282  12.231  4.736   1.00 14.79  ? 130 ALA A CB    1 
ATOM   1032 N  N     . GLN A 1 131 ? -1.870  14.545  3.158   1.00 14.62  ? 131 GLN A N     1 
ATOM   1033 C  CA    . GLN A 1 131 ? -2.771  15.031  2.103   1.00 14.80  ? 131 GLN A CA    1 
ATOM   1034 C  C     . GLN A 1 131 ? -2.015  15.871  1.078   1.00 14.75  ? 131 GLN A C     1 
ATOM   1035 O  O     . GLN A 1 131 ? -2.251  15.748  -0.131  1.00 14.98  ? 131 GLN A O     1 
ATOM   1036 C  CB    . GLN A 1 131 ? -3.898  15.875  2.685   1.00 14.65  ? 131 GLN A CB    1 
ATOM   1037 C  CG    . GLN A 1 131 ? -4.892  15.135  3.561   1.00 14.98  ? 131 GLN A CG    1 
ATOM   1038 C  CD    . GLN A 1 131 ? -5.858  16.090  4.230   1.00 15.92  ? 131 GLN A CD    1 
ATOM   1039 O  OE1   . GLN A 1 131 ? -6.215  17.129  3.662   1.00 16.24  ? 131 GLN A OE1   1 
ATOM   1040 N  NE2   . GLN A 1 131 ? -6.282  15.753  5.440   1.00 14.57  ? 131 GLN A NE2   1 
ATOM   1041 N  N     . ASP A 1 132 ? -1.116  16.724  1.570   1.00 14.62  ? 132 ASP A N     1 
ATOM   1042 C  CA    . ASP A 1 132 ? -0.299  17.586  0.714   1.00 14.51  ? 132 ASP A CA    1 
ATOM   1043 C  C     . ASP A 1 132 ? 0.667   16.782  -0.145  1.00 13.98  ? 132 ASP A C     1 
ATOM   1044 O  O     . ASP A 1 132 ? 0.848   17.083  -1.328  1.00 13.70  ? 132 ASP A O     1 
ATOM   1045 C  CB    . ASP A 1 132 ? 0.482   18.608  1.544   1.00 14.92  ? 132 ASP A CB    1 
ATOM   1046 C  CG    . ASP A 1 132 ? -0.409  19.662  2.180   1.00 16.16  ? 132 ASP A CG    1 
ATOM   1047 O  OD1   . ASP A 1 132 ? -1.609  19.742  1.838   1.00 18.10  ? 132 ASP A OD1   1 
ATOM   1048 O  OD2   . ASP A 1 132 ? 0.101   20.416  3.031   1.00 18.84  ? 132 ASP A OD2   1 
ATOM   1049 N  N     . LEU A 1 133 ? 1.294   15.769  0.454   1.00 13.30  ? 133 LEU A N     1 
ATOM   1050 C  CA    . LEU A 1 133 ? 2.196   14.889  -0.286  1.00 12.95  ? 133 LEU A CA    1 
ATOM   1051 C  C     . LEU A 1 133 ? 1.430   14.154  -1.387  1.00 12.86  ? 133 LEU A C     1 
ATOM   1052 O  O     . LEU A 1 133 ? 1.860   14.124  -2.546  1.00 12.70  ? 133 LEU A O     1 
ATOM   1053 C  CB    . LEU A 1 133 ? 2.905   13.889  0.647   1.00 12.67  ? 133 LEU A CB    1 
ATOM   1054 C  CG    . LEU A 1 133 ? 3.901   12.945  -0.051  1.00 12.68  ? 133 LEU A CG    1 
ATOM   1055 C  CD1   . LEU A 1 133 ? 4.989   13.728  -0.775  1.00 12.81  ? 133 LEU A CD1   1 
ATOM   1056 C  CD2   . LEU A 1 133 ? 4.513   11.946  0.918   1.00 12.82  ? 133 LEU A CD2   1 
ATOM   1057 N  N     . ALA A 1 134 ? 0.292   13.572  -1.014  1.00 12.80  ? 134 ALA A N     1 
ATOM   1058 C  CA    . ALA A 1 134 ? -0.567  12.868  -1.959  1.00 13.11  ? 134 ALA A CA    1 
ATOM   1059 C  C     . ALA A 1 134 ? -1.003  13.790  -3.102  1.00 13.43  ? 134 ALA A C     1 
ATOM   1060 O  O     . ALA A 1 134 ? -0.936  13.400  -4.267  1.00 12.74  ? 134 ALA A O     1 
ATOM   1061 C  CB    . ALA A 1 134 ? -1.776  12.270  -1.245  1.00 12.97  ? 134 ALA A CB    1 
ATOM   1062 N  N     . ARG A 1 135 ? -1.421  15.012  -2.758  1.00 13.85  ? 135 ARG A N     1 
ATOM   1063 C  CA    . ARG A 1 135 ? -1.812  16.017  -3.751  1.00 14.74  ? 135 ARG A CA    1 
ATOM   1064 C  C     . ARG A 1 135 ? -0.707  16.281  -4.777  1.00 14.63  ? 135 ARG A C     1 
ATOM   1065 O  O     . ARG A 1 135 ? -0.985  16.409  -5.970  1.00 14.57  ? 135 ARG A O     1 
ATOM   1066 C  CB    . ARG A 1 135 ? -2.218  17.332  -3.074  1.00 14.58  ? 135 ARG A CB    1 
ATOM   1067 C  CG    . ARG A 1 135 ? -2.884  18.334  -4.019  1.00 15.65  ? 135 ARG A CG    1 
ATOM   1068 C  CD    . ARG A 1 135 ? -2.916  19.747  -3.460  1.00 16.19  ? 135 ARG A CD    1 
ATOM   1069 N  NE    . ARG A 1 135 ? -3.597  19.823  -2.173  1.00 20.96  ? 135 ARG A NE    1 
ATOM   1070 C  CZ    . ARG A 1 135 ? -2.998  20.070  -1.009  1.00 22.68  ? 135 ARG A CZ    1 
ATOM   1071 N  NH1   . ARG A 1 135 ? -3.719  20.112  0.102   1.00 24.52  ? 135 ARG A NH1   1 
ATOM   1072 N  NH2   . ARG A 1 135 ? -1.689  20.281  -0.950  1.00 24.38  ? 135 ARG A NH2   1 
ATOM   1073 N  N     . SER A 1 136 ? 0.538   16.355  -4.308  1.00 14.69  ? 136 SER A N     1 
ATOM   1074 C  CA    . SER A 1 136 ? 1.690   16.582  -5.178  1.00 14.84  ? 136 SER A CA    1 
ATOM   1075 C  C     . SER A 1 136 ? 1.915   15.430  -6.150  1.00 14.73  ? 136 SER A C     1 
ATOM   1076 O  O     . SER A 1 136 ? 2.447   15.634  -7.238  1.00 14.85  ? 136 SER A O     1 
ATOM   1077 C  CB    . SER A 1 136 ? 2.960   16.826  -4.361  1.00 14.74  ? 136 SER A CB    1 
ATOM   1078 O  OG    . SER A 1 136 ? 3.571   15.605  -3.961  1.00 15.47  ? 136 SER A OG    1 
ATOM   1079 N  N     . TYR A 1 137 ? 1.517   14.225  -5.743  1.00 14.78  ? 137 TYR A N     1 
ATOM   1080 C  CA    . TYR A 1 137 ? 1.599   13.047  -6.601  1.00 14.71  ? 137 TYR A CA    1 
ATOM   1081 C  C     . TYR A 1 137 ? 0.362   12.887  -7.475  1.00 14.44  ? 137 TYR A C     1 
ATOM   1082 O  O     . TYR A 1 137 ? 0.361   12.078  -8.408  1.00 14.80  ? 137 TYR A O     1 
ATOM   1083 C  CB    . TYR A 1 137 ? 1.776   11.776  -5.764  1.00 15.15  ? 137 TYR A CB    1 
ATOM   1084 C  CG    . TYR A 1 137 ? 3.031   11.712  -4.933  1.00 15.53  ? 137 TYR A CG    1 
ATOM   1085 C  CD1   . TYR A 1 137 ? 4.158   12.476  -5.255  1.00 15.88  ? 137 TYR A CD1   1 
ATOM   1086 C  CD2   . TYR A 1 137 ? 3.106   10.854  -3.832  1.00 16.21  ? 137 TYR A CD2   1 
ATOM   1087 C  CE1   . TYR A 1 137 ? 5.314   12.404  -4.489  1.00 16.12  ? 137 TYR A CE1   1 
ATOM   1088 C  CE2   . TYR A 1 137 ? 4.256   10.770  -3.068  1.00 16.22  ? 137 TYR A CE2   1 
ATOM   1089 C  CZ    . TYR A 1 137 ? 5.356   11.544  -3.403  1.00 16.17  ? 137 TYR A CZ    1 
ATOM   1090 O  OH    . TYR A 1 137 ? 6.497   11.461  -2.644  1.00 16.40  ? 137 TYR A OH    1 
ATOM   1091 N  N     . GLY A 1 138 ? -0.688  13.639  -7.156  1.00 13.75  ? 138 GLY A N     1 
ATOM   1092 C  CA    . GLY A 1 138 ? -1.968  13.537  -7.849  1.00 13.39  ? 138 GLY A CA    1 
ATOM   1093 C  C     . GLY A 1 138 ? -2.713  12.267  -7.481  1.00 12.79  ? 138 GLY A C     1 
ATOM   1094 O  O     . GLY A 1 138 ? -3.424  11.706  -8.305  1.00 12.51  ? 138 GLY A O     1 
ATOM   1095 N  N     . ILE A 1 139 ? -2.538  11.817  -6.238  1.00 12.06  ? 139 ILE A N     1 
ATOM   1096 C  CA    . ILE A 1 139 ? -3.132  10.566  -5.764  1.00 11.40  ? 139 ILE A CA    1 
ATOM   1097 C  C     . ILE A 1 139 ? -3.934  10.775  -4.473  1.00 11.07  ? 139 ILE A C     1 
ATOM   1098 O  O     . ILE A 1 139 ? -3.717  11.764  -3.767  1.00 10.71  ? 139 ILE A O     1 
ATOM   1099 C  CB    . ILE A 1 139 ? -2.059  9.459   -5.555  1.00 11.39  ? 139 ILE A CB    1 
ATOM   1100 C  CG1   . ILE A 1 139 ? -1.126  9.806   -4.381  1.00 11.35  ? 139 ILE A CG1   1 
ATOM   1101 C  CG2   . ILE A 1 139 ? -1.284  9.196   -6.854  1.00 10.90  ? 139 ILE A CG2   1 
ATOM   1102 C  CD1   . ILE A 1 139 ? -0.179  8.688   -3.992  1.00 11.20  ? 139 ILE A CD1   1 
ATOM   1103 N  N     . PRO A 1 140 ? -4.879  9.856   -4.174  1.00 10.77  ? 140 PRO A N     1 
ATOM   1104 C  CA    . PRO A 1 140 ? -5.613  9.908   -2.912  1.00 10.52  ? 140 PRO A CA    1 
ATOM   1105 C  C     . PRO A 1 140 ? -4.744  9.586   -1.697  1.00 10.41  ? 140 PRO A C     1 
ATOM   1106 O  O     . PRO A 1 140 ? -3.809  8.783   -1.786  1.00 10.20  ? 140 PRO A O     1 
ATOM   1107 C  CB    . PRO A 1 140 ? -6.670  8.812   -3.072  1.00 10.64  ? 140 PRO A CB    1 
ATOM   1108 C  CG    . PRO A 1 140 ? -6.729  8.527   -4.541  1.00 10.62  ? 140 PRO A CG    1 
ATOM   1109 C  CD    . PRO A 1 140 ? -5.343  8.740   -5.019  1.00 10.48  ? 140 PRO A CD    1 
ATOM   1110 N  N     . TYR A 1 141 ? -5.062  10.225  -0.579  1.00 10.32  ? 141 TYR A N     1 
ATOM   1111 C  CA    . TYR A 1 141 ? -4.540  9.829   0.721   1.00 10.22  ? 141 TYR A CA    1 
ATOM   1112 C  C     . TYR A 1 141 ? -5.655  9.223   1.557   1.00 10.22  ? 141 TYR A C     1 
ATOM   1113 O  O     . TYR A 1 141 ? -6.725  9.820   1.715   1.00 10.19  ? 141 TYR A O     1 
ATOM   1114 C  CB    . TYR A 1 141 ? -3.946  11.028  1.460   1.00 10.43  ? 141 TYR A CB    1 
ATOM   1115 C  CG    . TYR A 1 141 ? -3.514  10.713  2.876   1.00 10.37  ? 141 TYR A CG    1 
ATOM   1116 C  CD1   . TYR A 1 141 ? -2.545  9.743   3.130   1.00 9.97   ? 141 TYR A CD1   1 
ATOM   1117 C  CD2   . TYR A 1 141 ? -4.072  11.388  3.960   1.00 11.20  ? 141 TYR A CD2   1 
ATOM   1118 C  CE1   . TYR A 1 141 ? -2.144  9.445   4.431   1.00 10.58  ? 141 TYR A CE1   1 
ATOM   1119 C  CE2   . TYR A 1 141 ? -3.674  11.105  5.267   1.00 10.76  ? 141 TYR A CE2   1 
ATOM   1120 C  CZ    . TYR A 1 141 ? -2.708  10.132  5.491   1.00 10.58  ? 141 TYR A CZ    1 
ATOM   1121 O  OH    . TYR A 1 141 ? -2.301  9.847   6.775   1.00 10.91  ? 141 TYR A OH    1 
ATOM   1122 N  N     . ILE A 1 142 ? -5.398  8.037   2.095   1.00 10.11  ? 142 ILE A N     1 
ATOM   1123 C  CA    . ILE A 1 142 ? -6.355  7.352   2.954   1.00 10.35  ? 142 ILE A CA    1 
ATOM   1124 C  C     . ILE A 1 142 ? -5.650  6.838   4.204   1.00 10.16  ? 142 ILE A C     1 
ATOM   1125 O  O     . ILE A 1 142 ? -4.593  6.208   4.113   1.00 9.90   ? 142 ILE A O     1 
ATOM   1126 C  CB    . ILE A 1 142 ? -7.033  6.168   2.220   1.00 10.32  ? 142 ILE A CB    1 
ATOM   1127 C  CG1   . ILE A 1 142 ? -7.759  6.665   0.965   1.00 10.60  ? 142 ILE A CG1   1 
ATOM   1128 C  CG2   . ILE A 1 142 ? -8.002  5.420   3.151   1.00 10.50  ? 142 ILE A CG2   1 
ATOM   1129 C  CD1   . ILE A 1 142 ? -8.279  5.550   0.078   1.00 11.01  ? 142 ILE A CD1   1 
ATOM   1130 N  N     . GLU A 1 143 ? -6.240  7.105   5.365   1.00 9.92   ? 143 GLU A N     1 
ATOM   1131 C  CA    . GLU A 1 143 ? -5.728  6.553   6.612   1.00 10.03  ? 143 GLU A CA    1 
ATOM   1132 C  C     . GLU A 1 143 ? -6.377  5.220   6.924   1.00 10.03  ? 143 GLU A C     1 
ATOM   1133 O  O     . GLU A 1 143 ? -7.553  5.002   6.626   1.00 10.06  ? 143 GLU A O     1 
ATOM   1134 C  CB    . GLU A 1 143 ? -5.887  7.530   7.774   1.00 10.11  ? 143 GLU A CB    1 
ATOM   1135 C  CG    . GLU A 1 143 ? -5.080  8.794   7.571   1.00 10.71  ? 143 GLU A CG    1 
ATOM   1136 C  CD    . GLU A 1 143 ? -4.770  9.538   8.857   1.00 11.45  ? 143 GLU A CD    1 
ATOM   1137 O  OE1   . GLU A 1 143 ? -5.465  9.322   9.873   1.00 11.53  ? 143 GLU A OE1   1 
ATOM   1138 O  OE2   . GLU A 1 143 ? -3.824  10.349  8.836   1.00 10.72  ? 143 GLU A OE2   1 
ATOM   1139 N  N     . THR A 1 144 ? -5.592  4.322   7.505   1.00 10.04  ? 144 THR A N     1 
ATOM   1140 C  CA    . THR A 1 144 ? -6.041  2.965   7.749   1.00 10.23  ? 144 THR A CA    1 
ATOM   1141 C  C     . THR A 1 144 ? -5.577  2.479   9.104   1.00 10.51  ? 144 THR A C     1 
ATOM   1142 O  O     . THR A 1 144 ? -4.622  3.007   9.683   1.00 10.17  ? 144 THR A O     1 
ATOM   1143 C  CB    . THR A 1 144 ? -5.478  1.965   6.706   1.00 10.28  ? 144 THR A CB    1 
ATOM   1144 O  OG1   . THR A 1 144 ? -4.047  1.975   6.762   1.00 10.06  ? 144 THR A OG1   1 
ATOM   1145 C  CG2   . THR A 1 144 ? -5.934  2.304   5.299   1.00 9.47   ? 144 THR A CG2   1 
ATOM   1146 N  N     . SER A 1 145 ? -6.276  1.470   9.606   1.00 10.61  ? 145 SER A N     1 
ATOM   1147 C  CA    . SER A 1 145 ? -5.764  0.669   10.695  1.00 11.19  ? 145 SER A CA    1 
ATOM   1148 C  C     . SER A 1 145 ? -6.011  -0.791  10.359  1.00 11.41  ? 145 SER A C     1 
ATOM   1149 O  O     . SER A 1 145 ? -7.158  -1.224  10.240  1.00 11.43  ? 145 SER A O     1 
ATOM   1150 C  CB    . SER A 1 145 ? -6.417  1.042   12.029  1.00 11.04  ? 145 SER A CB    1 
ATOM   1151 O  OG    . SER A 1 145 ? -6.104  0.074   13.022  1.00 11.04  ? 145 SER A OG    1 
ATOM   1152 N  N     . ALA A 1 146 ? -4.922  -1.536  10.190  1.00 11.78  ? 146 ALA A N     1 
ATOM   1153 C  CA    . ALA A 1 146 ? -4.987  -2.984  10.023  1.00 12.06  ? 146 ALA A CA    1 
ATOM   1154 C  C     . ALA A 1 146 ? -5.555  -3.640  11.278  1.00 12.48  ? 146 ALA A C     1 
ATOM   1155 O  O     . ALA A 1 146 ? -6.113  -4.732  11.214  1.00 12.66  ? 146 ALA A O     1 
ATOM   1156 C  CB    . ALA A 1 146 ? -3.613  -3.540  9.722   1.00 11.84  ? 146 ALA A CB    1 
ATOM   1157 N  N     . LYS A 1 147 ? -5.396  -2.967  12.414  1.00 13.06  ? 147 LYS A N     1 
ATOM   1158 C  CA    . LYS A 1 147 ? -5.871  -3.475  13.696  1.00 14.14  ? 147 LYS A CA    1 
ATOM   1159 C  C     . LYS A 1 147 ? -7.392  -3.426  13.801  1.00 14.16  ? 147 LYS A C     1 
ATOM   1160 O  O     . LYS A 1 147 ? -8.024  -4.425  14.144  1.00 14.33  ? 147 LYS A O     1 
ATOM   1161 C  CB    . LYS A 1 147 ? -5.215  -2.724  14.861  1.00 13.79  ? 147 LYS A CB    1 
ATOM   1162 C  CG    . LYS A 1 147 ? -5.512  -3.330  16.235  1.00 14.86  ? 147 LYS A CG    1 
ATOM   1163 C  CD    . LYS A 1 147 ? -4.681  -2.679  17.324  1.00 15.33  ? 147 LYS A CD    1 
ATOM   1164 C  CE    . LYS A 1 147 ? -4.958  -3.316  18.678  1.00 18.53  ? 147 LYS A CE    1 
ATOM   1165 N  NZ    . LYS A 1 147 ? -4.211  -2.637  19.770  1.00 19.55  ? 147 LYS A NZ    1 
ATOM   1166 N  N     . THR A 1 148 ? -7.974  -2.273  13.480  1.00 14.46  ? 148 THR A N     1 
ATOM   1167 C  CA    . THR A 1 148 ? -9.417  -2.083  13.624  1.00 14.80  ? 148 THR A CA    1 
ATOM   1168 C  C     . THR A 1 148 ? -10.181 -2.330  12.324  1.00 15.02  ? 148 THR A C     1 
ATOM   1169 O  O     . THR A 1 148 ? -11.408 -2.375  12.331  1.00 15.09  ? 148 THR A O     1 
ATOM   1170 C  CB    . THR A 1 148 ? -9.760  -0.666  14.140  1.00 14.97  ? 148 THR A CB    1 
ATOM   1171 O  OG1   . THR A 1 148 ? -9.419  0.302   13.137  1.00 14.85  ? 148 THR A OG1   1 
ATOM   1172 C  CG2   . THR A 1 148 ? -9.007  -0.357  15.443  1.00 14.68  ? 148 THR A CG2   1 
ATOM   1173 N  N     . ARG A 1 149 ? -9.451  -2.479  11.214  1.00 15.08  ? 149 ARG A N     1 
ATOM   1174 C  CA    . ARG A 1 149 ? -10.043 -2.581  9.866   1.00 15.33  ? 149 ARG A CA    1 
ATOM   1175 C  C     . ARG A 1 149 ? -10.429 -1.230  9.253   1.00 14.95  ? 149 ARG A C     1 
ATOM   1176 O  O     . ARG A 1 149 ? -10.802 -1.169  8.077   1.00 14.93  ? 149 ARG A O     1 
ATOM   1177 C  CB    . ARG A 1 149 ? -11.261 -3.516  9.833   1.00 15.72  ? 149 ARG A CB    1 
ATOM   1178 C  CG    . ARG A 1 149 ? -10.926 -4.972  10.010  1.00 17.38  ? 149 ARG A CG    1 
ATOM   1179 C  CD    . ARG A 1 149 ? -12.098 -5.881  9.638   1.00 19.87  ? 149 ARG A CD    1 
ATOM   1180 N  NE    . ARG A 1 149 ? -12.601 -5.664  8.280   1.00 21.18  ? 149 ARG A NE    1 
ATOM   1181 C  CZ    . ARG A 1 149 ? -12.056 -6.151  7.166   1.00 21.55  ? 149 ARG A CZ    1 
ATOM   1182 N  NH1   . ARG A 1 149 ? -12.618 -5.887  5.994   1.00 21.89  ? 149 ARG A NH1   1 
ATOM   1183 N  NH2   . ARG A 1 149 ? -10.958 -6.894  7.210   1.00 21.54  ? 149 ARG A NH2   1 
ATOM   1184 N  N     . GLN A 1 150 ? -10.344 -0.158  10.036  1.00 14.47  ? 150 GLN A N     1 
ATOM   1185 C  CA    . GLN A 1 150 ? -10.713 1.171   9.538   1.00 14.51  ? 150 GLN A CA    1 
ATOM   1186 C  C     . GLN A 1 150 ? -9.939  1.497   8.258   1.00 13.63  ? 150 GLN A C     1 
ATOM   1187 O  O     . GLN A 1 150 ? -8.712  1.410   8.229   1.00 13.25  ? 150 GLN A O     1 
ATOM   1188 C  CB    . GLN A 1 150 ? -10.481 2.255   10.598  1.00 14.23  ? 150 GLN A CB    1 
ATOM   1189 C  CG    . GLN A 1 150 ? -11.224 3.563   10.303  1.00 15.67  ? 150 GLN A CG    1 
ATOM   1190 C  CD    . GLN A 1 150 ? -10.971 4.660   11.325  1.00 15.92  ? 150 GLN A CD    1 
ATOM   1191 O  OE1   . GLN A 1 150 ? -10.062 4.571   12.154  1.00 17.99  ? 150 GLN A OE1   1 
ATOM   1192 N  NE2   . GLN A 1 150 ? -11.779 5.714   11.260  1.00 17.28  ? 150 GLN A NE2   1 
ATOM   1193 N  N     . GLY A 1 151 ? -10.674 1.829   7.198   1.00 13.00  ? 151 GLY A N     1 
ATOM   1194 C  CA    . GLY A 1 151 ? -10.078 2.276   5.936   1.00 12.07  ? 151 GLY A CA    1 
ATOM   1195 C  C     . GLY A 1 151 ? -9.383  1.222   5.088   1.00 11.50  ? 151 GLY A C     1 
ATOM   1196 O  O     . GLY A 1 151 ? -8.900  1.529   4.001   1.00 10.71  ? 151 GLY A O     1 
ATOM   1197 N  N     . VAL A 1 152 ? -9.336  -0.015  5.577   1.00 11.39  ? 152 VAL A N     1 
ATOM   1198 C  CA    . VAL A 1 152 ? -8.593  -1.093  4.912   1.00 11.53  ? 152 VAL A CA    1 
ATOM   1199 C  C     . VAL A 1 152 ? -9.152  -1.379  3.524   1.00 11.55  ? 152 VAL A C     1 
ATOM   1200 O  O     . VAL A 1 152 ? -8.424  -1.298  2.533   1.00 11.34  ? 152 VAL A O     1 
ATOM   1201 C  CB    . VAL A 1 152 ? -8.531  -2.384  5.777   1.00 11.38  ? 152 VAL A CB    1 
ATOM   1202 C  CG1   . VAL A 1 152 ? -7.974  -3.560  4.976   1.00 11.99  ? 152 VAL A CG1   1 
ATOM   1203 C  CG2   . VAL A 1 152 ? -7.678  -2.146  7.010   1.00 11.38  ? 152 VAL A CG2   1 
ATOM   1204 N  N     . GLU A 1 153 ? -10.445 -1.694  3.453   1.00 12.04  ? 153 GLU A N     1 
ATOM   1205 C  CA    . GLU A 1 153 ? -11.111 -1.913  2.175   1.00 12.90  ? 153 GLU A CA    1 
ATOM   1206 C  C     . GLU A 1 153 ? -11.094 -0.646  1.331   1.00 12.27  ? 153 GLU A C     1 
ATOM   1207 O  O     . GLU A 1 153 ? -10.916 -0.720  0.117   1.00 12.45  ? 153 GLU A O     1 
ATOM   1208 C  CB    . GLU A 1 153 ? -12.549 -2.401  2.370   1.00 12.61  ? 153 GLU A CB    1 
ATOM   1209 C  CG    . GLU A 1 153 ? -12.663 -3.888  2.642   1.00 14.27  ? 153 GLU A CG    1 
ATOM   1210 C  CD    . GLU A 1 153 ? -14.107 -4.349  2.770   1.00 15.05  ? 153 GLU A CD    1 
ATOM   1211 O  OE1   . GLU A 1 153 ? -14.986 -3.763  2.102   1.00 18.47  ? 153 GLU A OE1   1 
ATOM   1212 O  OE2   . GLU A 1 153 ? -14.357 -5.298  3.539   1.00 19.10  ? 153 GLU A OE2   1 
ATOM   1213 N  N     . ASP A 1 154 ? -11.265 0.506   1.982   1.00 12.08  ? 154 ASP A N     1 
ATOM   1214 C  CA    A ASP A 1 154 ? -11.229 1.793   1.283   0.60 12.23  ? 154 ASP A CA    1 
ATOM   1215 C  CA    B ASP A 1 154 ? -11.228 1.802   1.307   0.40 11.99  ? 154 ASP A CA    1 
ATOM   1216 C  C     . ASP A 1 154 ? -9.901  2.005   0.568   1.00 11.87  ? 154 ASP A C     1 
ATOM   1217 O  O     . ASP A 1 154 ? -9.881  2.435   -0.583  1.00 11.93  ? 154 ASP A O     1 
ATOM   1218 C  CB    A ASP A 1 154 ? -11.502 2.959   2.239   0.60 12.56  ? 154 ASP A CB    1 
ATOM   1219 C  CB    B ASP A 1 154 ? -11.439 2.926   2.328   0.40 12.09  ? 154 ASP A CB    1 
ATOM   1220 C  CG    A ASP A 1 154 ? -12.902 2.924   2.823   0.60 13.48  ? 154 ASP A CG    1 
ATOM   1221 C  CG    B ASP A 1 154 ? -11.982 4.201   1.708   0.40 12.13  ? 154 ASP A CG    1 
ATOM   1222 O  OD1   A ASP A 1 154 ? -13.718 2.088   2.385   0.60 14.85  ? 154 ASP A OD1   1 
ATOM   1223 O  OD1   B ASP A 1 154 ? -11.967 4.345   0.464   0.40 12.20  ? 154 ASP A OD1   1 
ATOM   1224 O  OD2   A ASP A 1 154 ? -13.180 3.726   3.736   0.60 15.08  ? 154 ASP A OD2   1 
ATOM   1225 O  OD2   B ASP A 1 154 ? -12.431 5.073   2.482   0.40 12.24  ? 154 ASP A OD2   1 
ATOM   1226 N  N     . ALA A 1 155 ? -8.795  1.691   1.243   1.00 11.40  ? 155 ALA A N     1 
ATOM   1227 C  CA    . ALA A 1 155 ? -7.461  1.863   0.661   1.00 10.89  ? 155 ALA A CA    1 
ATOM   1228 C  C     . ALA A 1 155 ? -7.260  0.983   -0.570  1.00 10.36  ? 155 ALA A C     1 
ATOM   1229 O  O     . ALA A 1 155 ? -6.853  1.466   -1.625  1.00 10.25  ? 155 ALA A O     1 
ATOM   1230 C  CB    . ALA A 1 155 ? -6.385  1.578   1.700   1.00 10.92  ? 155 ALA A CB    1 
ATOM   1231 N  N     . PHE A 1 156 ? -7.554  -0.305  -0.426  1.00 9.91   ? 156 PHE A N     1 
ATOM   1232 C  CA    . PHE A 1 156 ? -7.387  -1.263  -1.513  1.00 9.62   ? 156 PHE A CA    1 
ATOM   1233 C  C     . PHE A 1 156 ? -8.378  -1.051  -2.659  1.00 9.56   ? 156 PHE A C     1 
ATOM   1234 O  O     . PHE A 1 156 ? -7.991  -1.132  -3.823  1.00 9.89   ? 156 PHE A O     1 
ATOM   1235 C  CB    . PHE A 1 156 ? -7.469  -2.696  -0.990  1.00 9.44   ? 156 PHE A CB    1 
ATOM   1236 C  CG    . PHE A 1 156 ? -6.223  -3.160  -0.276  1.00 8.62   ? 156 PHE A CG    1 
ATOM   1237 C  CD1   . PHE A 1 156 ? -6.137  -3.104  1.110   1.00 7.92   ? 156 PHE A CD1   1 
ATOM   1238 C  CD2   . PHE A 1 156 ? -5.147  -3.682  -0.993  1.00 8.16   ? 156 PHE A CD2   1 
ATOM   1239 C  CE1   . PHE A 1 156 ? -4.999  -3.543  1.773   1.00 8.65   ? 156 PHE A CE1   1 
ATOM   1240 C  CE2   . PHE A 1 156 ? -4.002  -4.131  -0.340  1.00 8.20   ? 156 PHE A CE2   1 
ATOM   1241 C  CZ    . PHE A 1 156 ? -3.925  -4.061  1.046   1.00 8.36   ? 156 PHE A CZ    1 
ATOM   1242 N  N     . TYR A 1 157 ? -9.643  -0.782  -2.331  0.80 9.16   ? 157 TYR A N     1 
ATOM   1243 C  CA    . TYR A 1 157 ? -10.679 -0.552  -3.348  0.80 9.13   ? 157 TYR A CA    1 
ATOM   1244 C  C     . TYR A 1 157 ? -10.451 0.752   -4.098  0.80 8.40   ? 157 TYR A C     1 
ATOM   1245 O  O     . TYR A 1 157 ? -10.688 0.828   -5.302  0.80 8.21   ? 157 TYR A O     1 
ATOM   1246 C  CB    . TYR A 1 157 ? -12.080 -0.540  -2.725  0.80 9.98   ? 157 TYR A CB    1 
ATOM   1247 C  CG    . TYR A 1 157 ? -12.590 -1.887  -2.268  0.80 11.23  ? 157 TYR A CG    1 
ATOM   1248 C  CD1   . TYR A 1 157 ? -11.747 -2.993  -2.192  0.80 11.27  ? 157 TYR A CD1   1 
ATOM   1249 C  CD2   . TYR A 1 157 ? -13.920 -2.044  -1.875  0.80 12.66  ? 157 TYR A CD2   1 
ATOM   1250 C  CE1   . TYR A 1 157 ? -12.218 -4.224  -1.761  0.80 13.33  ? 157 TYR A CE1   1 
ATOM   1251 C  CE2   . TYR A 1 157 ? -14.399 -3.271  -1.442  0.80 13.34  ? 157 TYR A CE2   1 
ATOM   1252 C  CZ    . TYR A 1 157 ? -13.541 -4.353  -1.387  0.80 12.69  ? 157 TYR A CZ    1 
ATOM   1253 O  OH    . TYR A 1 157 ? -14.006 -5.574  -0.962  0.80 13.91  ? 157 TYR A OH    1 
ATOM   1254 N  N     . THR A 1 158 ? -9.995  1.775   -3.381  0.70 7.51   ? 158 THR A N     1 
ATOM   1255 C  CA    . THR A 1 158 ? -9.644  3.047   -4.010  0.70 6.83   ? 158 THR A CA    1 
ATOM   1256 C  C     . THR A 1 158 ? -8.507  2.842   -5.013  0.70 6.87   ? 158 THR A C     1 
ATOM   1257 O  O     . THR A 1 158 ? -8.527  3.421   -6.100  0.70 6.45   ? 158 THR A O     1 
ATOM   1258 C  CB    . THR A 1 158 ? -9.267  4.102   -2.963  0.70 6.72   ? 158 THR A CB    1 
ATOM   1259 O  OG1   . THR A 1 158 ? -10.416 4.383   -2.145  0.70 6.16   ? 158 THR A OG1   1 
ATOM   1260 C  CG2   . THR A 1 158 ? -8.766  5.394   -3.616  0.70 6.40   ? 158 THR A CG2   1 
ATOM   1261 N  N     . LEU A 1 159 ? -7.529  2.015   -4.645  0.80 7.03   ? 159 LEU A N     1 
ATOM   1262 C  CA    . LEU A 1 159 ? -6.437  1.687   -5.556  0.80 7.32   ? 159 LEU A CA    1 
ATOM   1263 C  C     . LEU A 1 159 ? -6.962  1.030   -6.835  0.80 7.94   ? 159 LEU A C     1 
ATOM   1264 O  O     . LEU A 1 159 ? -6.556  1.405   -7.929  0.80 8.28   ? 159 LEU A O     1 
ATOM   1265 C  CB    . LEU A 1 159 ? -5.371  0.825   -4.879  0.80 7.12   ? 159 LEU A CB    1 
ATOM   1266 C  CG    . LEU A 1 159 ? -4.127  0.503   -5.730  0.80 6.70   ? 159 LEU A CG    1 
ATOM   1267 C  CD1   . LEU A 1 159 ? -3.473  1.768   -6.299  0.80 6.85   ? 159 LEU A CD1   1 
ATOM   1268 C  CD2   . LEU A 1 159 ? -3.125  -0.318  -4.944  0.80 6.90   ? 159 LEU A CD2   1 
ATOM   1269 N  N     . VAL A 1 160 ? -7.866  0.061   -6.690  0.80 8.78   ? 160 VAL A N     1 
ATOM   1270 C  CA    . VAL A 1 160 ? -8.586  -0.513  -7.834  0.80 9.45   ? 160 VAL A CA    1 
ATOM   1271 C  C     . VAL A 1 160 ? -9.222  0.582   -8.702  0.80 9.95   ? 160 VAL A C     1 
ATOM   1272 O  O     . VAL A 1 160 ? -9.016  0.613   -9.919  0.80 10.12  ? 160 VAL A O     1 
ATOM   1273 C  CB    . VAL A 1 160 ? -9.650  -1.547  -7.376  0.80 9.72   ? 160 VAL A CB    1 
ATOM   1274 C  CG1   . VAL A 1 160 ? -10.589 -1.933  -8.528  0.80 9.95   ? 160 VAL A CG1   1 
ATOM   1275 C  CG2   . VAL A 1 160 ? -8.971  -2.781  -6.797  0.80 9.67   ? 160 VAL A CG2   1 
ATOM   1276 N  N     . ARG A 1 161 ? -9.965  1.487   -8.066  0.80 10.28  ? 161 ARG A N     1 
ATOM   1277 C  CA    . ARG A 1 161 ? -10.634 2.596   -8.758  0.80 10.86  ? 161 ARG A CA    1 
ATOM   1278 C  C     . ARG A 1 161 ? -9.660  3.592   -9.402  0.80 11.25  ? 161 ARG A C     1 
ATOM   1279 O  O     . ARG A 1 161 ? -10.015 4.264   -10.372 0.80 11.17  ? 161 ARG A O     1 
ATOM   1280 C  CB    . ARG A 1 161 ? -11.597 3.320   -7.815  0.80 10.84  ? 161 ARG A CB    1 
ATOM   1281 C  CG    . ARG A 1 161 ? -12.746 2.438   -7.351  0.80 11.04  ? 161 ARG A CG    1 
ATOM   1282 C  CD    . ARG A 1 161 ? -13.679 3.176   -6.423  0.80 10.57  ? 161 ARG A CD    1 
ATOM   1283 N  NE    . ARG A 1 161 ? -14.582 2.250   -5.746  0.80 11.95  ? 161 ARG A NE    1 
ATOM   1284 C  CZ    . ARG A 1 161 ? -14.703 2.136   -4.426  0.80 11.13  ? 161 ARG A CZ    1 
ATOM   1285 N  NH1   . ARG A 1 161 ? -13.998 2.909   -3.613  0.80 12.78  ? 161 ARG A NH1   1 
ATOM   1286 N  NH2   . ARG A 1 161 ? -15.547 1.254   -3.918  0.80 12.02  ? 161 ARG A NH2   1 
ATOM   1287 N  N     . GLU A 1 162 ? -8.445  3.679   -8.861  0.80 11.48  ? 162 GLU A N     1 
ATOM   1288 C  CA    . GLU A 1 162 ? -7.368  4.464   -9.474  0.80 11.92  ? 162 GLU A CA    1 
ATOM   1289 C  C     . GLU A 1 162 ? -6.845  3.807   -10.751 0.80 12.17  ? 162 GLU A C     1 
ATOM   1290 O  O     . GLU A 1 162 ? -6.589  4.489   -11.743 0.80 12.46  ? 162 GLU A O     1 
ATOM   1291 C  CB    . GLU A 1 162 ? -6.215  4.692   -8.490  0.80 12.02  ? 162 GLU A CB    1 
ATOM   1292 C  CG    . GLU A 1 162 ? -6.498  5.732   -7.411  0.80 12.54  ? 162 GLU A CG    1 
ATOM   1293 C  CD    . GLU A 1 162 ? -6.794  7.107   -7.982  0.80 13.86  ? 162 GLU A CD    1 
ATOM   1294 O  OE1   . GLU A 1 162 ? -5.993  7.603   -8.801  0.80 14.72  ? 162 GLU A OE1   1 
ATOM   1295 O  OE2   . GLU A 1 162 ? -7.830  7.694   -7.607  0.80 14.63  ? 162 GLU A OE2   1 
ATOM   1296 N  N     . ILE A 1 163 ? -6.677  2.489   -10.714 0.80 12.40  ? 163 ILE A N     1 
ATOM   1297 C  CA    . ILE A 1 163 ? -6.291  1.720   -11.897 0.80 12.88  ? 163 ILE A CA    1 
ATOM   1298 C  C     . ILE A 1 163 ? -7.335  1.893   -13.012 0.80 13.16  ? 163 ILE A C     1 
ATOM   1299 O  O     . ILE A 1 163 ? -6.980  2.059   -14.183 0.80 12.82  ? 163 ILE A O     1 
ATOM   1300 C  CB    . ILE A 1 163 ? -6.062  0.222   -11.555 0.80 12.72  ? 163 ILE A CB    1 
ATOM   1301 C  CG1   . ILE A 1 163 ? -4.948  0.081   -10.509 0.80 12.35  ? 163 ILE A CG1   1 
ATOM   1302 C  CG2   . ILE A 1 163 ? -5.723  -0.586  -12.810 0.80 13.33  ? 163 ILE A CG2   1 
ATOM   1303 C  CD1   . ILE A 1 163 ? -4.877  -1.268  -9.842  0.80 10.88  ? 163 ILE A CD1   1 
ATOM   1304 N  N     . ARG A 1 164 ? -8.613  1.888   -12.627 0.80 13.47  ? 164 ARG A N     1 
ATOM   1305 C  CA    . ARG A 1 164 ? -9.738  2.060   -13.557 0.80 13.82  ? 164 ARG A CA    1 
ATOM   1306 C  C     . ARG A 1 164 ? -9.809  3.447   -14.195 0.80 14.48  ? 164 ARG A C     1 
ATOM   1307 O  O     . ARG A 1 164 ? -10.381 3.608   -15.275 0.80 14.69  ? 164 ARG A O     1 
ATOM   1308 C  CB    . ARG A 1 164 ? -11.062 1.785   -12.846 0.80 13.46  ? 164 ARG A CB    1 
ATOM   1309 C  CG    . ARG A 1 164 ? -11.265 0.351   -12.406 0.80 13.19  ? 164 ARG A CG    1 
ATOM   1310 C  CD    . ARG A 1 164 ? -12.438 0.305   -11.451 0.80 11.68  ? 164 ARG A CD    1 
ATOM   1311 N  NE    . ARG A 1 164 ? -12.864 -1.052  -11.134 0.80 9.65   ? 164 ARG A NE    1 
ATOM   1312 C  CZ    . ARG A 1 164 ? -13.851 -1.335  -10.291 0.80 10.38  ? 164 ARG A CZ    1 
ATOM   1313 N  NH1   . ARG A 1 164 ? -14.502 -0.349  -9.687  0.80 10.17  ? 164 ARG A NH1   1 
ATOM   1314 N  NH2   . ARG A 1 164 ? -14.186 -2.597  -10.052 0.80 8.92   ? 164 ARG A NH2   1 
ATOM   1315 N  N     . GLN A 1 165 ? -9.261  4.448   -13.517 0.80 15.29  ? 165 GLN A N     1 
ATOM   1316 C  CA    . GLN A 1 165 ? -9.183  5.798   -14.075 0.80 16.29  ? 165 GLN A CA    1 
ATOM   1317 C  C     . GLN A 1 165 ? -7.989  5.937   -15.016 0.80 16.97  ? 165 GLN A C     1 
ATOM   1318 O  O     . GLN A 1 165 ? -7.913  6.887   -15.800 0.80 17.20  ? 165 GLN A O     1 
ATOM   1319 C  CB    . GLN A 1 165 ? -9.106  6.841   -12.959 0.80 16.17  ? 165 GLN A CB    1 
ATOM   1320 C  CG    . GLN A 1 165 ? -10.373 6.937   -12.127 0.80 15.92  ? 165 GLN A CG    1 
ATOM   1321 C  CD    . GLN A 1 165 ? -10.214 7.838   -10.922 0.80 15.86  ? 165 GLN A CD    1 
ATOM   1322 O  OE1   . GLN A 1 165 ? -10.140 9.054   -11.054 0.80 16.72  ? 165 GLN A OE1   1 
ATOM   1323 N  NE2   . GLN A 1 165 ? -10.169 7.241   -9.734  0.80 15.77  ? 165 GLN A NE2   1 
ATOM   1324 N  N     . HIS A 1 166 ? -7.062  4.985   -14.931 0.80 17.86  ? 166 HIS A N     1 
ATOM   1325 C  CA    . HIS A 1 166 ? -5.850  5.009   -15.739 0.80 18.59  ? 166 HIS A CA    1 
ATOM   1326 C  C     . HIS A 1 166 ? -6.127  4.595   -17.183 0.80 18.86  ? 166 HIS A C     1 
ATOM   1327 O  O     . HIS A 1 166 ? -6.808  3.604   -17.464 0.80 19.05  ? 166 HIS A O     1 
ATOM   1328 C  CB    . HIS A 1 166 ? -4.773  4.120   -15.117 0.80 18.85  ? 166 HIS A CB    1 
ATOM   1329 C  CG    . HIS A 1 166 ? -3.453  4.200   -15.813 0.80 19.79  ? 166 HIS A CG    1 
ATOM   1330 N  ND1   . HIS A 1 166 ? -2.541  5.202   -15.563 0.80 20.70  ? 166 HIS A ND1   1 
ATOM   1331 C  CD2   . HIS A 1 166 ? -2.896  3.412   -16.763 0.80 20.54  ? 166 HIS A CD2   1 
ATOM   1332 C  CE1   . HIS A 1 166 ? -1.476  5.024   -16.323 0.80 21.10  ? 166 HIS A CE1   1 
ATOM   1333 N  NE2   . HIS A 1 166 ? -1.666  3.945   -17.060 0.80 21.77  ? 166 HIS A NE2   1 
ATOM   1334 O  OXT   . HIS A 1 166 ? -5.672  5.264   -18.106 0.80 19.27  ? 166 HIS A OXT   1 
HETATM 1335 P  PG    . GNP B 2 .   ? 7.926   -5.685  6.632   1.00 11.35  ? 201 GNP A PG    1 
HETATM 1336 O  O1G   . GNP B 2 .   ? 9.220   -5.931  7.370   1.00 11.32  ? 201 GNP A O1G   1 
HETATM 1337 O  O2G   . GNP B 2 .   ? 7.354   -6.908  5.965   1.00 10.55  ? 201 GNP A O2G   1 
HETATM 1338 O  O3G   . GNP B 2 .   ? 8.213   -4.536  5.708   1.00 11.38  ? 201 GNP A O3G   1 
HETATM 1339 N  N3B   . GNP B 2 .   ? 6.854   -5.168  7.697   1.00 10.88  ? 201 GNP A N3B   1 
HETATM 1340 P  PB    . GNP B 2 .   ? 5.340   -4.738  7.414   1.00 10.75  ? 201 GNP A PB    1 
HETATM 1341 O  O1B   . GNP B 2 .   ? 5.280   -3.377  6.824   1.00 10.14  ? 201 GNP A O1B   1 
HETATM 1342 O  O2B   . GNP B 2 .   ? 4.692   -5.815  6.646   1.00 10.34  ? 201 GNP A O2B   1 
HETATM 1343 O  O3A   . GNP B 2 .   ? 4.693   -4.605  8.802   1.00 9.22   ? 201 GNP A O3A   1 
HETATM 1344 P  PA    . GNP B 2 .   ? 3.795   -5.616  9.537   1.00 10.47  ? 201 GNP A PA    1 
HETATM 1345 O  O1A   . GNP B 2 .   ? 2.487   -5.737  8.864   1.00 9.64   ? 201 GNP A O1A   1 
HETATM 1346 O  O2A   . GNP B 2 .   ? 4.515   -6.886  9.846   1.00 9.00   ? 201 GNP A O2A   1 
HETATM 1347 O  "O5'" . GNP B 2 .   ? 3.478   -4.906  10.903  1.00 9.24   ? 201 GNP A "O5'" 1 
HETATM 1348 C  "C5'" . GNP B 2 .   ? 4.529   -4.571  11.813  1.00 10.80  ? 201 GNP A "C5'" 1 
HETATM 1349 C  "C4'" . GNP B 2 .   ? 3.961   -4.456  13.214  1.00 10.12  ? 201 GNP A "C4'" 1 
HETATM 1350 O  "O4'" . GNP B 2 .   ? 3.015   -3.360  13.228  1.00 10.60  ? 201 GNP A "O4'" 1 
HETATM 1351 C  "C3'" . GNP B 2 .   ? 3.203   -5.688  13.706  1.00 10.70  ? 201 GNP A "C3'" 1 
HETATM 1352 O  "O3'" . GNP B 2 .   ? 3.532   -5.919  15.066  1.00 11.70  ? 201 GNP A "O3'" 1 
HETATM 1353 C  "C2'" . GNP B 2 .   ? 1.734   -5.307  13.505  1.00 10.39  ? 201 GNP A "C2'" 1 
HETATM 1354 O  "O2'" . GNP B 2 .   ? 0.854   -5.913  14.427  1.00 9.65   ? 201 GNP A "O2'" 1 
HETATM 1355 C  "C1'" . GNP B 2 .   ? 1.765   -3.794  13.710  1.00 10.41  ? 201 GNP A "C1'" 1 
HETATM 1356 N  N9    . GNP B 2 .   ? 0.722   -3.095  12.967  1.00 10.25  ? 201 GNP A N9    1 
HETATM 1357 C  C8    . GNP B 2 .   ? 0.497   -3.128  11.613  1.00 10.18  ? 201 GNP A C8    1 
HETATM 1358 N  N7    . GNP B 2 .   ? -0.516  -2.411  11.231  1.00 9.65   ? 201 GNP A N7    1 
HETATM 1359 C  C5    . GNP B 2 .   ? -0.997  -1.860  12.409  1.00 10.05  ? 201 GNP A C5    1 
HETATM 1360 C  C6    . GNP B 2 .   ? -2.089  -0.985  12.630  1.00 10.20  ? 201 GNP A C6    1 
HETATM 1361 O  O6    . GNP B 2 .   ? -2.869  -0.514  11.791  1.00 10.33  ? 201 GNP A O6    1 
HETATM 1362 N  N1    . GNP B 2 .   ? -2.239  -0.658  13.980  1.00 10.47  ? 201 GNP A N1    1 
HETATM 1363 C  C2    . GNP B 2 .   ? -1.424  -1.130  14.992  1.00 10.57  ? 201 GNP A C2    1 
HETATM 1364 N  N2    . GNP B 2 .   ? -1.707  -0.726  16.238  1.00 10.24  ? 201 GNP A N2    1 
HETATM 1365 N  N3    . GNP B 2 .   ? -0.398  -1.949  14.795  1.00 10.11  ? 201 GNP A N3    1 
HETATM 1366 C  C4    . GNP B 2 .   ? -0.244  -2.270  13.487  1.00 9.88   ? 201 GNP A C4    1 
HETATM 1367 MG MG    . MG  C 3 .   ? 5.453   -7.444  5.828   1.00 9.31   ? 202 MG  A MG    1 
HETATM 1368 CA CA    . CA  D 4 .   ? 5.054   17.854  13.131  0.33 30.52  ? 203 CA  A CA    1 
HETATM 1369 CA CA    . CA  E 4 .   ? -3.930  -11.579 15.809  1.00 11.39  ? 204 CA  A CA    1 
HETATM 1370 CA CA    . CA  F 4 .   ? 13.033  1.167   -15.395 0.50 28.63  ? 205 CA  A CA    1 
HETATM 1371 CA CA    . CA  G 4 .   ? -16.927 -5.287  4.802   1.00 78.88  ? 206 CA  A CA    1 
HETATM 1372 C  C1    . YCN H 5 .   ? -0.592  0.475   -18.835 1.00 103.88 ? 300 YCN A C1    1 
HETATM 1373 N  N1    . YCN H 5 .   ? -1.332  1.594   -19.467 1.00 103.90 ? 300 YCN A N1    1 
HETATM 1374 C  C2    . YCN H 5 .   ? 0.642   0.969   -18.058 1.00 103.93 ? 300 YCN A C2    1 
HETATM 1375 N  N2    . YCN H 5 .   ? 0.430   1.636   -16.762 1.00 103.93 ? 300 YCN A N2    1 
HETATM 1376 C  C3    . YCN H 5 .   ? 1.700   2.202   -16.263 1.00 103.86 ? 300 YCN A C3    1 
HETATM 1377 N  N3    . YCN H 5 .   ? 1.175   4.057   -17.934 1.00 103.81 ? 300 YCN A N3    1 
HETATM 1378 C  C4    . YCN H 5 .   ? 2.080   3.551   -16.907 1.00 103.82 ? 300 YCN A C4    1 
HETATM 1379 N  N4    . YCN H 5 .   ? -0.560  4.786   -20.194 1.00 103.76 ? 300 YCN A N4    1 
HETATM 1380 C  C5    . YCN H 5 .   ? 1.475   5.207   -18.780 1.00 103.73 ? 300 YCN A C5    1 
HETATM 1381 C  C6    . YCN H 5 .   ? 0.855   5.117   -20.173 1.00 103.72 ? 300 YCN A C6    1 
HETATM 1382 C  C7    . YCN H 5 .   ? -1.099  3.661   -20.958 1.00 103.82 ? 300 YCN A C7    1 
HETATM 1383 C  C8    . YCN H 5 .   ? -0.493  2.370   -20.413 1.00 103.89 ? 300 YCN A C8    1 
HETATM 1384 ZN ZN    . ZN  I 6 .   ? -0.196  2.974   -18.319 1.00 104.00 ? 301 ZN  A ZN    1 
HETATM 1385 O  O     . HOH J 7 .   ? -3.574  -8.317  9.674   1.00 8.61   ? 167 HOH A O     1 
HETATM 1386 O  O     . HOH J 7 .   ? 8.696   0.225   12.269  1.00 33.95  ? 168 HOH A O     1 
HETATM 1387 O  O     . HOH J 7 .   ? -7.881  -6.562  15.924  1.00 34.48  ? 169 HOH A O     1 
HETATM 1388 O  O     . HOH J 7 .   ? 8.417   -2.017  0.101   1.00 9.66   ? 170 HOH A O     1 
HETATM 1389 O  O     . HOH J 7 .   ? 7.019   3.961   4.134   1.00 8.82   ? 171 HOH A O     1 
HETATM 1390 O  O     . HOH J 7 .   ? -6.930  -8.392  -16.150 1.00 37.21  ? 172 HOH A O     1 
HETATM 1391 O  O     . HOH J 7 .   ? -5.491  19.082  1.967   1.00 38.67  ? 173 HOH A O     1 
HETATM 1392 O  O     . HOH J 7 .   ? 2.735   -11.608 4.062   1.00 13.28  ? 174 HOH A O     1 
HETATM 1393 O  O     . HOH J 7 .   ? -7.066  -2.774  -15.690 1.00 37.95  ? 175 HOH A O     1 
HETATM 1394 O  O     . HOH J 7 .   ? 4.007   -9.309  10.915  1.00 12.85  ? 176 HOH A O     1 
HETATM 1395 O  O     . HOH J 7 .   ? -7.060  -6.632  18.394  1.00 37.70  ? 177 HOH A O     1 
HETATM 1396 O  O     . HOH J 7 .   ? -12.541 0.590   4.648   1.00 16.20  ? 178 HOH A O     1 
HETATM 1397 O  O     . HOH J 7 .   ? -1.805  -11.761 19.643  1.00 28.08  ? 179 HOH A O     1 
HETATM 1398 O  O     . HOH J 7 .   ? 14.897  4.520   -7.495  1.00 31.49  ? 180 HOH A O     1 
HETATM 1399 O  O     . HOH J 7 .   ? -12.151 -1.803  5.961   1.00 12.42  ? 181 HOH A O     1 
HETATM 1400 O  O     . HOH J 7 .   ? -0.362  -2.203  18.366  1.00 34.59  ? 182 HOH A O     1 
HETATM 1401 O  O     . HOH J 7 .   ? 13.082  -0.856  10.812  1.00 34.10  ? 183 HOH A O     1 
HETATM 1402 O  O     . HOH J 7 .   ? -5.386  10.057  -8.497  1.00 30.87  ? 184 HOH A O     1 
HETATM 1403 O  O     . HOH J 7 .   ? -6.810  12.590  -0.901  1.00 13.79  ? 185 HOH A O     1 
HETATM 1404 O  O     . HOH J 7 .   ? 5.062   2.211   13.221  1.00 10.96  ? 186 HOH A O     1 
HETATM 1405 O  O     . HOH J 7 .   ? 3.212   -13.647 11.357  1.00 16.36  ? 187 HOH A O     1 
HETATM 1406 O  O     . HOH J 7 .   ? 6.662   -13.443 4.972   1.00 18.45  ? 188 HOH A O     1 
HETATM 1407 O  O     . HOH J 7 .   ? -9.784  6.278   6.508   1.00 13.83  ? 189 HOH A O     1 
HETATM 1408 O  O     . HOH J 7 .   ? 2.456   -1.146  15.731  1.00 17.53  ? 190 HOH A O     1 
HETATM 1409 O  O     . HOH J 7 .   ? -12.594 5.355   -3.506  1.00 21.22  ? 191 HOH A O     1 
HETATM 1410 O  O     . HOH J 7 .   ? -4.805  -15.960 1.895   1.00 16.81  ? 192 HOH A O     1 
HETATM 1411 O  O     . HOH J 7 .   ? -19.971 -4.020  -5.397  1.00 16.62  ? 193 HOH A O     1 
HETATM 1412 O  O     . HOH J 7 .   ? 13.878  12.189  10.103  1.00 16.79  ? 194 HOH A O     1 
HETATM 1413 O  O     . HOH J 7 .   ? 5.608   -8.200  7.703   1.00 15.82  ? 195 HOH A O     1 
HETATM 1414 O  O     . HOH J 7 .   ? -7.861  -10.255 14.515  1.00 19.11  ? 196 HOH A O     1 
HETATM 1415 O  O     . HOH J 7 .   ? -7.637  8.104   10.959  1.00 21.90  ? 197 HOH A O     1 
HETATM 1416 O  O     . HOH J 7 .   ? 10.669  12.579  1.680   1.00 23.97  ? 198 HOH A O     1 
HETATM 1417 O  O     . HOH J 7 .   ? 3.412   -16.050 -1.161  1.00 20.05  ? 199 HOH A O     1 
HETATM 1418 O  O     . HOH J 7 .   ? -5.985  -10.675 16.444  1.00 12.03  ? 200 HOH A O     1 
HETATM 1419 O  O     . HOH J 7 .   ? -7.112  12.479  1.760   1.00 11.47  ? 207 HOH A O     1 
HETATM 1420 O  O     . HOH J 7 .   ? 2.952   -11.944 6.844   1.00 14.91  ? 208 HOH A O     1 
HETATM 1421 O  O     . HOH J 7 .   ? 3.426   -11.559 9.496   1.00 20.23  ? 209 HOH A O     1 
HETATM 1422 O  O     . HOH J 7 .   ? 0.620   -4.985  17.083  1.00 18.76  ? 210 HOH A O     1 
HETATM 1423 O  O     . HOH J 7 .   ? -9.217  -15.579 2.735   1.00 18.39  ? 211 HOH A O     1 
HETATM 1424 O  O     . HOH J 7 .   ? -4.201  17.253  9.826   1.00 21.60  ? 212 HOH A O     1 
HETATM 1425 O  O     . HOH J 7 .   ? 12.627  0.118   6.076   1.00 19.53  ? 213 HOH A O     1 
HETATM 1426 O  O     . HOH J 7 .   ? -3.402  7.044   -8.677  1.00 17.17  ? 214 HOH A O     1 
HETATM 1427 O  O     . HOH J 7 .   ? 0.341   -8.166  -7.854  1.00 20.87  ? 215 HOH A O     1 
HETATM 1428 O  O     . HOH J 7 .   ? -18.298 -2.276  -4.142  1.00 24.21  ? 216 HOH A O     1 
HETATM 1429 O  O     . HOH J 7 .   ? 8.363   11.026  1.257   1.00 21.63  ? 217 HOH A O     1 
HETATM 1430 O  O     . HOH J 7 .   ? -3.888  -16.498 -2.259  1.00 20.85  ? 218 HOH A O     1 
HETATM 1431 O  O     . HOH J 7 .   ? 10.879  -6.941  5.315   1.00 20.53  ? 219 HOH A O     1 
HETATM 1432 O  O     . HOH J 7 .   ? 8.115   -14.231 2.282   1.00 19.62  ? 220 HOH A O     1 
HETATM 1433 O  O     . HOH J 7 .   ? -4.057  -7.912  -14.733 1.00 29.83  ? 221 HOH A O     1 
HETATM 1434 O  O     . HOH J 7 .   ? -9.912  8.683   -2.819  1.00 21.60  ? 222 HOH A O     1 
HETATM 1435 O  O     . HOH J 7 .   ? 12.451  11.218  12.831  0.33 31.81  ? 223 HOH A O     1 
HETATM 1436 O  O     . HOH J 7 .   ? -8.352  10.997  -10.693 1.00 22.68  ? 224 HOH A O     1 
HETATM 1437 O  O     . HOH J 7 .   ? 14.290  10.958  6.302   1.00 27.33  ? 225 HOH A O     1 
HETATM 1438 O  O     . HOH J 7 .   ? 6.463   -9.497  17.116  1.00 20.29  ? 226 HOH A O     1 
HETATM 1439 O  O     . HOH J 7 .   ? 10.284  -13.214 8.790   1.00 26.15  ? 227 HOH A O     1 
HETATM 1440 O  O     . HOH J 7 .   ? -4.428  14.619  -1.566  1.00 25.24  ? 228 HOH A O     1 
HETATM 1441 O  O     . HOH J 7 .   ? 3.988   1.063   16.279  1.00 20.23  ? 229 HOH A O     1 
HETATM 1442 O  O     . HOH J 7 .   ? -9.258  2.733   13.804  1.00 23.87  ? 230 HOH A O     1 
HETATM 1443 O  O     . HOH J 7 .   ? 0.272   -14.213 10.265  0.50 27.02  ? 231 HOH A O     1 
HETATM 1444 O  O     . HOH J 7 .   ? -14.515 -3.185  6.393   1.00 24.88  ? 232 HOH A O     1 
HETATM 1445 O  O     . HOH J 7 .   ? -1.809  -14.925 8.576   1.00 37.00  ? 233 HOH A O     1 
HETATM 1446 O  O     . HOH J 7 .   ? -11.899 -7.639  3.968   1.00 41.69  ? 234 HOH A O     1 
HETATM 1447 O  O     . HOH J 7 .   ? -11.567 -10.696 2.146   1.00 37.00  ? 235 HOH A O     1 
HETATM 1448 O  O     . HOH J 7 .   ? 1.534   -11.344 18.928  1.00 37.25  ? 236 HOH A O     1 
HETATM 1449 O  O     . HOH J 7 .   ? -9.373  3.441   16.449  1.00 26.16  ? 237 HOH A O     1 
HETATM 1450 O  O     . HOH J 7 .   ? 7.116   -6.611  17.762  1.00 36.56  ? 238 HOH A O     1 
HETATM 1451 O  O     . HOH J 7 .   ? -11.369 -8.807  10.955  1.00 38.49  ? 239 HOH A O     1 
HETATM 1452 O  O     . HOH J 7 .   ? 5.788   -11.483 6.724   1.00 16.21  ? 240 HOH A O     1 
HETATM 1453 O  O     . HOH J 7 .   ? -13.543 1.849   7.566   1.00 23.75  ? 241 HOH A O     1 
HETATM 1454 O  O     . HOH J 7 .   ? -14.604 -3.573  9.101   1.00 51.07  ? 242 HOH A O     1 
HETATM 1455 O  O     . HOH J 7 .   ? -12.785 -7.414  0.277   1.00 32.90  ? 243 HOH A O     1 
HETATM 1456 O  O     . HOH J 7 .   ? -8.220  -16.158 -1.430  1.00 23.53  ? 244 HOH A O     1 
HETATM 1457 O  O     . HOH J 7 .   ? 2.902   20.087  4.707   1.00 37.45  ? 245 HOH A O     1 
HETATM 1458 O  O     . HOH J 7 .   ? -10.967 -16.038 -4.173  1.00 27.12  ? 246 HOH A O     1 
HETATM 1459 O  O     . HOH J 7 .   ? 8.516   14.865  -1.701  1.00 30.49  ? 247 HOH A O     1 
HETATM 1460 O  O     . HOH J 7 .   ? 5.332   -6.762  3.987   1.00 9.44   ? 248 HOH A O     1 
HETATM 1461 O  O     . HOH J 7 .   ? 11.334  5.515   12.909  1.00 45.02  ? 249 HOH A O     1 
HETATM 1462 O  O     . HOH J 7 .   ? 11.612  3.851   8.509   1.00 34.80  ? 250 HOH A O     1 
HETATM 1463 O  O     . HOH J 7 .   ? -4.093  14.761  11.773  1.00 23.86  ? 251 HOH A O     1 
HETATM 1464 O  O     . HOH J 7 .   ? -4.508  6.728   -12.277 1.00 39.16  ? 252 HOH A O     1 
HETATM 1465 O  O     . HOH J 7 .   ? -0.479  -16.060 -5.305  1.00 29.52  ? 253 HOH A O     1 
HETATM 1466 O  O     . HOH J 7 .   ? -1.060  0.432   -14.392 1.00 34.98  ? 254 HOH A O     1 
HETATM 1467 O  O     . HOH J 7 .   ? -9.279  9.165   -15.646 1.00 24.04  ? 255 HOH A O     1 
HETATM 1468 O  O     . HOH J 7 .   ? 0.066   12.489  18.529  1.00 24.48  ? 256 HOH A O     1 
HETATM 1469 O  O     . HOH J 7 .   ? -14.115 -13.814 2.604   1.00 41.02  ? 257 HOH A O     1 
HETATM 1470 O  O     . HOH J 7 .   ? -1.218  -5.926  18.960  1.00 25.04  ? 258 HOH A O     1 
HETATM 1471 O  O     . HOH J 7 .   ? 7.184   4.369   14.986  1.00 23.92  ? 259 HOH A O     1 
HETATM 1472 O  O     . HOH J 7 .   ? -4.720  0.388   19.086  1.00 20.56  ? 260 HOH A O     1 
HETATM 1473 O  O     . HOH J 7 .   ? -11.695 8.230   12.446  1.00 30.37  ? 261 HOH A O     1 
HETATM 1474 O  O     . HOH J 7 .   ? 10.153  -14.051 11.260  1.00 27.43  ? 262 HOH A O     1 
HETATM 1475 O  O     . HOH J 7 .   ? -7.077  8.734   -10.889 1.00 35.98  ? 263 HOH A O     1 
HETATM 1476 O  O     . HOH J 7 .   ? -11.913 5.428   5.125   1.00 30.25  ? 264 HOH A O     1 
HETATM 1477 O  O     . HOH J 7 .   ? -8.380  6.566   13.920  1.00 44.76  ? 265 HOH A O     1 
HETATM 1478 O  O     . HOH J 7 .   ? -11.827 -11.010 12.475  1.00 37.24  ? 266 HOH A O     1 
HETATM 1479 O  O     . HOH J 7 .   ? 6.650   1.858   11.027  1.00 28.59  ? 267 HOH A O     1 
HETATM 1480 O  O     . HOH J 7 .   ? 13.754  8.977   3.784   1.00 38.08  ? 268 HOH A O     1 
HETATM 1481 O  O     . HOH J 7 .   ? -3.667  -12.555 17.879  1.00 21.35  ? 269 HOH A O     1 
HETATM 1482 O  O     . HOH J 7 .   ? -16.794 -3.849  -14.655 1.00 48.84  ? 270 HOH A O     1 
HETATM 1483 O  O     . HOH J 7 .   ? -18.240 -8.587  -13.346 1.00 40.44  ? 271 HOH A O     1 
HETATM 1484 O  O     . HOH J 7 .   ? 1.550   -11.254 -6.410  1.00 36.45  ? 272 HOH A O     1 
HETATM 1485 O  O     . HOH J 7 .   ? -2.045  4.474   20.960  1.00 40.56  ? 273 HOH A O     1 
HETATM 1486 O  O     . HOH J 7 .   ? 12.547  2.454   4.267   1.00 26.54  ? 274 HOH A O     1 
HETATM 1487 O  O     . HOH J 7 .   ? 4.786   0.557   -17.489 1.00 26.83  ? 275 HOH A O     1 
HETATM 1488 O  O     . HOH J 7 .   ? -3.827  9.374   15.925  1.00 34.34  ? 276 HOH A O     1 
HETATM 1489 O  O     . HOH J 7 .   ? -16.950 -8.926  -2.644  1.00 33.73  ? 277 HOH A O     1 
HETATM 1490 O  O     . HOH J 7 .   ? 0.693   19.625  -2.270  1.00 26.66  ? 278 HOH A O     1 
HETATM 1491 O  O     . HOH J 7 .   ? 3.210   18.184  -7.882  1.00 29.28  ? 279 HOH A O     1 
HETATM 1492 O  O     . HOH J 7 .   ? -3.362  11.251  18.131  1.00 32.93  ? 280 HOH A O     1 
HETATM 1493 O  O     . HOH J 7 .   ? -11.768 -14.613 5.782   1.00 32.60  ? 281 HOH A O     1 
HETATM 1494 O  O     . HOH J 7 .   ? 12.413  7.348   -10.408 1.00 39.86  ? 282 HOH A O     1 
HETATM 1495 O  O     . HOH J 7 .   ? -14.266 0.418   0.361   1.00 43.11  ? 283 HOH A O     1 
HETATM 1496 O  O     . HOH J 7 .   ? 6.330   -1.071  14.296  1.00 25.01  ? 284 HOH A O     1 
HETATM 1497 O  O     . HOH J 7 .   ? 5.956   16.855  11.113  1.00 25.25  ? 285 HOH A O     1 
HETATM 1498 O  O     . HOH J 7 .   ? -9.024  9.971   -8.259  0.50 18.09  ? 286 HOH A O     1 
HETATM 1499 O  O     . HOH J 7 .   ? -9.581  -15.053 9.981   1.00 33.32  ? 287 HOH A O     1 
HETATM 1500 O  O     . HOH J 7 .   ? 13.889  2.713   -15.388 0.50 12.55  ? 288 HOH A O     1 
HETATM 1501 O  O     . HOH J 7 .   ? -15.765 -1.436  1.661   1.00 27.11  ? 289 HOH A O     1 
HETATM 1502 O  O     . HOH J 7 .   ? 5.858   14.242  10.496  1.00 22.87  ? 290 HOH A O     1 
HETATM 1503 O  O     . HOH J 7 .   ? 2.477   20.724  -0.565  1.00 37.25  ? 291 HOH A O     1 
HETATM 1504 O  O     . HOH J 7 .   ? 8.764   -11.278 15.757  1.00 42.40  ? 292 HOH A O     1 
HETATM 1505 O  O     . HOH J 7 .   ? -10.044 8.374   -5.588  0.50 39.57  ? 293 HOH A O     1 
HETATM 1506 O  O     . HOH J 7 .   ? 9.231   -15.165 -0.834  1.00 33.22  ? 294 HOH A O     1 
HETATM 1507 O  O     . HOH J 7 .   ? 3.660   -3.206  17.034  1.00 31.78  ? 295 HOH A O     1 
HETATM 1508 O  O     . HOH J 7 .   ? 14.032  4.726   -5.006  1.00 30.93  ? 296 HOH A O     1 
HETATM 1509 O  O     . HOH J 7 .   ? 2.486   3.978   18.805  1.00 28.98  ? 297 HOH A O     1 
HETATM 1510 O  O     . HOH J 7 .   ? 5.762   19.567  11.720  1.00 21.11  ? 298 HOH A O     1 
HETATM 1511 O  O     . HOH J 7 .   ? 1.301   19.977  -4.925  1.00 34.63  ? 299 HOH A O     1 
HETATM 1512 O  O     . HOH J 7 .   ? 11.073  1.204   8.882   1.00 47.09  ? 302 HOH A O     1 
HETATM 1513 O  O     . HOH J 7 .   ? 11.722  14.655  -6.955  1.00 36.97  ? 303 HOH A O     1 
HETATM 1514 O  O     . HOH J 7 .   ? -13.372 -8.813  8.920   1.00 46.38  ? 304 HOH A O     1 
HETATM 1515 O  O     . HOH J 7 .   ? -16.795 -13.067 -6.026  1.00 50.29  ? 305 HOH A O     1 
HETATM 1516 O  O     . HOH J 7 .   ? -20.317 -9.150  -10.446 1.00 38.01  ? 306 HOH A O     1 
HETATM 1517 O  O     . HOH J 7 .   ? -10.212 -2.863  -15.234 1.00 31.94  ? 307 HOH A O     1 
HETATM 1518 O  O     . HOH J 7 .   ? 0.482   -6.041  -15.388 1.00 48.72  ? 308 HOH A O     1 
HETATM 1519 O  O     . HOH J 7 .   ? 5.999   15.579  -5.689  1.00 41.36  ? 309 HOH A O     1 
HETATM 1520 O  O     . HOH J 7 .   ? -22.062 -8.991  -8.398  1.00 45.34  ? 310 HOH A O     1 
HETATM 1521 O  O     . HOH J 7 .   ? 17.525  7.568   5.010   1.00 50.33  ? 311 HOH A O     1 
HETATM 1522 O  O     . HOH J 7 .   ? -9.521  -7.970  13.057  1.00 36.15  ? 312 HOH A O     1 
HETATM 1523 O  O     . HOH J 7 .   ? 8.661   10.386  -5.795  1.00 31.31  ? 313 HOH A O     1 
HETATM 1524 O  O     . HOH J 7 .   ? -11.408 -13.678 11.310  1.00 36.62  ? 314 HOH A O     1 
HETATM 1525 O  O     . HOH J 7 .   ? 1.144   -1.495  -15.508 1.00 36.11  ? 315 HOH A O     1 
HETATM 1526 O  O     . HOH J 7 .   ? 15.067  6.767   -9.108  1.00 49.07  ? 316 HOH A O     1 
# 
loop_
_pdbx_poly_seq_scheme.asym_id 
_pdbx_poly_seq_scheme.entity_id 
_pdbx_poly_seq_scheme.seq_id 
_pdbx_poly_seq_scheme.mon_id 
_pdbx_poly_seq_scheme.ndb_seq_num 
_pdbx_poly_seq_scheme.pdb_seq_num 
_pdbx_poly_seq_scheme.auth_seq_num 
_pdbx_poly_seq_scheme.pdb_mon_id 
_pdbx_poly_seq_scheme.auth_mon_id 
_pdbx_poly_seq_scheme.pdb_strand_id 
_pdbx_poly_seq_scheme.pdb_ins_code 
_pdbx_poly_seq_scheme.hetero 
A 1 1   MET 1   1   1   MET MET A . n 
A 1 2   THR 2   2   2   THR THR A . n 
A 1 3   GLU 3   3   3   GLU GLU A . n 
A 1 4   TYR 4   4   4   TYR TYR A . n 
A 1 5   LYS 5   5   5   LYS LYS A . n 
A 1 6   LEU 6   6   6   LEU LEU A . n 
A 1 7   VAL 7   7   7   VAL VAL A . n 
A 1 8   VAL 8   8   8   VAL VAL A . n 
A 1 9   VAL 9   9   9   VAL VAL A . n 
A 1 10  GLY 10  10  10  GLY GLY A . n 
A 1 11  ALA 11  11  11  ALA ALA A . n 
A 1 12  GLY 12  12  12  GLY GLY A . n 
A 1 13  GLY 13  13  13  GLY GLY A . n 
A 1 14  VAL 14  14  14  VAL VAL A . n 
A 1 15  GLY 15  15  15  GLY GLY A . n 
A 1 16  LYS 16  16  16  LYS LYS A . n 
A 1 17  SER 17  17  17  SER SER A . n 
A 1 18  ALA 18  18  18  ALA ALA A . n 
A 1 19  LEU 19  19  19  LEU LEU A . n 
A 1 20  THR 20  20  20  THR THR A . n 
A 1 21  ILE 21  21  21  ILE ILE A . n 
A 1 22  GLN 22  22  22  GLN GLN A . n 
A 1 23  LEU 23  23  23  LEU LEU A . n 
A 1 24  ILE 24  24  24  ILE ILE A . n 
A 1 25  GLN 25  25  25  GLN GLN A . n 
A 1 26  ASN 26  26  26  ASN ASN A . n 
A 1 27  HIS 27  27  27  HIS HIS A . n 
A 1 28  PHE 28  28  28  PHE PHE A . n 
A 1 29  VAL 29  29  29  VAL VAL A . n 
A 1 30  ASP 30  30  30  ASP ASP A . n 
A 1 31  GLU 31  31  31  GLU GLU A . n 
A 1 32  TYR 32  32  32  TYR TYR A . n 
A 1 33  ASP 33  33  33  ASP ASP A . n 
A 1 34  PRO 34  34  34  PRO PRO A . n 
A 1 35  THR 35  35  35  THR THR A . n 
A 1 36  ILE 36  36  36  ILE ILE A . n 
A 1 37  GLU 37  37  37  GLU GLU A . n 
A 1 38  ASP 38  38  38  ASP ASP A . n 
A 1 39  SER 39  39  39  SER SER A . n 
A 1 40  TYR 40  40  40  TYR TYR A . n 
A 1 41  ARG 41  41  41  ARG ARG A . n 
A 1 42  LYS 42  42  42  LYS LYS A . n 
A 1 43  GLN 43  43  43  GLN GLN A . n 
A 1 44  VAL 44  44  44  VAL VAL A . n 
A 1 45  VAL 45  45  45  VAL VAL A . n 
A 1 46  ILE 46  46  46  ILE ILE A . n 
A 1 47  ASP 47  47  47  ASP ASP A . n 
A 1 48  GLY 48  48  48  GLY GLY A . n 
A 1 49  GLU 49  49  49  GLU GLU A . n 
A 1 50  THR 50  50  50  THR THR A . n 
A 1 51  CYS 51  51  51  CYS CYS A . n 
A 1 52  LEU 52  52  52  LEU LEU A . n 
A 1 53  LEU 53  53  53  LEU LEU A . n 
A 1 54  ASP 54  54  54  ASP ASP A . n 
A 1 55  ILE 55  55  55  ILE ILE A . n 
A 1 56  LEU 56  56  56  LEU LEU A . n 
A 1 57  ASP 57  57  57  ASP ASP A . n 
A 1 58  THR 58  58  58  THR THR A . n 
A 1 59  ALA 59  59  59  ALA ALA A . n 
A 1 60  GLY 60  60  60  GLY GLY A . n 
A 1 61  GLN 61  61  61  GLN GLN A . n 
A 1 62  GLU 62  62  62  GLU GLU A . n 
A 1 63  GLU 63  63  63  GLU GLU A . n 
A 1 64  TYR 64  64  64  TYR TYR A . n 
A 1 65  SER 65  65  65  SER SER A . n 
A 1 66  ALA 66  66  66  ALA ALA A . n 
A 1 67  MET 67  67  67  MET MET A . n 
A 1 68  ARG 68  68  68  ARG ARG A . n 
A 1 69  ASP 69  69  69  ASP ASP A . n 
A 1 70  GLN 70  70  70  GLN GLN A . n 
A 1 71  TYR 71  71  71  TYR TYR A . n 
A 1 72  MET 72  72  72  MET MET A . n 
A 1 73  ARG 73  73  73  ARG ARG A . n 
A 1 74  THR 74  74  74  THR THR A . n 
A 1 75  GLY 75  75  75  GLY GLY A . n 
A 1 76  GLU 76  76  76  GLU GLU A . n 
A 1 77  GLY 77  77  77  GLY GLY A . n 
A 1 78  PHE 78  78  78  PHE PHE A . n 
A 1 79  LEU 79  79  79  LEU LEU A . n 
A 1 80  CYS 80  80  80  CYS CYS A . n 
A 1 81  VAL 81  81  81  VAL VAL A . n 
A 1 82  PHE 82  82  82  PHE PHE A . n 
A 1 83  ALA 83  83  83  ALA ALA A . n 
A 1 84  ILE 84  84  84  ILE ILE A . n 
A 1 85  ASN 85  85  85  ASN ASN A . n 
A 1 86  ASN 86  86  86  ASN ASN A . n 
A 1 87  THR 87  87  87  THR THR A . n 
A 1 88  LYS 88  88  88  LYS LYS A . n 
A 1 89  SER 89  89  89  SER SER A . n 
A 1 90  PHE 90  90  90  PHE PHE A . n 
A 1 91  GLU 91  91  91  GLU GLU A . n 
A 1 92  ASP 92  92  92  ASP ASP A . n 
A 1 93  ILE 93  93  93  ILE ILE A . n 
A 1 94  HIS 94  94  94  HIS HIS A . n 
A 1 95  GLN 95  95  95  GLN GLN A . n 
A 1 96  TYR 96  96  96  TYR TYR A . n 
A 1 97  ARG 97  97  97  ARG ARG A . n 
A 1 98  GLU 98  98  98  GLU GLU A . n 
A 1 99  GLN 99  99  99  GLN GLN A . n 
A 1 100 ILE 100 100 100 ILE ILE A . n 
A 1 101 LYS 101 101 101 LYS LYS A . n 
A 1 102 ARG 102 102 102 ARG ARG A . n 
A 1 103 VAL 103 103 103 VAL VAL A . n 
A 1 104 LYS 104 104 104 LYS LYS A . n 
A 1 105 ASP 105 105 105 ASP ASP A . n 
A 1 106 SER 106 106 106 SER SER A . n 
A 1 107 ASP 107 107 107 ASP ASP A . n 
A 1 108 ASP 108 108 108 ASP ASP A . n 
A 1 109 VAL 109 109 109 VAL VAL A . n 
A 1 110 PRO 110 110 110 PRO PRO A . n 
A 1 111 MET 111 111 111 MET MET A . n 
A 1 112 VAL 112 112 112 VAL VAL A . n 
A 1 113 LEU 113 113 113 LEU LEU A . n 
A 1 114 VAL 114 114 114 VAL VAL A . n 
A 1 115 GLY 115 115 115 GLY GLY A . n 
A 1 116 ASN 116 116 116 ASN ASN A . n 
A 1 117 LYS 117 117 117 LYS LYS A . n 
A 1 118 CYS 118 118 118 CYS CYS A . n 
A 1 119 ASP 119 119 119 ASP ASP A . n 
A 1 120 LEU 120 120 120 LEU LEU A . n 
A 1 121 ALA 121 121 121 ALA ALA A . n 
A 1 122 ALA 122 122 122 ALA ALA A . n 
A 1 123 ARG 123 123 123 ARG ARG A . n 
A 1 124 THR 124 124 124 THR THR A . n 
A 1 125 VAL 125 125 125 VAL VAL A . n 
A 1 126 GLU 126 126 126 GLU GLU A . n 
A 1 127 SER 127 127 127 SER SER A . n 
A 1 128 ARG 128 128 128 ARG ARG A . n 
A 1 129 GLN 129 129 129 GLN GLN A . n 
A 1 130 ALA 130 130 130 ALA ALA A . n 
A 1 131 GLN 131 131 131 GLN GLN A . n 
A 1 132 ASP 132 132 132 ASP ASP A . n 
A 1 133 LEU 133 133 133 LEU LEU A . n 
A 1 134 ALA 134 134 134 ALA ALA A . n 
A 1 135 ARG 135 135 135 ARG ARG A . n 
A 1 136 SER 136 136 136 SER SER A . n 
A 1 137 TYR 137 137 137 TYR TYR A . n 
A 1 138 GLY 138 138 138 GLY GLY A . n 
A 1 139 ILE 139 139 139 ILE ILE A . n 
A 1 140 PRO 140 140 140 PRO PRO A . n 
A 1 141 TYR 141 141 141 TYR TYR A . n 
A 1 142 ILE 142 142 142 ILE ILE A . n 
A 1 143 GLU 143 143 143 GLU GLU A . n 
A 1 144 THR 144 144 144 THR THR A . n 
A 1 145 SER 145 145 145 SER SER A . n 
A 1 146 ALA 146 146 146 ALA ALA A . n 
A 1 147 LYS 147 147 147 LYS LYS A . n 
A 1 148 THR 148 148 148 THR THR A . n 
A 1 149 ARG 149 149 149 ARG ARG A . n 
A 1 150 GLN 150 150 150 GLN GLN A . n 
A 1 151 GLY 151 151 151 GLY GLY A . n 
A 1 152 VAL 152 152 152 VAL VAL A . n 
A 1 153 GLU 153 153 153 GLU GLU A . n 
A 1 154 ASP 154 154 154 ASP ASP A . n 
A 1 155 ALA 155 155 155 ALA ALA A . n 
A 1 156 PHE 156 156 156 PHE PHE A . n 
A 1 157 TYR 157 157 157 TYR TYR A . n 
A 1 158 THR 158 158 158 THR THR A . n 
A 1 159 LEU 159 159 159 LEU LEU A . n 
A 1 160 VAL 160 160 160 VAL VAL A . n 
A 1 161 ARG 161 161 161 ARG ARG A . n 
A 1 162 GLU 162 162 162 GLU GLU A . n 
A 1 163 ILE 163 163 163 ILE ILE A . n 
A 1 164 ARG 164 164 164 ARG ARG A . n 
A 1 165 GLN 165 165 165 GLN GLN A . n 
A 1 166 HIS 166 166 166 HIS HIS A . n 
# 
loop_
_pdbx_nonpoly_scheme.asym_id 
_pdbx_nonpoly_scheme.entity_id 
_pdbx_nonpoly_scheme.mon_id 
_pdbx_nonpoly_scheme.ndb_seq_num 
_pdbx_nonpoly_scheme.pdb_seq_num 
_pdbx_nonpoly_scheme.auth_seq_num 
_pdbx_nonpoly_scheme.pdb_mon_id 
_pdbx_nonpoly_scheme.auth_mon_id 
_pdbx_nonpoly_scheme.pdb_strand_id 
_pdbx_nonpoly_scheme.pdb_ins_code 
B 2 GNP 1   201 201 GNP GNP A . 
C 3 MG  1   202 202 MG  MG  A . 
D 4 CA  1   203 203 CA  CA  A . 
E 4 CA  1   204 204 CA  CA  A . 
F 4 CA  1   205 205 CA  CA  A . 
G 4 CA  1   206 206 CA  CA  A . 
H 5 YCN 1   300 300 YCN UNK A . 
I 6 ZN  1   301 300 ZN  UNK A . 
J 7 HOH 1   167 2   HOH HOH A . 
J 7 HOH 2   168 168 HOH HOH A . 
J 7 HOH 3   169 169 HOH HOH A . 
J 7 HOH 4   170 3   HOH HOH A . 
J 7 HOH 5   171 4   HOH HOH A . 
J 7 HOH 6   172 172 HOH HOH A . 
J 7 HOH 7   173 173 HOH HOH A . 
J 7 HOH 8   174 5   HOH HOH A . 
J 7 HOH 9   175 175 HOH HOH A . 
J 7 HOH 10  176 6   HOH HOH A . 
J 7 HOH 11  177 177 HOH HOH A . 
J 7 HOH 12  178 7   HOH HOH A . 
J 7 HOH 13  179 179 HOH HOH A . 
J 7 HOH 14  180 180 HOH HOH A . 
J 7 HOH 15  181 8   HOH HOH A . 
J 7 HOH 16  182 182 HOH HOH A . 
J 7 HOH 17  183 183 HOH HOH A . 
J 7 HOH 18  184 184 HOH HOH A . 
J 7 HOH 19  185 9   HOH HOH A . 
J 7 HOH 20  186 10  HOH HOH A . 
J 7 HOH 21  187 11  HOH HOH A . 
J 7 HOH 22  188 12  HOH HOH A . 
J 7 HOH 23  189 13  HOH HOH A . 
J 7 HOH 24  190 14  HOH HOH A . 
J 7 HOH 25  191 15  HOH HOH A . 
J 7 HOH 26  192 16  HOH HOH A . 
J 7 HOH 27  193 17  HOH HOH A . 
J 7 HOH 28  194 18  HOH HOH A . 
J 7 HOH 29  195 19  HOH HOH A . 
J 7 HOH 30  196 20  HOH HOH A . 
J 7 HOH 31  197 21  HOH HOH A . 
J 7 HOH 32  198 22  HOH HOH A . 
J 7 HOH 33  199 23  HOH HOH A . 
J 7 HOH 34  200 24  HOH HOH A . 
J 7 HOH 35  207 25  HOH HOH A . 
J 7 HOH 36  208 26  HOH HOH A . 
J 7 HOH 37  209 27  HOH HOH A . 
J 7 HOH 38  210 28  HOH HOH A . 
J 7 HOH 39  211 29  HOH HOH A . 
J 7 HOH 40  212 30  HOH HOH A . 
J 7 HOH 41  213 31  HOH HOH A . 
J 7 HOH 42  214 32  HOH HOH A . 
J 7 HOH 43  215 33  HOH HOH A . 
J 7 HOH 44  216 34  HOH HOH A . 
J 7 HOH 45  217 35  HOH HOH A . 
J 7 HOH 46  218 36  HOH HOH A . 
J 7 HOH 47  219 37  HOH HOH A . 
J 7 HOH 48  220 38  HOH HOH A . 
J 7 HOH 49  221 39  HOH HOH A . 
J 7 HOH 50  222 40  HOH HOH A . 
J 7 HOH 51  223 42  HOH HOH A . 
J 7 HOH 52  224 43  HOH HOH A . 
J 7 HOH 53  225 44  HOH HOH A . 
J 7 HOH 54  226 45  HOH HOH A . 
J 7 HOH 55  227 46  HOH HOH A . 
J 7 HOH 56  228 47  HOH HOH A . 
J 7 HOH 57  229 48  HOH HOH A . 
J 7 HOH 58  230 49  HOH HOH A . 
J 7 HOH 59  231 50  HOH HOH A . 
J 7 HOH 60  232 51  HOH HOH A . 
J 7 HOH 61  233 52  HOH HOH A . 
J 7 HOH 62  234 53  HOH HOH A . 
J 7 HOH 63  235 54  HOH HOH A . 
J 7 HOH 64  236 58  HOH HOH A . 
J 7 HOH 65  237 59  HOH HOH A . 
J 7 HOH 66  238 62  HOH HOH A . 
J 7 HOH 67  239 63  HOH HOH A . 
J 7 HOH 68  240 64  HOH HOH A . 
J 7 HOH 69  241 71  HOH HOH A . 
J 7 HOH 70  242 72  HOH HOH A . 
J 7 HOH 71  243 73  HOH HOH A . 
J 7 HOH 72  244 74  HOH HOH A . 
J 7 HOH 73  245 75  HOH HOH A . 
J 7 HOH 74  246 76  HOH HOH A . 
J 7 HOH 75  247 77  HOH HOH A . 
J 7 HOH 76  248 78  HOH HOH A . 
J 7 HOH 77  249 79  HOH HOH A . 
J 7 HOH 78  250 80  HOH HOH A . 
J 7 HOH 79  251 81  HOH HOH A . 
J 7 HOH 80  252 82  HOH HOH A . 
J 7 HOH 81  253 84  HOH HOH A . 
J 7 HOH 82  254 85  HOH HOH A . 
J 7 HOH 83  255 86  HOH HOH A . 
J 7 HOH 84  256 87  HOH HOH A . 
J 7 HOH 85  257 88  HOH HOH A . 
J 7 HOH 86  258 89  HOH HOH A . 
J 7 HOH 87  259 90  HOH HOH A . 
J 7 HOH 88  260 91  HOH HOH A . 
J 7 HOH 89  261 92  HOH HOH A . 
J 7 HOH 90  262 93  HOH HOH A . 
J 7 HOH 91  263 94  HOH HOH A . 
J 7 HOH 92  264 95  HOH HOH A . 
J 7 HOH 93  265 96  HOH HOH A . 
J 7 HOH 94  266 97  HOH HOH A . 
J 7 HOH 95  267 98  HOH HOH A . 
J 7 HOH 96  268 99  HOH HOH A . 
J 7 HOH 97  269 100 HOH HOH A . 
J 7 HOH 98  270 101 HOH HOH A . 
J 7 HOH 99  271 102 HOH HOH A . 
J 7 HOH 100 272 103 HOH HOH A . 
J 7 HOH 101 273 104 HOH HOH A . 
J 7 HOH 102 274 105 HOH HOH A . 
J 7 HOH 103 275 106 HOH HOH A . 
J 7 HOH 104 276 107 HOH HOH A . 
J 7 HOH 105 277 108 HOH HOH A . 
J 7 HOH 106 278 109 HOH HOH A . 
J 7 HOH 107 279 110 HOH HOH A . 
J 7 HOH 108 280 111 HOH HOH A . 
J 7 HOH 109 281 112 HOH HOH A . 
J 7 HOH 110 282 113 HOH HOH A . 
J 7 HOH 111 283 114 HOH HOH A . 
J 7 HOH 112 284 116 HOH HOH A . 
J 7 HOH 113 285 117 HOH HOH A . 
J 7 HOH 114 286 118 HOH HOH A . 
J 7 HOH 115 287 119 HOH HOH A . 
J 7 HOH 116 288 120 HOH HOH A . 
J 7 HOH 117 289 121 HOH HOH A . 
J 7 HOH 118 290 122 HOH HOH A . 
J 7 HOH 119 291 123 HOH HOH A . 
J 7 HOH 120 292 124 HOH HOH A . 
J 7 HOH 121 293 125 HOH HOH A . 
J 7 HOH 122 294 126 HOH HOH A . 
J 7 HOH 123 295 127 HOH HOH A . 
J 7 HOH 124 296 129 HOH HOH A . 
J 7 HOH 125 297 131 HOH HOH A . 
J 7 HOH 126 298 133 HOH HOH A . 
J 7 HOH 127 299 137 HOH HOH A . 
J 7 HOH 128 302 139 HOH HOH A . 
J 7 HOH 129 303 142 HOH HOH A . 
J 7 HOH 130 304 143 HOH HOH A . 
J 7 HOH 131 305 147 HOH HOH A . 
J 7 HOH 132 306 149 HOH HOH A . 
J 7 HOH 133 307 150 HOH HOH A . 
J 7 HOH 134 308 153 HOH HOH A . 
J 7 HOH 135 309 154 HOH HOH A . 
J 7 HOH 136 310 155 HOH HOH A . 
J 7 HOH 137 311 158 HOH HOH A . 
J 7 HOH 138 312 159 HOH HOH A . 
J 7 HOH 139 313 161 HOH HOH A . 
J 7 HOH 140 314 162 HOH HOH A . 
J 7 HOH 141 315 164 HOH HOH A . 
J 7 HOH 142 316 166 HOH HOH A . 
# 
_pdbx_struct_assembly.id                   1 
_pdbx_struct_assembly.details              author_and_software_defined_assembly 
_pdbx_struct_assembly.method_details       PISA 
_pdbx_struct_assembly.oligomeric_details   monomeric 
_pdbx_struct_assembly.oligomeric_count     1 
# 
_pdbx_struct_assembly_gen.assembly_id       1 
_pdbx_struct_assembly_gen.oper_expression   1 
_pdbx_struct_assembly_gen.asym_id_list      A,B,C,D,E,F,G,H,I,J 
# 
_pdbx_struct_oper_list.id                   1 
_pdbx_struct_oper_list.type                 'identity operation' 
_pdbx_struct_oper_list.name                 1_555 
_pdbx_struct_oper_list.symmetry_operation   x,y,z 
_pdbx_struct_oper_list.matrix[1][1]         1.0000000000 
_pdbx_struct_oper_list.matrix[1][2]         0.0000000000 
_pdbx_struct_oper_list.matrix[1][3]         0.0000000000 
_pdbx_struct_oper_list.vector[1]            0.0000000000 
_pdbx_struct_oper_list.matrix[2][1]         0.0000000000 
_pdbx_struct_oper_list.matrix[2][2]         1.0000000000 
_pdbx_struct_oper_list.matrix[2][3]         0.0000000000 
_pdbx_struct_oper_list.vector[2]            0.0000000000 
_pdbx_struct_oper_list.matrix[3][1]         0.0000000000 
_pdbx_struct_oper_list.matrix[3][2]         0.0000000000 
_pdbx_struct_oper_list.matrix[3][3]         1.0000000000 
_pdbx_struct_oper_list.vector[3]            0.0000000000 
# 
loop_
_pdbx_struct_special_symmetry.id 
_pdbx_struct_special_symmetry.PDB_model_num 
_pdbx_struct_special_symmetry.auth_asym_id 
_pdbx_struct_special_symmetry.auth_comp_id 
_pdbx_struct_special_symmetry.auth_seq_id 
_pdbx_struct_special_symmetry.PDB_ins_code 
_pdbx_struct_special_symmetry.label_asym_id 
_pdbx_struct_special_symmetry.label_comp_id 
_pdbx_struct_special_symmetry.label_seq_id 
1 1 A CA  203 ? D CA  . 
2 1 A CA  205 ? F CA  . 
3 1 A HOH 223 ? J HOH . 
4 1 A HOH 231 ? J HOH . 
5 1 A HOH 293 ? J HOH . 
# 
loop_
_pdbx_audit_revision_history.ordinal 
_pdbx_audit_revision_history.data_content_type 
_pdbx_audit_revision_history.major_revision 
_pdbx_audit_revision_history.minor_revision 
_pdbx_audit_revision_history.revision_date 
1 'Structure model' 1 0 2011-01-05 
2 'Structure model' 1 1 2011-07-13 
3 'Structure model' 1 2 2017-11-01 
4 'Structure model' 1 3 2023-11-01 
# 
_pdbx_audit_revision_details.ordinal             1 
_pdbx_audit_revision_details.revision_ordinal    1 
_pdbx_audit_revision_details.data_content_type   'Structure model' 
_pdbx_audit_revision_details.provider            repository 
_pdbx_audit_revision_details.type                'Initial release' 
_pdbx_audit_revision_details.description         ? 
_pdbx_audit_revision_details.details             ? 
# 
loop_
_pdbx_audit_revision_group.ordinal 
_pdbx_audit_revision_group.revision_ordinal 
_pdbx_audit_revision_group.data_content_type 
_pdbx_audit_revision_group.group 
1 2 'Structure model' 'Version format compliance' 
2 3 'Structure model' 'Refinement description'    
3 4 'Structure model' 'Data collection'           
4 4 'Structure model' 'Database references'       
5 4 'Structure model' 'Derived calculations'      
6 4 'Structure model' 'Refinement description'    
# 
loop_
_pdbx_audit_revision_category.ordinal 
_pdbx_audit_revision_category.revision_ordinal 
_pdbx_audit_revision_category.data_content_type 
_pdbx_audit_revision_category.category 
1 3 'Structure model' software                      
2 4 'Structure model' chem_comp_atom                
3 4 'Structure model' chem_comp_bond                
4 4 'Structure model' database_2                    
5 4 'Structure model' pdbx_initial_refinement_model 
6 4 'Structure model' struct_site                   
# 
loop_
_pdbx_audit_revision_item.ordinal 
_pdbx_audit_revision_item.revision_ordinal 
_pdbx_audit_revision_item.data_content_type 
_pdbx_audit_revision_item.item 
1 3 'Structure model' '_software.name'                      
2 4 'Structure model' '_database_2.pdbx_DOI'                
3 4 'Structure model' '_database_2.pdbx_database_accession' 
4 4 'Structure model' '_struct_site.pdbx_auth_asym_id'      
5 4 'Structure model' '_struct_site.pdbx_auth_comp_id'      
6 4 'Structure model' '_struct_site.pdbx_auth_seq_id'       
# 
loop_
_software.name 
_software.classification 
_software.version 
_software.citation_id 
_software.pdbx_ordinal 
MAR345 'data collection' .        ? 1 
MOLREP phasing           .        ? 2 
REFMAC refinement        5.2.0019 ? 3 
XDS    'data reduction'  .        ? 4 
XSCALE 'data scaling'    .        ? 5 
# 
loop_
_pdbx_validate_torsion.id 
_pdbx_validate_torsion.PDB_model_num 
_pdbx_validate_torsion.auth_comp_id 
_pdbx_validate_torsion.auth_asym_id 
_pdbx_validate_torsion.auth_seq_id 
_pdbx_validate_torsion.PDB_ins_code 
_pdbx_validate_torsion.label_alt_id 
_pdbx_validate_torsion.phi 
_pdbx_validate_torsion.psi 
1 1 ILE A 36  ? ? -90.37  -74.21 
2 1 GLU A 37  ? ? -160.55 107.97 
3 1 ALA A 66  ? ? 59.01   -60.82 
4 1 MET A 67  ? ? -117.26 70.60  
5 1 ASP A 108 ? ? -117.47 77.82  
6 1 ARG A 149 ? ? 80.52   -7.70  
# 
loop_
_chem_comp_atom.comp_id 
_chem_comp_atom.atom_id 
_chem_comp_atom.type_symbol 
_chem_comp_atom.pdbx_aromatic_flag 
_chem_comp_atom.pdbx_stereo_config 
_chem_comp_atom.pdbx_ordinal 
ALA N      N  N N 1   
ALA CA     C  N S 2   
ALA C      C  N N 3   
ALA O      O  N N 4   
ALA CB     C  N N 5   
ALA OXT    O  N N 6   
ALA H      H  N N 7   
ALA H2     H  N N 8   
ALA HA     H  N N 9   
ALA HB1    H  N N 10  
ALA HB2    H  N N 11  
ALA HB3    H  N N 12  
ALA HXT    H  N N 13  
ARG N      N  N N 14  
ARG CA     C  N S 15  
ARG C      C  N N 16  
ARG O      O  N N 17  
ARG CB     C  N N 18  
ARG CG     C  N N 19  
ARG CD     C  N N 20  
ARG NE     N  N N 21  
ARG CZ     C  N N 22  
ARG NH1    N  N N 23  
ARG NH2    N  N N 24  
ARG OXT    O  N N 25  
ARG H      H  N N 26  
ARG H2     H  N N 27  
ARG HA     H  N N 28  
ARG HB2    H  N N 29  
ARG HB3    H  N N 30  
ARG HG2    H  N N 31  
ARG HG3    H  N N 32  
ARG HD2    H  N N 33  
ARG HD3    H  N N 34  
ARG HE     H  N N 35  
ARG HH11   H  N N 36  
ARG HH12   H  N N 37  
ARG HH21   H  N N 38  
ARG HH22   H  N N 39  
ARG HXT    H  N N 40  
ASN N      N  N N 41  
ASN CA     C  N S 42  
ASN C      C  N N 43  
ASN O      O  N N 44  
ASN CB     C  N N 45  
ASN CG     C  N N 46  
ASN OD1    O  N N 47  
ASN ND2    N  N N 48  
ASN OXT    O  N N 49  
ASN H      H  N N 50  
ASN H2     H  N N 51  
ASN HA     H  N N 52  
ASN HB2    H  N N 53  
ASN HB3    H  N N 54  
ASN HD21   H  N N 55  
ASN HD22   H  N N 56  
ASN HXT    H  N N 57  
ASP N      N  N N 58  
ASP CA     C  N S 59  
ASP C      C  N N 60  
ASP O      O  N N 61  
ASP CB     C  N N 62  
ASP CG     C  N N 63  
ASP OD1    O  N N 64  
ASP OD2    O  N N 65  
ASP OXT    O  N N 66  
ASP H      H  N N 67  
ASP H2     H  N N 68  
ASP HA     H  N N 69  
ASP HB2    H  N N 70  
ASP HB3    H  N N 71  
ASP HD2    H  N N 72  
ASP HXT    H  N N 73  
CA  CA     CA N N 74  
CYS N      N  N N 75  
CYS CA     C  N R 76  
CYS C      C  N N 77  
CYS O      O  N N 78  
CYS CB     C  N N 79  
CYS SG     S  N N 80  
CYS OXT    O  N N 81  
CYS H      H  N N 82  
CYS H2     H  N N 83  
CYS HA     H  N N 84  
CYS HB2    H  N N 85  
CYS HB3    H  N N 86  
CYS HG     H  N N 87  
CYS HXT    H  N N 88  
GLN N      N  N N 89  
GLN CA     C  N S 90  
GLN C      C  N N 91  
GLN O      O  N N 92  
GLN CB     C  N N 93  
GLN CG     C  N N 94  
GLN CD     C  N N 95  
GLN OE1    O  N N 96  
GLN NE2    N  N N 97  
GLN OXT    O  N N 98  
GLN H      H  N N 99  
GLN H2     H  N N 100 
GLN HA     H  N N 101 
GLN HB2    H  N N 102 
GLN HB3    H  N N 103 
GLN HG2    H  N N 104 
GLN HG3    H  N N 105 
GLN HE21   H  N N 106 
GLN HE22   H  N N 107 
GLN HXT    H  N N 108 
GLU N      N  N N 109 
GLU CA     C  N S 110 
GLU C      C  N N 111 
GLU O      O  N N 112 
GLU CB     C  N N 113 
GLU CG     C  N N 114 
GLU CD     C  N N 115 
GLU OE1    O  N N 116 
GLU OE2    O  N N 117 
GLU OXT    O  N N 118 
GLU H      H  N N 119 
GLU H2     H  N N 120 
GLU HA     H  N N 121 
GLU HB2    H  N N 122 
GLU HB3    H  N N 123 
GLU HG2    H  N N 124 
GLU HG3    H  N N 125 
GLU HE2    H  N N 126 
GLU HXT    H  N N 127 
GLY N      N  N N 128 
GLY CA     C  N N 129 
GLY C      C  N N 130 
GLY O      O  N N 131 
GLY OXT    O  N N 132 
GLY H      H  N N 133 
GLY H2     H  N N 134 
GLY HA2    H  N N 135 
GLY HA3    H  N N 136 
GLY HXT    H  N N 137 
GNP PG     P  N N 138 
GNP O1G    O  N N 139 
GNP O2G    O  N N 140 
GNP O3G    O  N N 141 
GNP N3B    N  N N 142 
GNP PB     P  N R 143 
GNP O1B    O  N N 144 
GNP O2B    O  N N 145 
GNP O3A    O  N N 146 
GNP PA     P  N S 147 
GNP O1A    O  N N 148 
GNP O2A    O  N N 149 
GNP "O5'"  O  N N 150 
GNP "C5'"  C  N N 151 
GNP "C4'"  C  N R 152 
GNP "O4'"  O  N N 153 
GNP "C3'"  C  N S 154 
GNP "O3'"  O  N N 155 
GNP "C2'"  C  N R 156 
GNP "O2'"  O  N N 157 
GNP "C1'"  C  N R 158 
GNP N9     N  Y N 159 
GNP C8     C  Y N 160 
GNP N7     N  Y N 161 
GNP C5     C  Y N 162 
GNP C6     C  Y N 163 
GNP O6     O  N N 164 
GNP N1     N  Y N 165 
GNP C2     C  Y N 166 
GNP N2     N  N N 167 
GNP N3     N  Y N 168 
GNP C4     C  Y N 169 
GNP HOG2   H  N N 170 
GNP HOG3   H  N N 171 
GNP HNB3   H  N N 172 
GNP HOB2   H  N N 173 
GNP HOA2   H  N N 174 
GNP "H5'2" H  N N 175 
GNP "H5'1" H  N N 176 
GNP "H4'"  H  N N 177 
GNP "H3'"  H  N N 178 
GNP "HO3'" H  N N 179 
GNP "H2'"  H  N N 180 
GNP "HO2'" H  N N 181 
GNP "H1'"  H  N N 182 
GNP H8     H  N N 183 
GNP HN1    H  N N 184 
GNP HN21   H  N N 185 
GNP HN22   H  N N 186 
HIS N      N  N N 187 
HIS CA     C  N S 188 
HIS C      C  N N 189 
HIS O      O  N N 190 
HIS CB     C  N N 191 
HIS CG     C  Y N 192 
HIS ND1    N  Y N 193 
HIS CD2    C  Y N 194 
HIS CE1    C  Y N 195 
HIS NE2    N  Y N 196 
HIS OXT    O  N N 197 
HIS H      H  N N 198 
HIS H2     H  N N 199 
HIS HA     H  N N 200 
HIS HB2    H  N N 201 
HIS HB3    H  N N 202 
HIS HD1    H  N N 203 
HIS HD2    H  N N 204 
HIS HE1    H  N N 205 
HIS HE2    H  N N 206 
HIS HXT    H  N N 207 
HOH O      O  N N 208 
HOH H1     H  N N 209 
HOH H2     H  N N 210 
ILE N      N  N N 211 
ILE CA     C  N S 212 
ILE C      C  N N 213 
ILE O      O  N N 214 
ILE CB     C  N S 215 
ILE CG1    C  N N 216 
ILE CG2    C  N N 217 
ILE CD1    C  N N 218 
ILE OXT    O  N N 219 
ILE H      H  N N 220 
ILE H2     H  N N 221 
ILE HA     H  N N 222 
ILE HB     H  N N 223 
ILE HG12   H  N N 224 
ILE HG13   H  N N 225 
ILE HG21   H  N N 226 
ILE HG22   H  N N 227 
ILE HG23   H  N N 228 
ILE HD11   H  N N 229 
ILE HD12   H  N N 230 
ILE HD13   H  N N 231 
ILE HXT    H  N N 232 
LEU N      N  N N 233 
LEU CA     C  N S 234 
LEU C      C  N N 235 
LEU O      O  N N 236 
LEU CB     C  N N 237 
LEU CG     C  N N 238 
LEU CD1    C  N N 239 
LEU CD2    C  N N 240 
LEU OXT    O  N N 241 
LEU H      H  N N 242 
LEU H2     H  N N 243 
LEU HA     H  N N 244 
LEU HB2    H  N N 245 
LEU HB3    H  N N 246 
LEU HG     H  N N 247 
LEU HD11   H  N N 248 
LEU HD12   H  N N 249 
LEU HD13   H  N N 250 
LEU HD21   H  N N 251 
LEU HD22   H  N N 252 
LEU HD23   H  N N 253 
LEU HXT    H  N N 254 
LYS N      N  N N 255 
LYS CA     C  N S 256 
LYS C      C  N N 257 
LYS O      O  N N 258 
LYS CB     C  N N 259 
LYS CG     C  N N 260 
LYS CD     C  N N 261 
LYS CE     C  N N 262 
LYS NZ     N  N N 263 
LYS OXT    O  N N 264 
LYS H      H  N N 265 
LYS H2     H  N N 266 
LYS HA     H  N N 267 
LYS HB2    H  N N 268 
LYS HB3    H  N N 269 
LYS HG2    H  N N 270 
LYS HG3    H  N N 271 
LYS HD2    H  N N 272 
LYS HD3    H  N N 273 
LYS HE2    H  N N 274 
LYS HE3    H  N N 275 
LYS HZ1    H  N N 276 
LYS HZ2    H  N N 277 
LYS HZ3    H  N N 278 
LYS HXT    H  N N 279 
MET N      N  N N 280 
MET CA     C  N S 281 
MET C      C  N N 282 
MET O      O  N N 283 
MET CB     C  N N 284 
MET CG     C  N N 285 
MET SD     S  N N 286 
MET CE     C  N N 287 
MET OXT    O  N N 288 
MET H      H  N N 289 
MET H2     H  N N 290 
MET HA     H  N N 291 
MET HB2    H  N N 292 
MET HB3    H  N N 293 
MET HG2    H  N N 294 
MET HG3    H  N N 295 
MET HE1    H  N N 296 
MET HE2    H  N N 297 
MET HE3    H  N N 298 
MET HXT    H  N N 299 
MG  MG     MG N N 300 
PHE N      N  N N 301 
PHE CA     C  N S 302 
PHE C      C  N N 303 
PHE O      O  N N 304 
PHE CB     C  N N 305 
PHE CG     C  Y N 306 
PHE CD1    C  Y N 307 
PHE CD2    C  Y N 308 
PHE CE1    C  Y N 309 
PHE CE2    C  Y N 310 
PHE CZ     C  Y N 311 
PHE OXT    O  N N 312 
PHE H      H  N N 313 
PHE H2     H  N N 314 
PHE HA     H  N N 315 
PHE HB2    H  N N 316 
PHE HB3    H  N N 317 
PHE HD1    H  N N 318 
PHE HD2    H  N N 319 
PHE HE1    H  N N 320 
PHE HE2    H  N N 321 
PHE HZ     H  N N 322 
PHE HXT    H  N N 323 
PRO N      N  N N 324 
PRO CA     C  N S 325 
PRO C      C  N N 326 
PRO O      O  N N 327 
PRO CB     C  N N 328 
PRO CG     C  N N 329 
PRO CD     C  N N 330 
PRO OXT    O  N N 331 
PRO H      H  N N 332 
PRO HA     H  N N 333 
PRO HB2    H  N N 334 
PRO HB3    H  N N 335 
PRO HG2    H  N N 336 
PRO HG3    H  N N 337 
PRO HD2    H  N N 338 
PRO HD3    H  N N 339 
PRO HXT    H  N N 340 
SER N      N  N N 341 
SER CA     C  N S 342 
SER C      C  N N 343 
SER O      O  N N 344 
SER CB     C  N N 345 
SER OG     O  N N 346 
SER OXT    O  N N 347 
SER H      H  N N 348 
SER H2     H  N N 349 
SER HA     H  N N 350 
SER HB2    H  N N 351 
SER HB3    H  N N 352 
SER HG     H  N N 353 
SER HXT    H  N N 354 
THR N      N  N N 355 
THR CA     C  N S 356 
THR C      C  N N 357 
THR O      O  N N 358 
THR CB     C  N R 359 
THR OG1    O  N N 360 
THR CG2    C  N N 361 
THR OXT    O  N N 362 
THR H      H  N N 363 
THR H2     H  N N 364 
THR HA     H  N N 365 
THR HB     H  N N 366 
THR HG1    H  N N 367 
THR HG21   H  N N 368 
THR HG22   H  N N 369 
THR HG23   H  N N 370 
THR HXT    H  N N 371 
TYR N      N  N N 372 
TYR CA     C  N S 373 
TYR C      C  N N 374 
TYR O      O  N N 375 
TYR CB     C  N N 376 
TYR CG     C  Y N 377 
TYR CD1    C  Y N 378 
TYR CD2    C  Y N 379 
TYR CE1    C  Y N 380 
TYR CE2    C  Y N 381 
TYR CZ     C  Y N 382 
TYR OH     O  N N 383 
TYR OXT    O  N N 384 
TYR H      H  N N 385 
TYR H2     H  N N 386 
TYR HA     H  N N 387 
TYR HB2    H  N N 388 
TYR HB3    H  N N 389 
TYR HD1    H  N N 390 
TYR HD2    H  N N 391 
TYR HE1    H  N N 392 
TYR HE2    H  N N 393 
TYR HH     H  N N 394 
TYR HXT    H  N N 395 
VAL N      N  N N 396 
VAL CA     C  N S 397 
VAL C      C  N N 398 
VAL O      O  N N 399 
VAL CB     C  N N 400 
VAL CG1    C  N N 401 
VAL CG2    C  N N 402 
VAL OXT    O  N N 403 
VAL H      H  N N 404 
VAL H2     H  N N 405 
VAL HA     H  N N 406 
VAL HB     H  N N 407 
VAL HG11   H  N N 408 
VAL HG12   H  N N 409 
VAL HG13   H  N N 410 
VAL HG21   H  N N 411 
VAL HG22   H  N N 412 
VAL HG23   H  N N 413 
VAL HXT    H  N N 414 
YCN C1     C  N N 415 
YCN N1     N  N N 416 
YCN C2     C  N N 417 
YCN N2     N  N N 418 
YCN C3     C  N N 419 
YCN N3     N  N N 420 
YCN C4     C  N N 421 
YCN N4     N  N N 422 
YCN C5     C  N N 423 
YCN C6     C  N N 424 
YCN C7     C  N N 425 
YCN C8     C  N N 426 
YCN H1     H  N N 427 
YCN H1A    H  N N 428 
YCN HN1    H  N N 429 
YCN H2     H  N N 430 
YCN H2A    H  N N 431 
YCN HN2    H  N N 432 
YCN H3     H  N N 433 
YCN H3A    H  N N 434 
YCN HN3    H  N N 435 
YCN H4     H  N N 436 
YCN H4A    H  N N 437 
YCN HN4    H  N N 438 
YCN H5     H  N N 439 
YCN H5A    H  N N 440 
YCN H6     H  N N 441 
YCN H6A    H  N N 442 
YCN H7     H  N N 443 
YCN H7A    H  N N 444 
YCN H8     H  N N 445 
YCN H8A    H  N N 446 
ZN  ZN     ZN N N 447 
# 
loop_
_chem_comp_bond.comp_id 
_chem_comp_bond.atom_id_1 
_chem_comp_bond.atom_id_2 
_chem_comp_bond.value_order 
_chem_comp_bond.pdbx_aromatic_flag 
_chem_comp_bond.pdbx_stereo_config 
_chem_comp_bond.pdbx_ordinal 
ALA N     CA     sing N N 1   
ALA N     H      sing N N 2   
ALA N     H2     sing N N 3   
ALA CA    C      sing N N 4   
ALA CA    CB     sing N N 5   
ALA CA    HA     sing N N 6   
ALA C     O      doub N N 7   
ALA C     OXT    sing N N 8   
ALA CB    HB1    sing N N 9   
ALA CB    HB2    sing N N 10  
ALA CB    HB3    sing N N 11  
ALA OXT   HXT    sing N N 12  
ARG N     CA     sing N N 13  
ARG N     H      sing N N 14  
ARG N     H2     sing N N 15  
ARG CA    C      sing N N 16  
ARG CA    CB     sing N N 17  
ARG CA    HA     sing N N 18  
ARG C     O      doub N N 19  
ARG C     OXT    sing N N 20  
ARG CB    CG     sing N N 21  
ARG CB    HB2    sing N N 22  
ARG CB    HB3    sing N N 23  
ARG CG    CD     sing N N 24  
ARG CG    HG2    sing N N 25  
ARG CG    HG3    sing N N 26  
ARG CD    NE     sing N N 27  
ARG CD    HD2    sing N N 28  
ARG CD    HD3    sing N N 29  
ARG NE    CZ     sing N N 30  
ARG NE    HE     sing N N 31  
ARG CZ    NH1    sing N N 32  
ARG CZ    NH2    doub N N 33  
ARG NH1   HH11   sing N N 34  
ARG NH1   HH12   sing N N 35  
ARG NH2   HH21   sing N N 36  
ARG NH2   HH22   sing N N 37  
ARG OXT   HXT    sing N N 38  
ASN N     CA     sing N N 39  
ASN N     H      sing N N 40  
ASN N     H2     sing N N 41  
ASN CA    C      sing N N 42  
ASN CA    CB     sing N N 43  
ASN CA    HA     sing N N 44  
ASN C     O      doub N N 45  
ASN C     OXT    sing N N 46  
ASN CB    CG     sing N N 47  
ASN CB    HB2    sing N N 48  
ASN CB    HB3    sing N N 49  
ASN CG    OD1    doub N N 50  
ASN CG    ND2    sing N N 51  
ASN ND2   HD21   sing N N 52  
ASN ND2   HD22   sing N N 53  
ASN OXT   HXT    sing N N 54  
ASP N     CA     sing N N 55  
ASP N     H      sing N N 56  
ASP N     H2     sing N N 57  
ASP CA    C      sing N N 58  
ASP CA    CB     sing N N 59  
ASP CA    HA     sing N N 60  
ASP C     O      doub N N 61  
ASP C     OXT    sing N N 62  
ASP CB    CG     sing N N 63  
ASP CB    HB2    sing N N 64  
ASP CB    HB3    sing N N 65  
ASP CG    OD1    doub N N 66  
ASP CG    OD2    sing N N 67  
ASP OD2   HD2    sing N N 68  
ASP OXT   HXT    sing N N 69  
CYS N     CA     sing N N 70  
CYS N     H      sing N N 71  
CYS N     H2     sing N N 72  
CYS CA    C      sing N N 73  
CYS CA    CB     sing N N 74  
CYS CA    HA     sing N N 75  
CYS C     O      doub N N 76  
CYS C     OXT    sing N N 77  
CYS CB    SG     sing N N 78  
CYS CB    HB2    sing N N 79  
CYS CB    HB3    sing N N 80  
CYS SG    HG     sing N N 81  
CYS OXT   HXT    sing N N 82  
GLN N     CA     sing N N 83  
GLN N     H      sing N N 84  
GLN N     H2     sing N N 85  
GLN CA    C      sing N N 86  
GLN CA    CB     sing N N 87  
GLN CA    HA     sing N N 88  
GLN C     O      doub N N 89  
GLN C     OXT    sing N N 90  
GLN CB    CG     sing N N 91  
GLN CB    HB2    sing N N 92  
GLN CB    HB3    sing N N 93  
GLN CG    CD     sing N N 94  
GLN CG    HG2    sing N N 95  
GLN CG    HG3    sing N N 96  
GLN CD    OE1    doub N N 97  
GLN CD    NE2    sing N N 98  
GLN NE2   HE21   sing N N 99  
GLN NE2   HE22   sing N N 100 
GLN OXT   HXT    sing N N 101 
GLU N     CA     sing N N 102 
GLU N     H      sing N N 103 
GLU N     H2     sing N N 104 
GLU CA    C      sing N N 105 
GLU CA    CB     sing N N 106 
GLU CA    HA     sing N N 107 
GLU C     O      doub N N 108 
GLU C     OXT    sing N N 109 
GLU CB    CG     sing N N 110 
GLU CB    HB2    sing N N 111 
GLU CB    HB3    sing N N 112 
GLU CG    CD     sing N N 113 
GLU CG    HG2    sing N N 114 
GLU CG    HG3    sing N N 115 
GLU CD    OE1    doub N N 116 
GLU CD    OE2    sing N N 117 
GLU OE2   HE2    sing N N 118 
GLU OXT   HXT    sing N N 119 
GLY N     CA     sing N N 120 
GLY N     H      sing N N 121 
GLY N     H2     sing N N 122 
GLY CA    C      sing N N 123 
GLY CA    HA2    sing N N 124 
GLY CA    HA3    sing N N 125 
GLY C     O      doub N N 126 
GLY C     OXT    sing N N 127 
GLY OXT   HXT    sing N N 128 
GNP PG    O1G    doub N N 129 
GNP PG    O2G    sing N N 130 
GNP PG    O3G    sing N N 131 
GNP PG    N3B    sing N N 132 
GNP O2G   HOG2   sing N N 133 
GNP O3G   HOG3   sing N N 134 
GNP N3B   PB     sing N N 135 
GNP N3B   HNB3   sing N N 136 
GNP PB    O1B    doub N N 137 
GNP PB    O2B    sing N N 138 
GNP PB    O3A    sing N N 139 
GNP O2B   HOB2   sing N N 140 
GNP O3A   PA     sing N N 141 
GNP PA    O1A    doub N N 142 
GNP PA    O2A    sing N N 143 
GNP PA    "O5'"  sing N N 144 
GNP O2A   HOA2   sing N N 145 
GNP "O5'" "C5'"  sing N N 146 
GNP "C5'" "C4'"  sing N N 147 
GNP "C5'" "H5'2" sing N N 148 
GNP "C5'" "H5'1" sing N N 149 
GNP "C4'" "O4'"  sing N N 150 
GNP "C4'" "C3'"  sing N N 151 
GNP "C4'" "H4'"  sing N N 152 
GNP "O4'" "C1'"  sing N N 153 
GNP "C3'" "O3'"  sing N N 154 
GNP "C3'" "C2'"  sing N N 155 
GNP "C3'" "H3'"  sing N N 156 
GNP "O3'" "HO3'" sing N N 157 
GNP "C2'" "O2'"  sing N N 158 
GNP "C2'" "C1'"  sing N N 159 
GNP "C2'" "H2'"  sing N N 160 
GNP "O2'" "HO2'" sing N N 161 
GNP "C1'" N9     sing N N 162 
GNP "C1'" "H1'"  sing N N 163 
GNP N9    C8     sing Y N 164 
GNP N9    C4     sing Y N 165 
GNP C8    N7     doub Y N 166 
GNP C8    H8     sing N N 167 
GNP N7    C5     sing Y N 168 
GNP C5    C6     sing Y N 169 
GNP C5    C4     doub Y N 170 
GNP C6    O6     doub N N 171 
GNP C6    N1     sing Y N 172 
GNP N1    C2     sing Y N 173 
GNP N1    HN1    sing N N 174 
GNP C2    N2     sing N N 175 
GNP C2    N3     doub Y N 176 
GNP N2    HN21   sing N N 177 
GNP N2    HN22   sing N N 178 
GNP N3    C4     sing Y N 179 
HIS N     CA     sing N N 180 
HIS N     H      sing N N 181 
HIS N     H2     sing N N 182 
HIS CA    C      sing N N 183 
HIS CA    CB     sing N N 184 
HIS CA    HA     sing N N 185 
HIS C     O      doub N N 186 
HIS C     OXT    sing N N 187 
HIS CB    CG     sing N N 188 
HIS CB    HB2    sing N N 189 
HIS CB    HB3    sing N N 190 
HIS CG    ND1    sing Y N 191 
HIS CG    CD2    doub Y N 192 
HIS ND1   CE1    doub Y N 193 
HIS ND1   HD1    sing N N 194 
HIS CD2   NE2    sing Y N 195 
HIS CD2   HD2    sing N N 196 
HIS CE1   NE2    sing Y N 197 
HIS CE1   HE1    sing N N 198 
HIS NE2   HE2    sing N N 199 
HIS OXT   HXT    sing N N 200 
HOH O     H1     sing N N 201 
HOH O     H2     sing N N 202 
ILE N     CA     sing N N 203 
ILE N     H      sing N N 204 
ILE N     H2     sing N N 205 
ILE CA    C      sing N N 206 
ILE CA    CB     sing N N 207 
ILE CA    HA     sing N N 208 
ILE C     O      doub N N 209 
ILE C     OXT    sing N N 210 
ILE CB    CG1    sing N N 211 
ILE CB    CG2    sing N N 212 
ILE CB    HB     sing N N 213 
ILE CG1   CD1    sing N N 214 
ILE CG1   HG12   sing N N 215 
ILE CG1   HG13   sing N N 216 
ILE CG2   HG21   sing N N 217 
ILE CG2   HG22   sing N N 218 
ILE CG2   HG23   sing N N 219 
ILE CD1   HD11   sing N N 220 
ILE CD1   HD12   sing N N 221 
ILE CD1   HD13   sing N N 222 
ILE OXT   HXT    sing N N 223 
LEU N     CA     sing N N 224 
LEU N     H      sing N N 225 
LEU N     H2     sing N N 226 
LEU CA    C      sing N N 227 
LEU CA    CB     sing N N 228 
LEU CA    HA     sing N N 229 
LEU C     O      doub N N 230 
LEU C     OXT    sing N N 231 
LEU CB    CG     sing N N 232 
LEU CB    HB2    sing N N 233 
LEU CB    HB3    sing N N 234 
LEU CG    CD1    sing N N 235 
LEU CG    CD2    sing N N 236 
LEU CG    HG     sing N N 237 
LEU CD1   HD11   sing N N 238 
LEU CD1   HD12   sing N N 239 
LEU CD1   HD13   sing N N 240 
LEU CD2   HD21   sing N N 241 
LEU CD2   HD22   sing N N 242 
LEU CD2   HD23   sing N N 243 
LEU OXT   HXT    sing N N 244 
LYS N     CA     sing N N 245 
LYS N     H      sing N N 246 
LYS N     H2     sing N N 247 
LYS CA    C      sing N N 248 
LYS CA    CB     sing N N 249 
LYS CA    HA     sing N N 250 
LYS C     O      doub N N 251 
LYS C     OXT    sing N N 252 
LYS CB    CG     sing N N 253 
LYS CB    HB2    sing N N 254 
LYS CB    HB3    sing N N 255 
LYS CG    CD     sing N N 256 
LYS CG    HG2    sing N N 257 
LYS CG    HG3    sing N N 258 
LYS CD    CE     sing N N 259 
LYS CD    HD2    sing N N 260 
LYS CD    HD3    sing N N 261 
LYS CE    NZ     sing N N 262 
LYS CE    HE2    sing N N 263 
LYS CE    HE3    sing N N 264 
LYS NZ    HZ1    sing N N 265 
LYS NZ    HZ2    sing N N 266 
LYS NZ    HZ3    sing N N 267 
LYS OXT   HXT    sing N N 268 
MET N     CA     sing N N 269 
MET N     H      sing N N 270 
MET N     H2     sing N N 271 
MET CA    C      sing N N 272 
MET CA    CB     sing N N 273 
MET CA    HA     sing N N 274 
MET C     O      doub N N 275 
MET C     OXT    sing N N 276 
MET CB    CG     sing N N 277 
MET CB    HB2    sing N N 278 
MET CB    HB3    sing N N 279 
MET CG    SD     sing N N 280 
MET CG    HG2    sing N N 281 
MET CG    HG3    sing N N 282 
MET SD    CE     sing N N 283 
MET CE    HE1    sing N N 284 
MET CE    HE2    sing N N 285 
MET CE    HE3    sing N N 286 
MET OXT   HXT    sing N N 287 
PHE N     CA     sing N N 288 
PHE N     H      sing N N 289 
PHE N     H2     sing N N 290 
PHE CA    C      sing N N 291 
PHE CA    CB     sing N N 292 
PHE CA    HA     sing N N 293 
PHE C     O      doub N N 294 
PHE C     OXT    sing N N 295 
PHE CB    CG     sing N N 296 
PHE CB    HB2    sing N N 297 
PHE CB    HB3    sing N N 298 
PHE CG    CD1    doub Y N 299 
PHE CG    CD2    sing Y N 300 
PHE CD1   CE1    sing Y N 301 
PHE CD1   HD1    sing N N 302 
PHE CD2   CE2    doub Y N 303 
PHE CD2   HD2    sing N N 304 
PHE CE1   CZ     doub Y N 305 
PHE CE1   HE1    sing N N 306 
PHE CE2   CZ     sing Y N 307 
PHE CE2   HE2    sing N N 308 
PHE CZ    HZ     sing N N 309 
PHE OXT   HXT    sing N N 310 
PRO N     CA     sing N N 311 
PRO N     CD     sing N N 312 
PRO N     H      sing N N 313 
PRO CA    C      sing N N 314 
PRO CA    CB     sing N N 315 
PRO CA    HA     sing N N 316 
PRO C     O      doub N N 317 
PRO C     OXT    sing N N 318 
PRO CB    CG     sing N N 319 
PRO CB    HB2    sing N N 320 
PRO CB    HB3    sing N N 321 
PRO CG    CD     sing N N 322 
PRO CG    HG2    sing N N 323 
PRO CG    HG3    sing N N 324 
PRO CD    HD2    sing N N 325 
PRO CD    HD3    sing N N 326 
PRO OXT   HXT    sing N N 327 
SER N     CA     sing N N 328 
SER N     H      sing N N 329 
SER N     H2     sing N N 330 
SER CA    C      sing N N 331 
SER CA    CB     sing N N 332 
SER CA    HA     sing N N 333 
SER C     O      doub N N 334 
SER C     OXT    sing N N 335 
SER CB    OG     sing N N 336 
SER CB    HB2    sing N N 337 
SER CB    HB3    sing N N 338 
SER OG    HG     sing N N 339 
SER OXT   HXT    sing N N 340 
THR N     CA     sing N N 341 
THR N     H      sing N N 342 
THR N     H2     sing N N 343 
THR CA    C      sing N N 344 
THR CA    CB     sing N N 345 
THR CA    HA     sing N N 346 
THR C     O      doub N N 347 
THR C     OXT    sing N N 348 
THR CB    OG1    sing N N 349 
THR CB    CG2    sing N N 350 
THR CB    HB     sing N N 351 
THR OG1   HG1    sing N N 352 
THR CG2   HG21   sing N N 353 
THR CG2   HG22   sing N N 354 
THR CG2   HG23   sing N N 355 
THR OXT   HXT    sing N N 356 
TYR N     CA     sing N N 357 
TYR N     H      sing N N 358 
TYR N     H2     sing N N 359 
TYR CA    C      sing N N 360 
TYR CA    CB     sing N N 361 
TYR CA    HA     sing N N 362 
TYR C     O      doub N N 363 
TYR C     OXT    sing N N 364 
TYR CB    CG     sing N N 365 
TYR CB    HB2    sing N N 366 
TYR CB    HB3    sing N N 367 
TYR CG    CD1    doub Y N 368 
TYR CG    CD2    sing Y N 369 
TYR CD1   CE1    sing Y N 370 
TYR CD1   HD1    sing N N 371 
TYR CD2   CE2    doub Y N 372 
TYR CD2   HD2    sing N N 373 
TYR CE1   CZ     doub Y N 374 
TYR CE1   HE1    sing N N 375 
TYR CE2   CZ     sing Y N 376 
TYR CE2   HE2    sing N N 377 
TYR CZ    OH     sing N N 378 
TYR OH    HH     sing N N 379 
TYR OXT   HXT    sing N N 380 
VAL N     CA     sing N N 381 
VAL N     H      sing N N 382 
VAL N     H2     sing N N 383 
VAL CA    C      sing N N 384 
VAL CA    CB     sing N N 385 
VAL CA    HA     sing N N 386 
VAL C     O      doub N N 387 
VAL C     OXT    sing N N 388 
VAL CB    CG1    sing N N 389 
VAL CB    CG2    sing N N 390 
VAL CB    HB     sing N N 391 
VAL CG1   HG11   sing N N 392 
VAL CG1   HG12   sing N N 393 
VAL CG1   HG13   sing N N 394 
VAL CG2   HG21   sing N N 395 
VAL CG2   HG22   sing N N 396 
VAL CG2   HG23   sing N N 397 
VAL OXT   HXT    sing N N 398 
YCN C1    N1     sing N N 399 
YCN C1    C2     sing N N 400 
YCN N1    C8     sing N N 401 
YCN C2    N2     sing N N 402 
YCN N2    C3     sing N N 403 
YCN C3    C4     sing N N 404 
YCN N3    C4     sing N N 405 
YCN N3    C5     sing N N 406 
YCN N4    C6     sing N N 407 
YCN N4    C7     sing N N 408 
YCN C5    C6     sing N N 409 
YCN C7    C8     sing N N 410 
YCN C1    H1     sing N N 411 
YCN C1    H1A    sing N N 412 
YCN N1    HN1    sing N N 413 
YCN C2    H2     sing N N 414 
YCN C2    H2A    sing N N 415 
YCN N2    HN2    sing N N 416 
YCN C3    H3     sing N N 417 
YCN C3    H3A    sing N N 418 
YCN N3    HN3    sing N N 419 
YCN C4    H4     sing N N 420 
YCN C4    H4A    sing N N 421 
YCN N4    HN4    sing N N 422 
YCN C5    H5     sing N N 423 
YCN C5    H5A    sing N N 424 
YCN C6    H6     sing N N 425 
YCN C6    H6A    sing N N 426 
YCN C7    H7     sing N N 427 
YCN C7    H7A    sing N N 428 
YCN C8    H8     sing N N 429 
YCN C8    H8A    sing N N 430 
# 
loop_
_pdbx_entity_nonpoly.entity_id 
_pdbx_entity_nonpoly.name 
_pdbx_entity_nonpoly.comp_id 
2 'PHOSPHOAMINOPHOSPHONIC ACID-GUANYLATE ESTER' GNP 
3 'MAGNESIUM ION'                               MG  
4 'CALCIUM ION'                                 CA  
5 1,4,7,10-tetraazacyclododecane                YCN 
6 'ZINC ION'                                    ZN  
7 water                                         HOH 
# 
_pdbx_initial_refinement_model.id               1 
_pdbx_initial_refinement_model.entity_id_list   ? 
_pdbx_initial_refinement_model.type             'experimental model' 
_pdbx_initial_refinement_model.source_name      PDB 
_pdbx_initial_refinement_model.accession_code   5P21 
_pdbx_initial_refinement_model.details          'PDB ENTRY 5p21' 
# 
